data_8U75
#
_entry.id   8U75
#
_cell.length_a   1.00
_cell.length_b   1.00
_cell.length_c   1.00
_cell.angle_alpha   90.00
_cell.angle_beta   90.00
_cell.angle_gamma   90.00
#
_symmetry.space_group_name_H-M   'P 1'
#
loop_
_entity.id
_entity.type
_entity.pdbx_description
1 polymer 'Sperm-specific sodium proton exchanger'
2 non-polymer '(2S)-3-(hexadecanoyloxy)-2-[(9Z)-octadec-9-enoyloxy]propyl 2-(trimethylammonio)ethyl phosphate'
3 non-polymer Digitonin
#
_entity_poly.entity_id   1
_entity_poly.type   'polypeptide(L)'
_entity_poly.pdbx_seq_one_letter_code
;MKKRVVKLRELVPAVAALAVAVLIQSATGSSGGSGHTPTTQATHADDHDLTTHNGTEEHDDGHDDGHDDLHAHAPKVIVF
ISGSCLFGAISRSLFKKLPIPYTVVLLILGAILGVVASNVPLVEEHTRDVAHMDPHVLLQIFLPVLIFESAFAMDVHTFM
RSFSQVCILALFGLVVASVLTAVLAMNLFNYNWNFSEAMMFGAIMSATDPVAVVALLKDLGASKQLGTIIEGESLLNDGC
AIVIFNVFMKMVFFPQLTSTVGQNVLYFLQVAVAGPLWGYAVAKVTVFFLSHIFNDALVEITITLAATYLTYYIGDIWLE
VSGVLAVVVLGLIVNAEKTSISPEVEVFLHRFWEMLAYLANTLIFMMVGVVVTQKALVAVDKMDWFYLIILYLAITIIAG
MVISLFSPILSRIGYGLTWRNAVIMTWGGLRGAVGLALALVVENLAGNDVIGSKFLFHTAGIVVLTLVINATTIQTLLRI
LGMSDISIPKRLAMAGAVRRIHEGQNRTLNMLKSDRFLADADWDIATAACEISDPYSALSDDENAPADELTLGERKSVCP
GCKAMVPNEPSPREFADMMEEARLRMLKAEKISYWKQFEHGMLAREALRLLVQHAEVAADEKDQFILVDDLKKSWQIKGI
YPWLKRKLEDLISEKKIAAIPMPKYKLGKLMYKICHHMAFEVTINIAIVLNIVPIIMEFVVQDKMASVSTMAAPGSTVSS
EPSSLQKIEDALRISNYVFFVIYAIEAIVKILGLGRHYIVSHWNKFDAFILVVALVDIIIAETLLKGSITINLSSIKVVK
LFRLLRGLRMLRLTKALIPKLILVVNGKINNQLSLGYDVGKGYIIGEEEVGKIIDRMVDNKKILRELKHISETGRLQVVK
ELGLLQREHPGIAVSVKTRQAIRTILNHSRETIHELQGAGLLDEMEAHKLELTVEIKMKRLMNAPSSIPPPPPENLLKNV
SWLAGDMKLIDFIKARASLLHFDYGEVIVREGDESDGLFLIVSGLVKLYGKSAFLDHDNPPVTAGSEENEVFEDYLTVGN
VIGEMGVLTKKPRNATVTCETTVQVYFITAEDMNIAIDTFTLYPSLEYRLWRVVAIRIATPLIMEQMAFQGWTQEKVKLH
LERGYLVDLAESHFQFNIDATLEDVILINGTAYNAHTREEIRSPCLISRTVHKLTFQYTATEEPRLFVVRNAEYNGPILD
GRLDVDSKRSLISITEISSNMCLKHAAELRQKNSKVMLSRKSSGAAAKEEEDCIPNTSDVEQAAGVSPSVPTKTTPKPKS
FLPSLGLSMSKERVNGEAVEESPVKTKQGEETPETEEGAAPRVNV
;
_entity_poly.pdbx_strand_id   A,B
#
loop_
_chem_comp.id
_chem_comp.type
_chem_comp.name
_chem_comp.formula
AJP non-polymer Digitonin 'C56 H92 O29'
POV non-polymer '(2S)-3-(hexadecanoyloxy)-2-[(9Z)-octadec-9-enoyloxy]propyl 2-(trimethylammonio)ethyl phosphate' 'C42 H82 N O8 P'
#
# COMPACT_ATOMS: atom_id res chain seq x y z
N ALA A 74 4.15 11.77 47.16
CA ALA A 74 3.78 11.72 45.75
C ALA A 74 4.27 10.44 45.11
N PRO A 75 3.36 9.68 44.50
CA PRO A 75 3.75 8.46 43.79
C PRO A 75 4.70 8.76 42.64
N LYS A 76 5.66 7.86 42.43
CA LYS A 76 6.67 8.00 41.38
C LYS A 76 6.53 6.82 40.43
N VAL A 77 6.11 7.10 39.20
CA VAL A 77 5.79 6.04 38.24
C VAL A 77 6.50 6.23 36.90
N ILE A 78 7.15 7.39 36.72
CA ILE A 78 7.71 7.72 35.42
C ILE A 78 8.91 6.84 35.09
N VAL A 79 9.81 6.67 36.06
CA VAL A 79 11.03 5.91 35.83
C VAL A 79 10.72 4.44 35.59
N PHE A 80 9.78 3.87 36.35
CA PHE A 80 9.46 2.45 36.21
C PHE A 80 8.86 2.16 34.83
N ILE A 81 7.92 2.99 34.39
CA ILE A 81 7.25 2.73 33.11
C ILE A 81 8.21 2.99 31.94
N SER A 82 9.01 4.05 32.01
CA SER A 82 9.98 4.30 30.95
C SER A 82 11.05 3.22 30.89
N GLY A 83 11.55 2.78 32.04
CA GLY A 83 12.48 1.67 32.06
C GLY A 83 11.88 0.37 31.59
N SER A 84 10.60 0.14 31.87
CA SER A 84 9.93 -1.04 31.35
C SER A 84 9.81 -1.00 29.83
N CYS A 85 9.51 0.18 29.27
CA CYS A 85 9.48 0.32 27.82
C CYS A 85 10.85 0.02 27.22
N LEU A 86 11.91 0.59 27.81
CA LEU A 86 13.26 0.37 27.30
C LEU A 86 13.68 -1.10 27.43
N PHE A 87 13.38 -1.71 28.58
CA PHE A 87 13.72 -3.11 28.79
C PHE A 87 12.96 -4.03 27.85
N GLY A 88 11.69 -3.72 27.59
CA GLY A 88 10.94 -4.50 26.63
C GLY A 88 11.52 -4.39 25.23
N ALA A 89 11.93 -3.19 24.83
CA ALA A 89 12.56 -3.02 23.52
C ALA A 89 13.87 -3.80 23.42
N ILE A 90 14.70 -3.72 24.46
CA ILE A 90 15.99 -4.40 24.44
C ILE A 90 15.82 -5.91 24.39
N SER A 91 14.96 -6.44 25.27
CA SER A 91 14.73 -7.88 25.31
C SER A 91 14.02 -8.38 24.06
N ARG A 92 13.17 -7.55 23.45
CA ARG A 92 12.53 -7.92 22.21
C ARG A 92 13.54 -8.04 21.09
N SER A 93 14.47 -7.09 21.00
CA SER A 93 15.46 -7.11 19.92
C SER A 93 16.47 -8.23 20.12
N LEU A 94 16.92 -8.46 21.36
CA LEU A 94 17.98 -9.45 21.59
C LEU A 94 17.51 -10.87 21.33
N PHE A 95 16.32 -11.24 21.82
CA PHE A 95 15.85 -12.62 21.75
C PHE A 95 14.88 -12.87 20.60
N LYS A 96 15.07 -12.19 19.46
CA LYS A 96 14.23 -12.46 18.31
C LYS A 96 14.61 -13.75 17.61
N LYS A 97 15.92 -14.06 17.53
CA LYS A 97 16.38 -15.24 16.83
C LYS A 97 16.16 -16.51 17.63
N LEU A 98 16.33 -16.44 18.94
CA LEU A 98 16.15 -17.61 19.80
C LEU A 98 14.68 -18.01 19.85
N PRO A 99 14.39 -19.31 19.96
CA PRO A 99 12.98 -19.73 20.04
C PRO A 99 12.33 -19.49 21.39
N ILE A 100 13.12 -19.26 22.43
CA ILE A 100 12.58 -18.94 23.74
C ILE A 100 12.02 -17.52 23.72
N PRO A 101 10.81 -17.28 24.24
CA PRO A 101 10.23 -15.94 24.18
C PRO A 101 11.01 -14.94 25.02
N TYR A 102 10.82 -13.67 24.69
CA TYR A 102 11.56 -12.59 25.33
C TYR A 102 11.02 -12.21 26.71
N THR A 103 9.86 -12.74 27.09
CA THR A 103 9.22 -12.33 28.34
C THR A 103 9.89 -12.91 29.57
N VAL A 104 10.58 -14.06 29.43
CA VAL A 104 11.32 -14.60 30.55
C VAL A 104 12.49 -13.68 30.90
N VAL A 105 13.06 -12.99 29.91
CA VAL A 105 14.08 -11.98 30.18
C VAL A 105 13.48 -10.84 30.99
N LEU A 106 12.25 -10.44 30.66
CA LEU A 106 11.57 -9.41 31.42
C LEU A 106 11.35 -9.84 32.86
N LEU A 107 10.98 -11.10 33.06
CA LEU A 107 10.81 -11.61 34.42
C LEU A 107 12.14 -11.64 35.17
N ILE A 108 13.23 -11.99 34.49
CA ILE A 108 14.55 -12.01 35.12
C ILE A 108 14.99 -10.60 35.51
N LEU A 109 14.78 -9.63 34.61
CA LEU A 109 15.11 -8.24 34.92
C LEU A 109 14.28 -7.71 36.08
N GLY A 110 12.99 -8.06 36.12
CA GLY A 110 12.17 -7.71 37.25
C GLY A 110 12.65 -8.33 38.54
N ALA A 111 13.12 -9.58 38.49
CA ALA A 111 13.65 -10.23 39.68
C ALA A 111 14.90 -9.54 40.20
N ILE A 112 15.81 -9.17 39.29
CA ILE A 112 17.02 -8.45 39.68
C ILE A 112 16.66 -7.10 40.29
N LEU A 113 15.73 -6.39 39.66
CA LEU A 113 15.27 -5.12 40.19
C LEU A 113 14.60 -5.29 41.56
N GLY A 114 13.92 -6.40 41.77
CA GLY A 114 13.34 -6.66 43.08
C GLY A 114 14.38 -6.89 44.16
N VAL A 115 15.45 -7.62 43.83
CA VAL A 115 16.55 -7.80 44.79
C VAL A 115 17.17 -6.44 45.13
N VAL A 116 17.46 -5.64 44.09
CA VAL A 116 18.10 -4.35 44.29
C VAL A 116 17.21 -3.43 45.12
N ALA A 117 15.91 -3.40 44.83
CA ALA A 117 14.99 -2.55 45.58
C ALA A 117 14.80 -3.03 47.01
N SER A 118 14.88 -4.34 47.24
CA SER A 118 14.84 -4.83 48.61
C SER A 118 16.06 -4.38 49.39
N ASN A 119 17.23 -4.36 48.75
CA ASN A 119 18.45 -4.01 49.47
C ASN A 119 18.82 -2.53 49.38
N VAL A 120 18.13 -1.74 48.56
CA VAL A 120 18.41 -0.30 48.46
C VAL A 120 17.12 0.48 48.62
N PRO A 121 17.06 1.47 49.51
CA PRO A 121 15.78 2.17 49.74
C PRO A 121 15.37 3.11 48.62
N LEU A 122 16.31 3.68 47.87
CA LEU A 122 15.95 4.59 46.79
C LEU A 122 15.25 3.87 45.65
N VAL A 123 15.79 2.71 45.26
CA VAL A 123 15.15 1.91 44.22
C VAL A 123 13.81 1.40 44.68
N GLU A 124 13.68 1.09 45.97
CA GLU A 124 12.37 0.71 46.50
C GLU A 124 11.38 1.87 46.41
N GLU A 125 11.85 3.08 46.71
CA GLU A 125 10.98 4.25 46.61
C GLU A 125 10.50 4.46 45.17
N HIS A 126 11.36 4.19 44.21
CA HIS A 126 10.98 4.37 42.80
C HIS A 126 10.33 3.13 42.20
N THR A 127 10.25 2.02 42.92
CA THR A 127 9.67 0.78 42.43
C THR A 127 8.29 0.46 43.02
N ARG A 128 8.10 0.69 44.32
CA ARG A 128 6.94 0.15 45.03
C ARG A 128 5.61 0.74 44.59
N ASP A 129 5.61 1.85 43.85
CA ASP A 129 4.35 2.48 43.49
C ASP A 129 3.70 1.81 42.29
N VAL A 130 4.48 1.16 41.43
CA VAL A 130 3.94 0.43 40.29
C VAL A 130 4.07 -1.07 40.53
N ALA A 131 5.04 -1.46 41.36
CA ALA A 131 5.19 -2.89 41.65
C ALA A 131 4.02 -3.43 42.45
N HIS A 132 3.50 -2.65 43.38
CA HIS A 132 2.35 -3.05 44.21
C HIS A 132 1.22 -2.06 43.96
N MET A 133 0.44 -2.32 42.92
CA MET A 133 -0.69 -1.48 42.56
C MET A 133 -1.99 -2.07 43.12
N ASP A 134 -3.05 -1.30 43.01
CA ASP A 134 -4.37 -1.77 43.42
C ASP A 134 -4.81 -2.92 42.52
N PRO A 135 -5.50 -3.93 43.07
CA PRO A 135 -6.02 -5.00 42.20
C PRO A 135 -7.04 -4.52 41.19
N HIS A 136 -7.70 -3.39 41.44
CA HIS A 136 -8.67 -2.87 40.49
C HIS A 136 -8.00 -2.28 39.25
N VAL A 137 -6.72 -1.94 39.34
CA VAL A 137 -5.98 -1.56 38.14
C VAL A 137 -5.86 -2.75 37.21
N LEU A 138 -5.58 -3.94 37.75
CA LEU A 138 -5.46 -5.13 36.92
C LEU A 138 -6.83 -5.62 36.45
N LEU A 139 -7.85 -5.51 37.31
CA LEU A 139 -9.16 -6.00 36.95
C LEU A 139 -9.90 -5.09 35.98
N GLN A 140 -9.71 -3.77 36.08
CA GLN A 140 -10.48 -2.82 35.29
C GLN A 140 -9.70 -2.21 34.13
N ILE A 141 -8.39 -2.38 34.05
CA ILE A 141 -7.63 -1.78 32.95
C ILE A 141 -6.88 -2.86 32.19
N PHE A 142 -6.01 -3.60 32.86
CA PHE A 142 -5.08 -4.50 32.17
C PHE A 142 -5.81 -5.67 31.52
N LEU A 143 -6.63 -6.38 32.30
CA LEU A 143 -7.27 -7.59 31.83
C LEU A 143 -8.28 -7.35 30.70
N PRO A 144 -9.17 -6.34 30.78
CA PRO A 144 -9.99 -6.03 29.60
C PRO A 144 -9.18 -5.73 28.35
N VAL A 145 -8.06 -5.02 28.47
CA VAL A 145 -7.24 -4.71 27.30
C VAL A 145 -6.65 -5.98 26.70
N LEU A 146 -6.10 -6.85 27.56
CA LEU A 146 -5.50 -8.09 27.07
C LEU A 146 -6.54 -8.98 26.39
N ILE A 147 -7.72 -9.12 27.00
CA ILE A 147 -8.73 -10.02 26.45
C ILE A 147 -9.33 -9.46 25.17
N PHE A 148 -9.60 -8.14 25.14
CA PHE A 148 -10.15 -7.53 23.94
C PHE A 148 -9.14 -7.58 22.80
N GLU A 149 -7.85 -7.40 23.09
CA GLU A 149 -6.87 -7.51 22.03
C GLU A 149 -6.75 -8.94 21.52
N SER A 150 -6.88 -9.93 22.42
CA SER A 150 -6.90 -11.32 21.97
C SER A 150 -8.07 -11.58 21.03
N ALA A 151 -9.25 -11.06 21.36
CA ALA A 151 -10.41 -11.22 20.48
C ALA A 151 -10.25 -10.46 19.17
N PHE A 152 -9.70 -9.25 19.23
CA PHE A 152 -9.67 -8.33 18.09
C PHE A 152 -8.57 -8.65 17.10
N ALA A 153 -7.57 -9.44 17.48
CA ALA A 153 -6.40 -9.68 16.64
C ALA A 153 -6.41 -11.05 15.98
N MET A 154 -7.58 -11.52 15.54
CA MET A 154 -7.65 -12.78 14.80
C MET A 154 -8.76 -12.68 13.78
N ASP A 155 -8.69 -13.55 12.77
CA ASP A 155 -9.72 -13.59 11.75
C ASP A 155 -11.02 -14.14 12.33
N VAL A 156 -12.13 -13.49 12.00
CA VAL A 156 -13.40 -13.81 12.65
C VAL A 156 -14.27 -14.74 11.80
N HIS A 157 -14.24 -14.61 10.47
CA HIS A 157 -15.05 -15.48 9.62
C HIS A 157 -14.66 -16.95 9.80
N THR A 158 -13.35 -17.22 9.88
CA THR A 158 -12.89 -18.56 10.21
C THR A 158 -13.35 -18.98 11.60
N PHE A 159 -13.46 -18.03 12.53
CA PHE A 159 -13.98 -18.36 13.85
C PHE A 159 -15.44 -18.80 13.78
N MET A 160 -16.26 -18.13 12.95
CA MET A 160 -17.62 -18.61 12.76
C MET A 160 -17.64 -19.98 12.08
N ARG A 161 -16.75 -20.20 11.11
CA ARG A 161 -16.72 -21.49 10.42
C ARG A 161 -16.25 -22.63 11.32
N SER A 162 -15.53 -22.33 12.40
CA SER A 162 -15.09 -23.36 13.33
C SER A 162 -15.77 -23.33 14.69
N PHE A 163 -16.71 -22.39 14.90
CA PHE A 163 -17.27 -22.17 16.24
C PHE A 163 -18.06 -23.36 16.75
N SER A 164 -18.73 -24.10 15.87
CA SER A 164 -19.59 -25.20 16.30
C SER A 164 -18.82 -26.26 17.06
N GLN A 165 -17.55 -26.46 16.74
CA GLN A 165 -16.69 -27.34 17.51
C GLN A 165 -15.85 -26.60 18.54
N VAL A 166 -15.46 -25.35 18.25
CA VAL A 166 -14.62 -24.58 19.16
C VAL A 166 -15.32 -24.36 20.49
N CYS A 167 -16.61 -24.02 20.46
CA CYS A 167 -17.35 -23.73 21.68
C CYS A 167 -17.37 -24.94 22.61
N ILE A 168 -17.83 -26.08 22.11
CA ILE A 168 -17.98 -27.27 22.95
C ILE A 168 -16.62 -27.74 23.44
N LEU A 169 -15.64 -27.82 22.52
CA LEU A 169 -14.32 -28.32 22.89
C LEU A 169 -13.69 -27.44 23.96
N ALA A 170 -13.61 -26.14 23.71
CA ALA A 170 -12.94 -25.24 24.65
C ALA A 170 -13.66 -25.21 25.99
N LEU A 171 -14.99 -25.05 25.98
CA LEU A 171 -15.71 -24.89 27.23
C LEU A 171 -15.65 -26.16 28.08
N PHE A 172 -15.96 -27.32 27.49
CA PHE A 172 -15.97 -28.53 28.30
C PHE A 172 -14.56 -28.95 28.71
N GLY A 173 -13.57 -28.81 27.82
CA GLY A 173 -12.21 -29.11 28.20
C GLY A 173 -11.70 -28.24 29.32
N LEU A 174 -12.03 -26.95 29.27
CA LEU A 174 -11.62 -26.05 30.35
C LEU A 174 -12.31 -26.38 31.66
N VAL A 175 -13.59 -26.74 31.61
CA VAL A 175 -14.30 -27.07 32.84
C VAL A 175 -13.70 -28.33 33.49
N VAL A 176 -13.45 -29.36 32.69
CA VAL A 176 -12.85 -30.59 33.24
C VAL A 176 -11.42 -30.32 33.73
N ALA A 177 -10.65 -29.53 33.00
CA ALA A 177 -9.29 -29.23 33.42
C ALA A 177 -9.27 -28.45 34.73
N SER A 178 -10.16 -27.47 34.87
CA SER A 178 -10.26 -26.69 36.09
C SER A 178 -10.64 -27.57 37.27
N VAL A 179 -11.63 -28.46 37.08
CA VAL A 179 -12.07 -29.31 38.17
C VAL A 179 -10.97 -30.30 38.56
N LEU A 180 -10.25 -30.84 37.58
CA LEU A 180 -9.18 -31.79 37.89
C LEU A 180 -8.03 -31.10 38.61
N THR A 181 -7.65 -29.89 38.17
CA THR A 181 -6.59 -29.16 38.87
C THR A 181 -7.03 -28.78 40.28
N ALA A 182 -8.30 -28.42 40.46
CA ALA A 182 -8.80 -28.09 41.79
C ALA A 182 -8.76 -29.31 42.71
N VAL A 183 -9.16 -30.49 42.20
CA VAL A 183 -9.14 -31.70 43.01
C VAL A 183 -7.70 -32.07 43.37
N LEU A 184 -6.78 -31.92 42.41
CA LEU A 184 -5.37 -32.17 42.68
C LEU A 184 -4.84 -31.23 43.75
N ALA A 185 -5.25 -29.96 43.72
CA ALA A 185 -4.82 -29.00 44.73
C ALA A 185 -5.39 -29.34 46.10
N MET A 186 -6.65 -29.78 46.16
CA MET A 186 -7.25 -30.13 47.45
C MET A 186 -6.58 -31.35 48.06
N ASN A 187 -6.38 -32.41 47.28
CA ASN A 187 -6.03 -33.69 47.87
C ASN A 187 -4.53 -33.93 47.96
N LEU A 188 -3.73 -33.34 47.07
CA LEU A 188 -2.30 -33.61 47.03
C LEU A 188 -1.48 -32.55 47.76
N PHE A 189 -1.77 -31.28 47.55
CA PHE A 189 -1.03 -30.22 48.23
C PHE A 189 -1.31 -30.25 49.72
N ASN A 190 -0.25 -30.09 50.53
CA ASN A 190 -0.40 -30.17 51.98
C ASN A 190 -1.07 -28.95 52.56
N TYR A 191 -1.28 -27.89 51.78
CA TYR A 191 -2.02 -26.72 52.26
C TYR A 191 -3.48 -27.07 52.42
N ASN A 192 -4.05 -26.75 53.59
CA ASN A 192 -5.46 -27.06 53.86
C ASN A 192 -6.32 -26.04 53.13
N TRP A 193 -6.51 -26.28 51.84
CA TRP A 193 -7.27 -25.39 50.97
C TRP A 193 -8.70 -25.88 50.84
N ASN A 194 -9.64 -24.94 50.80
CA ASN A 194 -11.05 -25.27 50.59
C ASN A 194 -11.29 -25.63 49.14
N PHE A 195 -12.55 -25.87 48.79
CA PHE A 195 -12.88 -26.12 47.39
C PHE A 195 -12.89 -24.84 46.58
N SER A 196 -13.30 -23.72 47.16
CA SER A 196 -13.36 -22.47 46.41
C SER A 196 -11.97 -21.93 46.10
N GLU A 197 -11.05 -22.04 47.07
CA GLU A 197 -9.66 -21.65 46.80
C GLU A 197 -9.04 -22.54 45.73
N ALA A 198 -9.35 -23.83 45.76
CA ALA A 198 -8.83 -24.74 44.74
C ALA A 198 -9.41 -24.44 43.37
N MET A 199 -10.68 -24.07 43.28
CA MET A 199 -11.24 -23.72 41.98
C MET A 199 -10.70 -22.40 41.48
N MET A 200 -10.40 -21.46 42.38
CA MET A 200 -9.69 -20.24 41.98
C MET A 200 -8.31 -20.58 41.43
N PHE A 201 -7.59 -21.51 42.09
CA PHE A 201 -6.31 -22.00 41.62
C PHE A 201 -6.41 -22.61 40.22
N GLY A 202 -7.41 -23.47 40.01
CA GLY A 202 -7.58 -24.12 38.72
C GLY A 202 -7.95 -23.16 37.61
N ALA A 203 -8.82 -22.19 37.91
CA ALA A 203 -9.17 -21.18 36.93
C ALA A 203 -7.98 -20.31 36.58
N ILE A 204 -7.10 -20.04 37.54
CA ILE A 204 -5.87 -19.30 37.24
C ILE A 204 -4.96 -20.13 36.34
N MET A 205 -4.79 -21.40 36.65
CA MET A 205 -3.87 -22.26 35.91
C MET A 205 -4.42 -22.77 34.60
N SER A 206 -5.67 -22.51 34.27
CA SER A 206 -6.26 -22.98 33.02
C SER A 206 -6.54 -21.85 32.04
N ALA A 207 -5.67 -20.84 31.99
CA ALA A 207 -5.81 -19.71 31.09
C ALA A 207 -4.56 -19.60 30.24
N THR A 208 -4.66 -19.94 28.97
CA THR A 208 -3.51 -20.05 28.09
C THR A 208 -3.24 -18.71 27.37
N ASP A 209 -2.36 -18.74 26.37
CA ASP A 209 -1.88 -17.53 25.71
C ASP A 209 -1.77 -17.84 24.22
N PRO A 210 -2.45 -17.07 23.35
CA PRO A 210 -2.41 -17.36 21.91
C PRO A 210 -1.28 -16.70 21.13
N VAL A 211 -0.80 -15.54 21.56
CA VAL A 211 0.06 -14.74 20.69
C VAL A 211 1.41 -15.41 20.48
N ALA A 212 1.95 -16.02 21.54
CA ALA A 212 3.25 -16.68 21.42
C ALA A 212 3.19 -17.89 20.48
N VAL A 213 2.16 -18.72 20.64
CA VAL A 213 2.06 -19.92 19.81
C VAL A 213 1.76 -19.56 18.35
N VAL A 214 0.94 -18.52 18.12
CA VAL A 214 0.71 -18.17 16.72
C VAL A 214 1.93 -17.49 16.12
N ALA A 215 2.73 -16.79 16.93
CA ALA A 215 4.00 -16.26 16.42
C ALA A 215 4.94 -17.40 16.03
N LEU A 216 5.02 -18.44 16.86
CA LEU A 216 5.84 -19.61 16.52
C LEU A 216 5.33 -20.29 15.26
N LEU A 217 4.01 -20.44 15.13
CA LEU A 217 3.43 -21.09 13.97
C LEU A 217 3.68 -20.30 12.70
N LYS A 218 3.60 -18.97 12.78
CA LYS A 218 3.89 -18.14 11.62
C LYS A 218 5.37 -18.18 11.26
N ASP A 219 6.24 -18.22 12.27
CA ASP A 219 7.67 -18.30 12.02
C ASP A 219 8.05 -19.61 11.34
N LEU A 220 7.45 -20.72 11.78
CA LEU A 220 7.74 -22.01 11.18
C LEU A 220 7.00 -22.25 9.87
N GLY A 221 6.04 -21.40 9.53
CA GLY A 221 5.31 -21.53 8.27
C GLY A 221 4.48 -22.78 8.12
N ALA A 222 3.76 -23.17 9.17
CA ALA A 222 2.90 -24.35 9.12
C ALA A 222 1.49 -23.94 8.68
N SER A 223 0.54 -24.86 8.83
CA SER A 223 -0.83 -24.59 8.40
C SER A 223 -1.47 -23.53 9.29
N LYS A 224 -2.34 -22.71 8.69
CA LYS A 224 -2.98 -21.62 9.40
C LYS A 224 -4.29 -22.04 10.07
N GLN A 225 -4.92 -23.12 9.63
CA GLN A 225 -6.13 -23.60 10.27
C GLN A 225 -5.85 -24.01 11.72
N LEU A 226 -4.68 -24.62 11.95
CA LEU A 226 -4.27 -24.94 13.31
C LEU A 226 -4.13 -23.68 14.15
N GLY A 227 -3.56 -22.63 13.57
CA GLY A 227 -3.45 -21.37 14.29
C GLY A 227 -4.79 -20.76 14.64
N THR A 228 -5.75 -20.82 13.70
CA THR A 228 -7.08 -20.31 13.97
C THR A 228 -7.78 -21.10 15.08
N ILE A 229 -7.65 -22.43 15.03
CA ILE A 229 -8.26 -23.28 16.07
C ILE A 229 -7.65 -22.97 17.43
N ILE A 230 -6.33 -22.84 17.49
CA ILE A 230 -5.65 -22.54 18.74
C ILE A 230 -6.08 -21.18 19.28
N GLU A 231 -6.20 -20.19 18.38
CA GLU A 231 -6.61 -18.85 18.80
C GLU A 231 -8.01 -18.85 19.41
N GLY A 232 -8.97 -19.51 18.74
CA GLY A 232 -10.31 -19.57 19.28
C GLY A 232 -10.40 -20.33 20.59
N GLU A 233 -9.69 -21.46 20.68
CA GLU A 233 -9.70 -22.27 21.89
C GLU A 233 -9.10 -21.47 23.06
N SER A 234 -8.02 -20.73 22.81
CA SER A 234 -7.40 -19.93 23.86
C SER A 234 -8.30 -18.77 24.28
N LEU A 235 -8.96 -18.11 23.33
CA LEU A 235 -9.87 -17.03 23.70
C LEU A 235 -11.02 -17.51 24.57
N LEU A 236 -11.61 -18.66 24.24
CA LEU A 236 -12.67 -19.18 25.09
C LEU A 236 -12.15 -19.60 26.46
N ASN A 237 -10.95 -20.23 26.50
CA ASN A 237 -10.32 -20.51 27.77
C ASN A 237 -10.18 -19.26 28.63
N ASP A 238 -9.69 -18.17 28.04
CA ASP A 238 -9.45 -16.95 28.80
C ASP A 238 -10.76 -16.36 29.32
N GLY A 239 -11.78 -16.28 28.46
CA GLY A 239 -13.04 -15.70 28.90
C GLY A 239 -13.69 -16.47 30.02
N CYS A 240 -13.82 -17.79 29.86
CA CYS A 240 -14.51 -18.55 30.89
C CYS A 240 -13.66 -18.73 32.14
N ALA A 241 -12.33 -18.71 32.01
CA ALA A 241 -11.48 -18.73 33.19
C ALA A 241 -11.58 -17.44 33.99
N ILE A 242 -11.72 -16.31 33.29
CA ILE A 242 -11.97 -15.05 33.98
C ILE A 242 -13.29 -15.11 34.75
N VAL A 243 -14.33 -15.66 34.11
CA VAL A 243 -15.64 -15.76 34.77
C VAL A 243 -15.56 -16.64 36.03
N ILE A 244 -14.93 -17.81 35.90
CA ILE A 244 -14.85 -18.73 37.03
C ILE A 244 -14.00 -18.14 38.17
N PHE A 245 -12.88 -17.49 37.81
CA PHE A 245 -12.05 -16.84 38.83
C PHE A 245 -12.83 -15.77 39.58
N ASN A 246 -13.59 -14.95 38.85
CA ASN A 246 -14.36 -13.90 39.49
C ASN A 246 -15.39 -14.49 40.45
N VAL A 247 -16.09 -15.53 40.00
CA VAL A 247 -17.14 -16.15 40.82
C VAL A 247 -16.56 -16.71 42.10
N PHE A 248 -15.43 -17.41 42.01
CA PHE A 248 -14.88 -18.01 43.23
C PHE A 248 -14.09 -17.03 44.08
N MET A 249 -13.54 -15.96 43.49
CA MET A 249 -12.89 -14.92 44.28
C MET A 249 -13.90 -14.19 45.15
N LYS A 250 -15.09 -13.91 44.61
CA LYS A 250 -16.12 -13.27 45.41
C LYS A 250 -16.49 -14.11 46.63
N MET A 251 -16.45 -15.45 46.50
CA MET A 251 -16.75 -16.31 47.63
C MET A 251 -15.59 -16.39 48.62
N VAL A 252 -14.35 -16.43 48.12
CA VAL A 252 -13.20 -16.62 49.00
C VAL A 252 -12.90 -15.36 49.80
N PHE A 253 -12.85 -14.20 49.13
CA PHE A 253 -12.34 -13.00 49.78
C PHE A 253 -13.42 -12.08 50.33
N PHE A 254 -14.66 -12.20 49.88
CA PHE A 254 -15.77 -11.40 50.38
C PHE A 254 -16.89 -12.33 50.81
N PRO A 255 -16.73 -13.01 51.95
CA PRO A 255 -17.73 -14.02 52.36
C PRO A 255 -19.00 -13.44 52.93
N GLN A 256 -19.09 -12.13 53.11
CA GLN A 256 -20.34 -11.54 53.60
C GLN A 256 -21.45 -11.68 52.58
N LEU A 257 -21.11 -11.76 51.30
CA LEU A 257 -22.13 -11.97 50.27
C LEU A 257 -22.66 -13.40 50.35
N THR A 258 -23.97 -13.54 50.32
CA THR A 258 -24.63 -14.83 50.35
C THR A 258 -25.18 -15.19 48.98
N SER A 259 -25.40 -16.48 48.76
CA SER A 259 -25.81 -16.99 47.47
C SER A 259 -27.01 -17.93 47.60
N THR A 260 -27.94 -17.82 46.66
CA THR A 260 -29.06 -18.73 46.55
C THR A 260 -29.13 -19.25 45.11
N VAL A 261 -30.01 -20.22 44.89
CA VAL A 261 -30.11 -20.83 43.56
C VAL A 261 -30.69 -19.84 42.55
N GLY A 262 -31.72 -19.08 42.94
CA GLY A 262 -32.30 -18.13 42.02
C GLY A 262 -31.35 -16.99 41.68
N GLN A 263 -30.61 -16.49 42.67
CA GLN A 263 -29.62 -15.46 42.41
C GLN A 263 -28.51 -16.00 41.52
N ASN A 264 -28.10 -17.24 41.72
CA ASN A 264 -27.04 -17.82 40.90
C ASN A 264 -27.49 -18.00 39.45
N VAL A 265 -28.72 -18.47 39.23
CA VAL A 265 -29.17 -18.65 37.84
C VAL A 265 -29.42 -17.29 37.19
N LEU A 266 -29.87 -16.29 37.95
CA LEU A 266 -30.00 -14.95 37.38
C LEU A 266 -28.63 -14.37 37.02
N TYR A 267 -27.62 -14.63 37.87
CA TYR A 267 -26.27 -14.17 37.55
C TYR A 267 -25.74 -14.86 36.30
N PHE A 268 -26.00 -16.16 36.15
CA PHE A 268 -25.57 -16.85 34.94
C PHE A 268 -26.27 -16.28 33.71
N LEU A 269 -27.57 -15.99 33.82
CA LEU A 269 -28.30 -15.42 32.70
C LEU A 269 -27.76 -14.05 32.33
N GLN A 270 -27.39 -13.25 33.33
CA GLN A 270 -26.81 -11.94 33.06
C GLN A 270 -25.44 -12.06 32.40
N VAL A 271 -24.58 -12.93 32.94
CA VAL A 271 -23.20 -13.01 32.46
C VAL A 271 -23.14 -13.59 31.06
N ALA A 272 -23.84 -14.70 30.83
CA ALA A 272 -23.63 -15.49 29.62
C ALA A 272 -24.57 -15.13 28.47
N VAL A 273 -25.68 -14.45 28.75
CA VAL A 273 -26.68 -14.20 27.71
C VAL A 273 -26.82 -12.71 27.43
N ALA A 274 -27.09 -11.92 28.46
CA ALA A 274 -27.39 -10.50 28.27
C ALA A 274 -26.14 -9.67 28.01
N GLY A 275 -24.98 -10.10 28.50
CA GLY A 275 -23.74 -9.41 28.26
C GLY A 275 -23.31 -9.40 26.80
N PRO A 276 -23.13 -10.58 26.23
CA PRO A 276 -22.85 -10.65 24.79
C PRO A 276 -23.95 -10.04 23.93
N LEU A 277 -25.20 -10.10 24.37
CA LEU A 277 -26.28 -9.43 23.63
C LEU A 277 -26.10 -7.92 23.65
N TRP A 278 -25.70 -7.36 24.79
CA TRP A 278 -25.43 -5.92 24.87
C TRP A 278 -24.26 -5.53 23.97
N GLY A 279 -23.20 -6.33 23.97
CA GLY A 279 -22.08 -6.07 23.08
C GLY A 279 -22.46 -6.14 21.62
N TYR A 280 -23.26 -7.14 21.25
CA TYR A 280 -23.75 -7.30 19.88
C TYR A 280 -24.58 -6.10 19.45
N ALA A 281 -25.49 -5.66 20.33
CA ALA A 281 -26.35 -4.52 20.00
C ALA A 281 -25.53 -3.24 19.80
N VAL A 282 -24.56 -2.99 20.69
CA VAL A 282 -23.75 -1.78 20.55
C VAL A 282 -22.91 -1.84 19.28
N ALA A 283 -22.34 -3.01 18.97
CA ALA A 283 -21.55 -3.14 17.75
C ALA A 283 -22.40 -2.92 16.50
N LYS A 284 -23.63 -3.45 16.49
CA LYS A 284 -24.51 -3.27 15.34
C LYS A 284 -24.89 -1.80 15.17
N VAL A 285 -25.22 -1.10 16.25
CA VAL A 285 -25.55 0.32 16.15
C VAL A 285 -24.34 1.12 15.67
N THR A 286 -23.15 0.78 16.16
CA THR A 286 -21.94 1.47 15.73
C THR A 286 -21.68 1.27 14.24
N VAL A 287 -21.84 0.04 13.74
CA VAL A 287 -21.60 -0.23 12.33
C VAL A 287 -22.65 0.47 11.46
N PHE A 288 -23.90 0.51 11.93
CA PHE A 288 -24.93 1.24 11.19
C PHE A 288 -24.61 2.72 11.11
N PHE A 289 -24.14 3.32 12.21
CA PHE A 289 -23.75 4.72 12.17
C PHE A 289 -22.55 4.94 11.25
N LEU A 290 -21.57 4.04 11.28
CA LEU A 290 -20.35 4.21 10.49
C LEU A 290 -20.60 4.02 9.00
N SER A 291 -21.65 3.31 8.61
CA SER A 291 -21.93 3.11 7.19
C SER A 291 -22.26 4.41 6.47
N HIS A 292 -22.77 5.41 7.19
CA HIS A 292 -23.18 6.68 6.61
C HIS A 292 -22.03 7.67 6.45
N ILE A 293 -20.79 7.24 6.63
CA ILE A 293 -19.64 8.12 6.63
C ILE A 293 -18.64 7.59 5.62
N PHE A 294 -18.27 8.42 4.65
CA PHE A 294 -17.36 8.04 3.58
C PHE A 294 -16.14 8.96 3.61
N ASN A 295 -14.95 8.35 3.54
CA ASN A 295 -13.67 9.06 3.46
C ASN A 295 -13.48 10.01 4.65
N ASP A 296 -13.48 9.42 5.85
CA ASP A 296 -13.22 10.16 7.08
C ASP A 296 -12.62 9.17 8.07
N ALA A 297 -11.28 9.17 8.16
CA ALA A 297 -10.62 8.22 9.03
C ALA A 297 -10.75 8.62 10.50
N LEU A 298 -10.68 9.93 10.78
CA LEU A 298 -10.71 10.40 12.16
C LEU A 298 -12.06 10.11 12.80
N VAL A 299 -13.16 10.36 12.08
CA VAL A 299 -14.49 10.13 12.63
C VAL A 299 -14.71 8.65 12.90
N GLU A 300 -14.30 7.78 11.97
CA GLU A 300 -14.45 6.35 12.17
C GLU A 300 -13.62 5.85 13.35
N ILE A 301 -12.37 6.32 13.45
CA ILE A 301 -11.49 5.88 14.54
C ILE A 301 -12.03 6.33 15.89
N THR A 302 -12.42 7.60 16.00
CA THR A 302 -12.88 8.11 17.28
C THR A 302 -14.23 7.49 17.67
N ILE A 303 -15.12 7.26 16.70
CA ILE A 303 -16.41 6.65 17.02
C ILE A 303 -16.23 5.20 17.45
N THR A 304 -15.35 4.45 16.77
CA THR A 304 -15.09 3.07 17.17
C THR A 304 -14.49 3.00 18.56
N LEU A 305 -13.54 3.89 18.87
CA LEU A 305 -12.90 3.85 20.18
C LEU A 305 -13.86 4.27 21.29
N ALA A 306 -14.70 5.28 21.04
CA ALA A 306 -15.68 5.69 22.04
C ALA A 306 -16.73 4.61 22.26
N ALA A 307 -17.14 3.92 21.20
CA ALA A 307 -18.07 2.81 21.36
C ALA A 307 -17.45 1.67 22.17
N THR A 308 -16.17 1.38 21.93
CA THR A 308 -15.47 0.37 22.71
C THR A 308 -15.44 0.75 24.19
N TYR A 309 -15.10 2.01 24.48
CA TYR A 309 -15.06 2.42 25.89
C TYR A 309 -16.43 2.36 26.53
N LEU A 310 -17.47 2.79 25.82
CA LEU A 310 -18.80 2.82 26.45
C LEU A 310 -19.35 1.42 26.67
N THR A 311 -19.10 0.50 25.72
CA THR A 311 -19.45 -0.91 25.93
C THR A 311 -18.75 -1.46 27.16
N TYR A 312 -17.43 -1.24 27.25
CA TYR A 312 -16.68 -1.71 28.41
C TYR A 312 -17.20 -1.11 29.70
N TYR A 313 -17.50 0.19 29.68
CA TYR A 313 -17.90 0.89 30.91
C TYR A 313 -19.23 0.38 31.44
N ILE A 314 -20.23 0.25 30.56
CA ILE A 314 -21.53 -0.23 31.00
C ILE A 314 -21.44 -1.69 31.44
N GLY A 315 -20.77 -2.53 30.65
CA GLY A 315 -20.60 -3.91 31.04
C GLY A 315 -19.81 -4.06 32.33
N ASP A 316 -18.88 -3.14 32.59
CA ASP A 316 -18.09 -3.18 33.81
C ASP A 316 -18.93 -2.82 35.03
N ILE A 317 -19.56 -1.65 35.02
CA ILE A 317 -20.38 -1.24 36.14
C ILE A 317 -21.60 -2.15 36.33
N TRP A 318 -21.91 -2.99 35.35
CA TRP A 318 -22.93 -4.01 35.51
C TRP A 318 -22.39 -5.29 36.13
N LEU A 319 -21.39 -5.93 35.50
CA LEU A 319 -21.02 -7.29 35.85
C LEU A 319 -19.61 -7.44 36.41
N GLU A 320 -18.95 -6.35 36.82
CA GLU A 320 -17.59 -6.37 37.35
C GLU A 320 -16.67 -6.99 36.30
N VAL A 321 -15.82 -7.96 36.65
CA VAL A 321 -14.82 -8.46 35.71
C VAL A 321 -15.43 -9.33 34.63
N SER A 322 -16.60 -9.93 34.90
CA SER A 322 -17.26 -10.82 33.94
C SER A 322 -17.97 -10.06 32.83
N GLY A 323 -17.80 -8.75 32.73
CA GLY A 323 -18.42 -7.96 31.69
C GLY A 323 -17.49 -7.75 30.51
N VAL A 324 -16.45 -8.58 30.41
CA VAL A 324 -15.53 -8.49 29.28
C VAL A 324 -16.07 -9.20 28.05
N LEU A 325 -17.09 -10.04 28.20
CA LEU A 325 -17.65 -10.75 27.06
C LEU A 325 -18.34 -9.80 26.09
N ALA A 326 -18.88 -8.68 26.61
CA ALA A 326 -19.50 -7.69 25.74
C ALA A 326 -18.48 -7.06 24.79
N VAL A 327 -17.33 -6.64 25.31
CA VAL A 327 -16.32 -6.06 24.42
C VAL A 327 -15.65 -7.14 23.58
N VAL A 328 -15.60 -8.38 24.06
CA VAL A 328 -15.09 -9.47 23.21
C VAL A 328 -15.99 -9.65 21.99
N VAL A 329 -17.30 -9.65 22.20
CA VAL A 329 -18.26 -9.77 21.11
C VAL A 329 -18.17 -8.55 20.19
N LEU A 330 -18.03 -7.36 20.77
CA LEU A 330 -17.92 -6.14 19.96
C LEU A 330 -16.67 -6.17 19.08
N GLY A 331 -15.55 -6.63 19.64
CA GLY A 331 -14.34 -6.75 18.86
C GLY A 331 -14.47 -7.76 17.74
N LEU A 332 -15.09 -8.91 18.03
CA LEU A 332 -15.31 -9.93 17.00
C LEU A 332 -16.18 -9.41 15.88
N ILE A 333 -17.23 -8.65 16.21
CA ILE A 333 -18.13 -8.12 15.20
C ILE A 333 -17.44 -7.05 14.36
N VAL A 334 -16.75 -6.11 15.02
CA VAL A 334 -16.12 -5.00 14.33
C VAL A 334 -14.97 -5.50 13.44
N ASN A 335 -14.26 -6.52 13.89
CA ASN A 335 -13.18 -7.10 13.08
C ASN A 335 -13.67 -7.70 11.77
N ALA A 336 -14.97 -7.99 11.66
CA ALA A 336 -15.55 -8.54 10.44
C ALA A 336 -15.87 -7.48 9.39
N GLU A 337 -15.76 -6.20 9.73
CA GLU A 337 -16.21 -5.14 8.85
C GLU A 337 -15.18 -4.92 7.75
N LYS A 338 -15.60 -5.11 6.50
CA LYS A 338 -14.75 -4.82 5.34
C LYS A 338 -15.32 -3.72 4.46
N THR A 339 -16.53 -3.24 4.74
CA THR A 339 -17.17 -2.20 3.95
C THR A 339 -17.34 -0.90 4.71
N SER A 340 -17.94 -0.95 5.90
CA SER A 340 -18.22 0.26 6.66
C SER A 340 -16.96 0.88 7.26
N ILE A 341 -15.89 0.10 7.38
CA ILE A 341 -14.65 0.57 7.99
C ILE A 341 -13.51 0.37 6.99
N SER A 342 -12.77 1.46 6.71
CA SER A 342 -11.73 1.43 5.72
C SER A 342 -10.57 0.54 6.15
N PRO A 343 -9.79 0.03 5.19
CA PRO A 343 -8.61 -0.77 5.57
C PRO A 343 -7.58 0.01 6.37
N GLU A 344 -7.40 1.31 6.10
CA GLU A 344 -6.46 2.10 6.86
C GLU A 344 -6.93 2.28 8.31
N VAL A 345 -8.23 2.47 8.50
CA VAL A 345 -8.79 2.54 9.84
C VAL A 345 -8.58 1.22 10.57
N GLU A 346 -8.75 0.10 9.86
CA GLU A 346 -8.57 -1.20 10.48
C GLU A 346 -7.12 -1.44 10.89
N VAL A 347 -6.16 -1.06 10.04
CA VAL A 347 -4.76 -1.27 10.43
C VAL A 347 -4.36 -0.33 11.55
N PHE A 348 -4.89 0.89 11.58
CA PHE A 348 -4.61 1.79 12.70
C PHE A 348 -5.15 1.22 14.00
N LEU A 349 -6.40 0.72 13.99
CA LEU A 349 -6.99 0.20 15.21
C LEU A 349 -6.26 -1.05 15.68
N HIS A 350 -5.83 -1.90 14.74
CA HIS A 350 -5.08 -3.10 15.11
C HIS A 350 -3.75 -2.74 15.74
N ARG A 351 -3.01 -1.79 15.16
CA ARG A 351 -1.73 -1.38 15.74
C ARG A 351 -1.92 -0.69 17.08
N PHE A 352 -3.00 0.08 17.23
CA PHE A 352 -3.30 0.77 18.48
C PHE A 352 -3.51 -0.23 19.61
N TRP A 353 -4.39 -1.21 19.39
CA TRP A 353 -4.66 -2.19 20.44
C TRP A 353 -3.47 -3.12 20.66
N GLU A 354 -2.68 -3.38 19.61
CA GLU A 354 -1.45 -4.14 19.77
C GLU A 354 -0.48 -3.44 20.71
N MET A 355 -0.30 -2.13 20.52
CA MET A 355 0.62 -1.37 21.38
C MET A 355 0.11 -1.32 22.82
N LEU A 356 -1.19 -1.14 23.00
CA LEU A 356 -1.73 -1.10 24.37
C LEU A 356 -1.54 -2.44 25.08
N ALA A 357 -1.83 -3.55 24.39
CA ALA A 357 -1.64 -4.86 25.00
C ALA A 357 -0.17 -5.17 25.24
N TYR A 358 0.72 -4.68 24.37
CA TYR A 358 2.16 -4.87 24.58
C TYR A 358 2.64 -4.17 25.84
N LEU A 359 2.17 -2.94 26.06
CA LEU A 359 2.53 -2.21 27.28
C LEU A 359 2.00 -2.94 28.52
N ALA A 360 0.76 -3.41 28.47
CA ALA A 360 0.19 -4.15 29.60
C ALA A 360 0.99 -5.42 29.89
N ASN A 361 1.39 -6.15 28.83
CA ASN A 361 2.18 -7.37 28.97
C ASN A 361 3.51 -7.10 29.66
N THR A 362 4.28 -6.14 29.15
CA THR A 362 5.60 -5.89 29.72
C THR A 362 5.50 -5.38 31.15
N LEU A 363 4.53 -4.50 31.42
CA LEU A 363 4.34 -4.03 32.79
C LEU A 363 4.01 -5.18 33.73
N ILE A 364 3.12 -6.08 33.32
CA ILE A 364 2.69 -7.20 34.15
C ILE A 364 3.88 -8.12 34.45
N PHE A 365 4.70 -8.41 33.45
CA PHE A 365 5.84 -9.30 33.67
C PHE A 365 6.87 -8.67 34.60
N MET A 366 7.11 -7.35 34.46
CA MET A 366 8.03 -6.69 35.38
C MET A 366 7.53 -6.75 36.83
N MET A 367 6.24 -6.43 37.05
CA MET A 367 5.78 -6.41 38.44
C MET A 367 5.68 -7.82 39.01
N VAL A 368 5.35 -8.83 38.21
CA VAL A 368 5.30 -10.18 38.74
C VAL A 368 6.70 -10.65 39.11
N GLY A 369 7.72 -10.26 38.34
CA GLY A 369 9.09 -10.57 38.74
C GLY A 369 9.46 -9.93 40.06
N VAL A 370 9.14 -8.63 40.20
CA VAL A 370 9.51 -7.90 41.42
C VAL A 370 8.81 -8.50 42.64
N VAL A 371 7.51 -8.76 42.53
CA VAL A 371 6.74 -9.25 43.67
C VAL A 371 7.13 -10.69 43.99
N VAL A 372 7.43 -11.51 42.98
CA VAL A 372 7.85 -12.88 43.23
C VAL A 372 9.17 -12.89 44.00
N THR A 373 10.12 -12.05 43.58
CA THR A 373 11.40 -11.99 44.28
C THR A 373 11.25 -11.47 45.70
N GLN A 374 10.49 -10.39 45.88
CA GLN A 374 10.44 -9.72 47.18
C GLN A 374 9.69 -10.55 48.22
N LYS A 375 8.56 -11.14 47.84
CA LYS A 375 7.64 -11.74 48.80
C LYS A 375 7.49 -13.25 48.65
N ALA A 376 7.31 -13.73 47.42
CA ALA A 376 6.95 -15.13 47.21
C ALA A 376 8.09 -16.07 47.60
N LEU A 377 9.33 -15.69 47.30
CA LEU A 377 10.48 -16.57 47.49
C LEU A 377 11.03 -16.55 48.92
N VAL A 378 10.23 -16.13 49.90
CA VAL A 378 10.66 -16.13 51.30
C VAL A 378 10.02 -17.32 52.00
N ALA A 379 8.80 -17.65 51.60
CA ALA A 379 8.00 -18.70 52.22
C ALA A 379 7.89 -19.93 51.32
N VAL A 380 8.98 -20.30 50.66
CA VAL A 380 8.99 -21.43 49.73
C VAL A 380 10.02 -22.44 50.18
N ASP A 381 9.61 -23.70 50.24
CA ASP A 381 10.49 -24.80 50.62
C ASP A 381 10.74 -25.72 49.44
N LYS A 382 11.48 -26.83 49.67
CA LYS A 382 11.70 -27.79 48.60
C LYS A 382 10.43 -28.52 48.22
N MET A 383 9.53 -28.72 49.17
CA MET A 383 8.24 -29.35 48.87
C MET A 383 7.45 -28.54 47.88
N ASP A 384 7.58 -27.21 47.92
CA ASP A 384 6.92 -26.36 46.94
C ASP A 384 7.47 -26.60 45.54
N TRP A 385 8.79 -26.79 45.42
CA TRP A 385 9.37 -27.10 44.12
C TRP A 385 8.89 -28.45 43.60
N PHE A 386 8.83 -29.45 44.49
CA PHE A 386 8.32 -30.76 44.12
C PHE A 386 6.87 -30.65 43.63
N TYR A 387 6.05 -29.90 44.35
CA TYR A 387 4.67 -29.66 43.93
C TYR A 387 4.60 -28.93 42.61
N LEU A 388 5.55 -28.03 42.35
CA LEU A 388 5.58 -27.32 41.07
C LEU A 388 5.82 -28.27 39.92
N ILE A 389 6.81 -29.18 40.05
CA ILE A 389 7.06 -30.14 38.99
C ILE A 389 5.86 -31.08 38.80
N ILE A 390 5.27 -31.52 39.91
CA ILE A 390 4.12 -32.42 39.83
C ILE A 390 2.95 -31.74 39.12
N LEU A 391 2.68 -30.49 39.47
CA LEU A 391 1.58 -29.76 38.84
C LEU A 391 1.86 -29.50 37.37
N TYR A 392 3.12 -29.24 37.00
CA TYR A 392 3.44 -29.05 35.59
C TYR A 392 3.21 -30.33 34.80
N LEU A 393 3.57 -31.49 35.37
CA LEU A 393 3.25 -32.74 34.71
C LEU A 393 1.75 -32.94 34.60
N ALA A 394 1.02 -32.62 35.68
CA ALA A 394 -0.40 -32.93 35.75
C ALA A 394 -1.22 -32.10 34.77
N ILE A 395 -0.88 -30.82 34.59
CA ILE A 395 -1.68 -29.99 33.69
C ILE A 395 -1.57 -30.49 32.25
N THR A 396 -0.36 -30.84 31.81
CA THR A 396 -0.17 -31.40 30.48
C THR A 396 -0.87 -32.74 30.34
N ILE A 397 -0.78 -33.59 31.37
CA ILE A 397 -1.40 -34.91 31.30
C ILE A 397 -2.92 -34.77 31.19
N ILE A 398 -3.53 -33.89 31.98
CA ILE A 398 -4.98 -33.78 31.93
C ILE A 398 -5.44 -33.07 30.66
N ALA A 399 -4.62 -32.17 30.10
CA ALA A 399 -4.97 -31.58 28.82
C ALA A 399 -4.98 -32.64 27.71
N GLY A 400 -3.95 -33.48 27.67
CA GLY A 400 -3.93 -34.57 26.71
C GLY A 400 -5.07 -35.56 26.93
N MET A 401 -5.38 -35.84 28.20
CA MET A 401 -6.47 -36.76 28.52
C MET A 401 -7.81 -36.22 28.03
N VAL A 402 -8.10 -34.94 28.28
CA VAL A 402 -9.40 -34.40 27.90
C VAL A 402 -9.51 -34.27 26.39
N ILE A 403 -8.42 -33.90 25.70
CA ILE A 403 -8.51 -33.80 24.25
C ILE A 403 -8.66 -35.18 23.63
N SER A 404 -7.98 -36.20 24.17
CA SER A 404 -8.14 -37.54 23.63
C SER A 404 -9.52 -38.10 23.90
N LEU A 405 -10.11 -37.77 25.05
CA LEU A 405 -11.45 -38.26 25.37
C LEU A 405 -12.51 -37.58 24.50
N PHE A 406 -12.37 -36.29 24.25
CA PHE A 406 -13.40 -35.56 23.51
C PHE A 406 -13.14 -35.51 22.00
N SER A 407 -12.02 -36.04 21.52
CA SER A 407 -11.81 -36.11 20.08
C SER A 407 -12.83 -36.98 19.35
N PRO A 408 -13.15 -38.21 19.79
CA PRO A 408 -14.19 -38.98 19.07
C PRO A 408 -15.57 -38.32 19.08
N ILE A 409 -15.91 -37.58 20.13
CA ILE A 409 -17.23 -36.97 20.22
C ILE A 409 -17.43 -35.94 19.12
N LEU A 410 -16.43 -35.07 18.91
CA LEU A 410 -16.51 -34.12 17.81
C LEU A 410 -16.07 -34.74 16.49
N SER A 411 -15.51 -35.96 16.51
CA SER A 411 -15.26 -36.67 15.26
C SER A 411 -16.55 -37.26 14.70
N ARG A 412 -17.46 -37.70 15.57
CA ARG A 412 -18.73 -38.26 15.13
C ARG A 412 -19.66 -37.21 14.55
N ILE A 413 -19.47 -35.93 14.90
CA ILE A 413 -20.33 -34.87 14.38
C ILE A 413 -20.05 -34.56 12.92
N GLY A 414 -18.93 -35.03 12.39
CA GLY A 414 -18.58 -34.79 11.00
C GLY A 414 -17.33 -33.94 10.85
N TYR A 415 -17.18 -32.93 11.71
CA TYR A 415 -16.02 -32.05 11.68
C TYR A 415 -15.12 -32.44 12.85
N GLY A 416 -14.24 -33.41 12.61
CA GLY A 416 -13.26 -33.83 13.59
C GLY A 416 -11.91 -33.18 13.37
N LEU A 417 -10.94 -33.62 14.16
CA LEU A 417 -9.56 -33.18 14.03
C LEU A 417 -8.64 -34.39 13.96
N THR A 418 -7.47 -34.20 13.36
CA THR A 418 -6.57 -35.29 13.08
C THR A 418 -5.82 -35.72 14.35
N TRP A 419 -4.84 -36.60 14.19
CA TRP A 419 -4.01 -37.04 15.30
C TRP A 419 -2.79 -36.14 15.51
N ARG A 420 -2.15 -35.72 14.42
CA ARG A 420 -1.00 -34.84 14.53
C ARG A 420 -1.40 -33.48 15.11
N ASN A 421 -2.53 -32.93 14.66
CA ASN A 421 -3.02 -31.66 15.19
C ASN A 421 -3.39 -31.80 16.66
N ALA A 422 -3.99 -32.92 17.04
CA ALA A 422 -4.31 -33.16 18.45
C ALA A 422 -3.05 -33.27 19.30
N VAL A 423 -2.00 -33.87 18.75
CA VAL A 423 -0.73 -33.95 19.49
C VAL A 423 -0.10 -32.56 19.63
N ILE A 424 -0.18 -31.75 18.57
CA ILE A 424 0.46 -30.44 18.61
C ILE A 424 -0.28 -29.49 19.55
N MET A 425 -1.62 -29.47 19.48
CA MET A 425 -2.37 -28.45 20.19
C MET A 425 -2.43 -28.67 21.69
N THR A 426 -2.19 -29.90 22.17
CA THR A 426 -2.10 -30.11 23.61
C THR A 426 -0.74 -29.72 24.18
N TRP A 427 0.23 -29.45 23.32
CA TRP A 427 1.54 -29.00 23.74
C TRP A 427 1.71 -27.50 23.64
N GLY A 428 0.91 -26.82 22.82
CA GLY A 428 1.00 -25.39 22.67
C GLY A 428 0.12 -24.64 23.66
N GLY A 429 -0.06 -25.20 24.85
CA GLY A 429 -0.81 -24.53 25.90
C GLY A 429 0.09 -23.66 26.74
N LEU A 430 0.62 -22.60 26.14
CA LEU A 430 1.52 -21.69 26.84
C LEU A 430 0.73 -20.78 27.75
N ARG A 431 1.17 -20.67 29.01
CA ARG A 431 0.58 -19.69 29.90
C ARG A 431 1.18 -18.32 29.63
N GLY A 432 0.44 -17.28 30.03
CA GLY A 432 0.80 -15.91 29.68
C GLY A 432 0.56 -14.95 30.81
N ALA A 433 0.04 -13.76 30.48
CA ALA A 433 -0.11 -12.68 31.44
C ALA A 433 -1.47 -12.63 32.10
N VAL A 434 -2.47 -13.35 31.56
CA VAL A 434 -3.78 -13.37 32.19
C VAL A 434 -3.71 -14.10 33.53
N GLY A 435 -3.10 -15.29 33.56
CA GLY A 435 -2.94 -16.01 34.80
C GLY A 435 -2.04 -15.28 35.78
N LEU A 436 -1.02 -14.60 35.26
CA LEU A 436 -0.14 -13.81 36.13
C LEU A 436 -0.87 -12.63 36.74
N ALA A 437 -1.73 -11.95 35.96
CA ALA A 437 -2.52 -10.86 36.51
C ALA A 437 -3.49 -11.36 37.58
N LEU A 438 -4.13 -12.50 37.34
CA LEU A 438 -5.04 -13.06 38.35
C LEU A 438 -4.28 -13.45 39.62
N ALA A 439 -3.07 -14.01 39.47
CA ALA A 439 -2.27 -14.35 40.64
C ALA A 439 -1.83 -13.10 41.40
N LEU A 440 -1.53 -12.02 40.69
CA LEU A 440 -1.21 -10.75 41.34
C LEU A 440 -2.42 -10.21 42.10
N VAL A 441 -3.61 -10.34 41.52
CA VAL A 441 -4.85 -9.92 42.20
C VAL A 441 -5.02 -10.70 43.50
N VAL A 442 -4.83 -12.03 43.44
CA VAL A 442 -4.96 -12.85 44.64
C VAL A 442 -3.89 -12.48 45.67
N GLU A 443 -2.68 -12.16 45.21
CA GLU A 443 -1.62 -11.75 46.13
C GLU A 443 -1.97 -10.45 46.83
N ASN A 444 -2.54 -9.49 46.10
CA ASN A 444 -2.96 -8.23 46.72
C ASN A 444 -4.10 -8.43 47.70
N LEU A 445 -5.09 -9.25 47.33
CA LEU A 445 -6.28 -9.42 48.16
C LEU A 445 -6.02 -10.28 49.39
N ALA A 446 -5.11 -11.24 49.30
CA ALA A 446 -4.87 -12.14 50.43
C ALA A 446 -4.30 -11.41 51.63
N GLY A 447 -3.40 -10.47 51.39
CA GLY A 447 -2.82 -9.68 52.48
C GLY A 447 -1.58 -10.36 53.05
N ASN A 448 -1.64 -10.68 54.34
CA ASN A 448 -0.54 -11.35 55.02
C ASN A 448 -0.67 -12.86 55.01
N ASP A 449 -1.71 -13.41 54.39
CA ASP A 449 -1.86 -14.84 54.27
C ASP A 449 -0.86 -15.41 53.29
N VAL A 450 -0.53 -16.70 53.46
CA VAL A 450 0.44 -17.36 52.58
C VAL A 450 -0.20 -17.89 51.31
N ILE A 451 -1.54 -17.86 51.20
CA ILE A 451 -2.20 -18.39 50.02
C ILE A 451 -1.85 -17.56 48.79
N GLY A 452 -1.77 -16.24 48.94
CA GLY A 452 -1.39 -15.40 47.82
C GLY A 452 0.03 -15.65 47.35
N SER A 453 0.95 -15.85 48.30
CA SER A 453 2.33 -16.17 47.93
C SER A 453 2.42 -17.51 47.22
N LYS A 454 1.66 -18.50 47.69
CA LYS A 454 1.66 -19.80 47.00
C LYS A 454 1.08 -19.69 45.60
N PHE A 455 -0.01 -18.93 45.44
CA PHE A 455 -0.59 -18.71 44.13
C PHE A 455 0.41 -18.06 43.18
N LEU A 456 1.08 -17.01 43.64
CA LEU A 456 2.03 -16.31 42.78
C LEU A 456 3.23 -17.20 42.44
N PHE A 457 3.74 -17.95 43.41
CA PHE A 457 4.86 -18.83 43.17
C PHE A 457 4.52 -19.89 42.14
N HIS A 458 3.39 -20.57 42.31
CA HIS A 458 3.04 -21.65 41.39
C HIS A 458 2.70 -21.12 40.00
N THR A 459 1.98 -19.99 39.92
CA THR A 459 1.66 -19.45 38.60
C THR A 459 2.89 -18.98 37.85
N ALA A 460 3.81 -18.30 38.54
CA ALA A 460 5.04 -17.86 37.90
C ALA A 460 5.89 -19.05 37.47
N GLY A 461 5.98 -20.07 38.32
CA GLY A 461 6.73 -21.26 37.97
C GLY A 461 6.17 -21.98 36.76
N ILE A 462 4.84 -22.08 36.68
CA ILE A 462 4.22 -22.75 35.54
C ILE A 462 4.40 -21.94 34.27
N VAL A 463 4.29 -20.61 34.35
CA VAL A 463 4.53 -19.77 33.18
C VAL A 463 5.95 -19.93 32.68
N VAL A 464 6.92 -19.90 33.60
CA VAL A 464 8.33 -20.06 33.22
C VAL A 464 8.57 -21.42 32.60
N LEU A 465 8.03 -22.48 33.21
CA LEU A 465 8.24 -23.83 32.69
C LEU A 465 7.63 -24.01 31.32
N THR A 466 6.42 -23.48 31.09
CA THR A 466 5.81 -23.58 29.77
C THR A 466 6.63 -22.83 28.73
N LEU A 467 6.97 -21.56 29.02
CA LEU A 467 7.73 -20.77 28.06
C LEU A 467 9.12 -21.33 27.80
N VAL A 468 9.68 -22.09 28.73
CA VAL A 468 11.02 -22.65 28.56
C VAL A 468 10.99 -24.00 27.84
N ILE A 469 9.99 -24.84 28.12
CA ILE A 469 9.95 -26.19 27.55
C ILE A 469 9.10 -26.23 26.29
N ASN A 470 7.82 -25.84 26.40
CA ASN A 470 6.89 -26.05 25.30
C ASN A 470 7.26 -25.21 24.08
N ALA A 471 7.70 -23.97 24.31
CA ALA A 471 8.03 -23.09 23.19
C ALA A 471 9.23 -23.60 22.41
N THR A 472 10.20 -24.20 23.10
CA THR A 472 11.35 -24.77 22.40
C THR A 472 11.02 -26.09 21.73
N THR A 473 10.16 -26.91 22.34
CA THR A 473 9.89 -28.23 21.78
C THR A 473 8.79 -28.25 20.72
N ILE A 474 8.00 -27.17 20.59
CA ILE A 474 6.93 -27.18 19.60
C ILE A 474 7.49 -27.18 18.18
N GLN A 475 8.61 -26.47 17.95
CA GLN A 475 9.21 -26.49 16.63
C GLN A 475 9.82 -27.85 16.31
N THR A 476 10.41 -28.49 17.31
CA THR A 476 10.92 -29.85 17.14
C THR A 476 9.79 -30.81 16.77
N LEU A 477 8.66 -30.71 17.48
CA LEU A 477 7.53 -31.58 17.18
C LEU A 477 6.95 -31.29 15.80
N LEU A 478 6.94 -30.01 15.39
CA LEU A 478 6.44 -29.68 14.06
C LEU A 478 7.35 -30.23 12.98
N ARG A 479 8.67 -30.16 13.17
CA ARG A 479 9.60 -30.71 12.19
C ARG A 479 9.49 -32.22 12.12
N ILE A 480 9.39 -32.89 13.27
CA ILE A 480 9.29 -34.35 13.28
C ILE A 480 7.97 -34.81 12.65
N LEU A 481 6.87 -34.14 12.98
CA LEU A 481 5.57 -34.56 12.50
C LEU A 481 5.36 -34.21 11.02
N GLY A 482 6.20 -33.37 10.43
CA GLY A 482 6.18 -33.17 9.01
C GLY A 482 5.17 -32.18 8.47
N MET A 483 4.69 -31.25 9.30
CA MET A 483 3.80 -30.19 8.84
C MET A 483 4.52 -28.88 8.60
N SER A 484 5.85 -28.87 8.64
CA SER A 484 6.64 -27.69 8.34
C SER A 484 6.89 -27.51 6.85
N ASP A 485 6.37 -28.39 6.02
CA ASP A 485 6.59 -28.33 4.58
C ASP A 485 5.83 -27.14 3.97
N ILE A 486 6.27 -26.75 2.79
CA ILE A 486 5.69 -25.62 2.06
C ILE A 486 4.84 -26.16 0.92
N SER A 487 3.77 -25.43 0.62
CA SER A 487 2.92 -25.79 -0.51
C SER A 487 3.65 -25.53 -1.82
N ILE A 488 3.49 -26.45 -2.77
CA ILE A 488 4.23 -26.36 -4.03
C ILE A 488 3.88 -25.13 -4.86
N PRO A 489 2.59 -24.78 -5.09
CA PRO A 489 2.32 -23.57 -5.89
C PRO A 489 2.86 -22.29 -5.29
N LYS A 490 2.80 -22.13 -3.97
CA LYS A 490 3.32 -20.92 -3.35
C LYS A 490 4.83 -20.83 -3.52
N ARG A 491 5.53 -21.95 -3.34
CA ARG A 491 6.98 -21.96 -3.53
C ARG A 491 7.34 -21.67 -4.97
N LEU A 492 6.60 -22.23 -5.93
CA LEU A 492 6.88 -21.97 -7.34
C LEU A 492 6.65 -20.50 -7.69
N ALA A 493 5.55 -19.91 -7.18
CA ALA A 493 5.29 -18.51 -7.44
C ALA A 493 6.37 -17.62 -6.84
N MET A 494 6.80 -17.91 -5.61
CA MET A 494 7.87 -17.13 -4.99
C MET A 494 9.17 -17.25 -5.77
N ALA A 495 9.52 -18.47 -6.19
CA ALA A 495 10.76 -18.67 -6.94
C ALA A 495 10.73 -17.93 -8.27
N GLY A 496 9.61 -18.02 -8.99
CA GLY A 496 9.50 -17.29 -10.25
C GLY A 496 9.60 -15.79 -10.06
N ALA A 497 8.92 -15.26 -9.03
CA ALA A 497 8.96 -13.83 -8.77
C ALA A 497 10.37 -13.36 -8.43
N VAL A 498 11.07 -14.10 -7.57
CA VAL A 498 12.41 -13.63 -7.17
C VAL A 498 13.40 -13.79 -8.32
N ARG A 499 13.24 -14.82 -9.17
CA ARG A 499 14.15 -14.95 -10.30
C ARG A 499 13.91 -13.86 -11.34
N ARG A 500 12.63 -13.48 -11.55
CA ARG A 500 12.36 -12.35 -12.44
C ARG A 500 12.92 -11.06 -11.87
N ILE A 501 12.83 -10.88 -10.55
CA ILE A 501 13.42 -9.71 -9.90
C ILE A 501 14.93 -9.68 -10.12
N HIS A 502 15.58 -10.83 -9.93
CA HIS A 502 17.03 -10.89 -10.10
C HIS A 502 17.44 -10.62 -11.54
N GLU A 503 16.69 -11.15 -12.50
CA GLU A 503 17.01 -10.89 -13.90
C GLU A 503 16.84 -9.42 -14.25
N GLY A 504 15.78 -8.78 -13.74
CA GLY A 504 15.61 -7.36 -13.95
C GLY A 504 16.72 -6.53 -13.33
N GLN A 505 17.16 -6.91 -12.13
CA GLN A 505 18.25 -6.20 -11.48
C GLN A 505 19.56 -6.37 -12.23
N ASN A 506 19.82 -7.57 -12.77
CA ASN A 506 21.01 -7.78 -13.58
C ASN A 506 20.97 -6.94 -14.85
N ARG A 507 19.79 -6.85 -15.49
CA ARG A 507 19.65 -6.01 -16.66
C ARG A 507 19.88 -4.54 -16.32
N THR A 508 19.38 -4.09 -15.18
CA THR A 508 19.62 -2.71 -14.75
C THR A 508 21.10 -2.47 -14.49
N LEU A 509 21.79 -3.45 -13.91
CA LEU A 509 23.23 -3.33 -13.68
C LEU A 509 23.99 -3.21 -14.99
N ASN A 510 23.65 -4.04 -15.96
CA ASN A 510 24.32 -3.97 -17.26
C ASN A 510 24.00 -2.67 -17.99
N MET A 511 22.81 -2.13 -17.78
CA MET A 511 22.48 -0.81 -18.32
C MET A 511 23.33 0.28 -17.66
N LEU A 512 23.47 0.21 -16.34
CA LEU A 512 24.13 1.29 -15.60
C LEU A 512 25.64 1.28 -15.81
N LYS A 513 26.25 0.09 -15.97
CA LYS A 513 27.70 0.02 -16.10
C LYS A 513 28.21 0.67 -17.38
N SER A 514 27.35 0.86 -18.39
CA SER A 514 27.74 1.49 -19.64
C SER A 514 27.17 2.90 -19.77
N ASP A 515 26.73 3.50 -18.67
CA ASP A 515 26.18 4.84 -18.71
C ASP A 515 27.29 5.87 -18.91
N ARG A 516 26.94 6.96 -19.59
CA ARG A 516 27.90 8.04 -19.81
C ARG A 516 28.15 8.88 -18.57
N PHE A 517 27.20 8.90 -17.63
CA PHE A 517 27.33 9.72 -16.43
C PHE A 517 27.73 8.91 -15.20
N LEU A 518 27.19 7.72 -15.03
CA LEU A 518 27.59 6.83 -13.93
C LEU A 518 28.72 5.90 -14.35
N ALA A 519 29.78 6.49 -14.92
CA ALA A 519 30.95 5.73 -15.33
C ALA A 519 32.13 5.94 -14.39
N ASP A 520 31.86 6.39 -13.16
CA ASP A 520 32.91 6.63 -12.18
C ASP A 520 32.59 6.05 -10.81
N ALA A 521 31.42 5.45 -10.62
CA ALA A 521 31.01 4.97 -9.32
C ALA A 521 31.78 3.71 -8.93
N ASP A 522 31.68 3.36 -7.65
CA ASP A 522 32.28 2.14 -7.12
C ASP A 522 31.28 1.01 -7.32
N TRP A 523 31.61 0.07 -8.21
CA TRP A 523 30.67 -0.94 -8.63
C TRP A 523 30.62 -2.15 -7.70
N ASP A 524 31.58 -2.30 -6.80
CA ASP A 524 31.52 -3.42 -5.85
C ASP A 524 30.32 -3.28 -4.92
N ILE A 525 30.07 -2.06 -4.43
CA ILE A 525 28.92 -1.82 -3.57
C ILE A 525 27.62 -2.10 -4.30
N ALA A 526 27.53 -1.64 -5.56
CA ALA A 526 26.31 -1.85 -6.33
C ALA A 526 26.08 -3.33 -6.64
N THR A 527 27.14 -4.07 -6.97
CA THR A 527 27.00 -5.48 -7.25
C THR A 527 26.69 -6.28 -5.99
N ALA A 528 27.17 -5.84 -4.84
CA ALA A 528 26.82 -6.52 -3.59
C ALA A 528 25.40 -6.19 -3.15
N ALA A 529 24.92 -4.99 -3.46
CA ALA A 529 23.62 -4.54 -2.98
C ALA A 529 22.44 -5.03 -3.82
N CYS A 530 22.69 -5.60 -4.99
CA CYS A 530 21.60 -6.13 -5.82
C CYS A 530 21.35 -7.60 -5.53
N GLU A 531 21.18 -7.93 -4.25
CA GLU A 531 20.99 -9.30 -3.81
C GLU A 531 19.66 -9.43 -3.08
N ILE A 532 18.95 -10.51 -3.37
CA ILE A 532 17.63 -10.75 -2.80
C ILE A 532 17.79 -11.63 -1.57
N SER A 533 16.87 -11.46 -0.61
CA SER A 533 16.87 -12.27 0.60
C SER A 533 16.58 -13.74 0.31
N ASP A 534 16.01 -14.05 -0.85
CA ASP A 534 15.64 -15.40 -1.28
C ASP A 534 14.75 -16.09 -0.24
N PRO A 535 13.48 -15.67 -0.09
CA PRO A 535 12.60 -16.27 0.90
C PRO A 535 12.19 -17.69 0.55
N SER A 571 4.74 -53.83 -18.81
CA SER A 571 4.48 -54.39 -17.49
C SER A 571 3.48 -53.52 -16.73
N PRO A 572 2.60 -54.16 -15.95
CA PRO A 572 1.63 -53.40 -15.14
C PRO A 572 2.27 -52.52 -14.09
N ARG A 573 3.50 -52.83 -13.65
CA ARG A 573 4.19 -51.96 -12.70
C ARG A 573 4.47 -50.59 -13.30
N GLU A 574 4.95 -50.55 -14.55
CA GLU A 574 5.15 -49.26 -15.20
C GLU A 574 3.82 -48.56 -15.44
N PHE A 575 2.73 -49.31 -15.68
CA PHE A 575 1.42 -48.71 -15.83
C PHE A 575 0.99 -48.00 -14.54
N ALA A 576 1.21 -48.67 -13.41
CA ALA A 576 0.92 -48.03 -12.12
C ALA A 576 1.80 -46.81 -11.90
N ASP A 577 3.05 -46.88 -12.37
CA ASP A 577 3.96 -45.74 -12.24
C ASP A 577 3.43 -44.52 -13.01
N MET A 578 3.04 -44.71 -14.27
CA MET A 578 2.49 -43.59 -15.03
C MET A 578 1.16 -43.11 -14.46
N MET A 579 0.32 -44.01 -13.92
CA MET A 579 -0.95 -43.54 -13.36
C MET A 579 -0.72 -42.73 -12.10
N GLU A 580 0.25 -43.12 -11.26
CA GLU A 580 0.52 -42.32 -10.06
C GLU A 580 1.18 -40.99 -10.42
N GLU A 581 2.02 -40.98 -11.45
CA GLU A 581 2.59 -39.72 -11.93
C GLU A 581 1.50 -38.81 -12.47
N ALA A 582 0.53 -39.38 -13.19
CA ALA A 582 -0.59 -38.60 -13.70
C ALA A 582 -1.45 -38.04 -12.58
N ARG A 583 -1.67 -38.82 -11.52
CA ARG A 583 -2.39 -38.32 -10.36
C ARG A 583 -1.66 -37.14 -9.72
N LEU A 584 -0.33 -37.25 -9.59
CA LEU A 584 0.45 -36.13 -9.08
C LEU A 584 0.34 -34.92 -9.98
N ARG A 585 0.34 -35.14 -11.30
CA ARG A 585 0.22 -34.04 -12.25
C ARG A 585 -1.13 -33.35 -12.13
N MET A 586 -2.22 -34.11 -11.99
CA MET A 586 -3.52 -33.47 -11.76
C MET A 586 -3.55 -32.69 -10.47
N LEU A 587 -2.98 -33.24 -9.40
CA LEU A 587 -3.01 -32.53 -8.12
C LEU A 587 -2.26 -31.20 -8.21
N LYS A 588 -1.05 -31.23 -8.78
CA LYS A 588 -0.26 -30.00 -8.88
C LYS A 588 -0.90 -29.01 -9.85
N ALA A 589 -1.49 -29.49 -10.95
CA ALA A 589 -2.10 -28.60 -11.92
C ALA A 589 -3.37 -27.96 -11.36
N GLU A 590 -4.18 -28.74 -10.64
CA GLU A 590 -5.36 -28.18 -9.99
C GLU A 590 -4.96 -27.14 -8.94
N LYS A 591 -3.91 -27.43 -8.16
CA LYS A 591 -3.47 -26.49 -7.15
C LYS A 591 -3.03 -25.17 -7.78
N ILE A 592 -2.19 -25.24 -8.81
CA ILE A 592 -1.70 -24.00 -9.42
C ILE A 592 -2.83 -23.27 -10.15
N SER A 593 -3.79 -24.02 -10.73
CA SER A 593 -4.90 -23.36 -11.40
C SER A 593 -5.81 -22.63 -10.41
N TYR A 594 -6.10 -23.25 -9.26
CA TYR A 594 -6.91 -22.57 -8.26
C TYR A 594 -6.18 -21.36 -7.70
N TRP A 595 -4.86 -21.47 -7.51
CA TRP A 595 -4.10 -20.32 -7.04
C TRP A 595 -4.13 -19.18 -8.05
N LYS A 596 -3.98 -19.50 -9.34
CA LYS A 596 -4.03 -18.47 -10.37
C LYS A 596 -5.40 -17.83 -10.45
N GLN A 597 -6.46 -18.63 -10.31
CA GLN A 597 -7.82 -18.09 -10.30
C GLN A 597 -8.03 -17.15 -9.13
N PHE A 598 -7.53 -17.50 -7.95
CA PHE A 598 -7.63 -16.61 -6.81
C PHE A 598 -6.84 -15.32 -7.03
N GLU A 599 -5.63 -15.44 -7.59
CA GLU A 599 -4.78 -14.27 -7.77
C GLU A 599 -5.36 -13.30 -8.80
N HIS A 600 -5.99 -13.83 -9.85
CA HIS A 600 -6.61 -12.97 -10.84
C HIS A 600 -7.78 -12.20 -10.26
N GLY A 601 -8.57 -12.83 -9.39
CA GLY A 601 -9.64 -12.12 -8.72
C GLY A 601 -11.05 -12.66 -8.86
N MET A 602 -11.21 -13.97 -9.09
CA MET A 602 -12.54 -14.57 -9.03
C MET A 602 -12.80 -15.31 -7.72
N LEU A 603 -11.88 -16.17 -7.31
CA LEU A 603 -12.10 -16.96 -6.11
C LEU A 603 -12.06 -16.10 -4.86
N ALA A 604 -12.97 -16.38 -3.94
CA ALA A 604 -12.99 -15.69 -2.65
C ALA A 604 -11.97 -16.35 -1.72
N ARG A 605 -11.68 -15.65 -0.62
CA ARG A 605 -10.72 -16.17 0.35
C ARG A 605 -11.23 -17.47 0.96
N GLU A 606 -12.50 -17.49 1.35
CA GLU A 606 -13.09 -18.72 1.88
C GLU A 606 -13.17 -19.81 0.81
N ALA A 607 -13.55 -19.42 -0.42
CA ALA A 607 -13.63 -20.39 -1.51
C ALA A 607 -12.25 -20.94 -1.87
N LEU A 608 -11.24 -20.08 -1.92
CA LEU A 608 -9.88 -20.55 -2.16
C LEU A 608 -9.41 -21.48 -1.05
N ARG A 609 -9.69 -21.11 0.20
CA ARG A 609 -9.27 -21.94 1.33
C ARG A 609 -9.92 -23.31 1.26
N LEU A 610 -11.22 -23.36 0.99
CA LEU A 610 -11.93 -24.63 0.88
C LEU A 610 -11.38 -25.46 -0.28
N LEU A 611 -11.13 -24.82 -1.42
CA LEU A 611 -10.66 -25.55 -2.59
C LEU A 611 -9.28 -26.15 -2.36
N VAL A 612 -8.35 -25.35 -1.84
CA VAL A 612 -6.99 -25.87 -1.63
C VAL A 612 -6.97 -26.88 -0.49
N GLN A 613 -7.80 -26.70 0.54
CA GLN A 613 -7.85 -27.67 1.63
C GLN A 613 -8.40 -29.00 1.14
N HIS A 614 -9.45 -28.98 0.33
CA HIS A 614 -9.97 -30.22 -0.24
C HIS A 614 -8.97 -30.86 -1.19
N ALA A 615 -8.24 -30.05 -1.96
CA ALA A 615 -7.20 -30.61 -2.83
C ALA A 615 -6.11 -31.30 -2.02
N GLU A 616 -5.68 -30.67 -0.92
CA GLU A 616 -4.67 -31.29 -0.07
C GLU A 616 -5.18 -32.57 0.57
N VAL A 617 -6.45 -32.59 0.99
CA VAL A 617 -7.03 -33.79 1.56
C VAL A 617 -7.11 -34.90 0.51
N ALA A 618 -7.53 -34.57 -0.71
CA ALA A 618 -7.76 -35.55 -1.76
C ALA A 618 -6.50 -35.94 -2.51
N ALA A 619 -5.35 -35.30 -2.21
CA ALA A 619 -4.10 -35.67 -2.86
C ALA A 619 -3.75 -37.14 -2.63
N ASP A 620 -4.05 -37.66 -1.44
CA ASP A 620 -3.74 -39.05 -1.12
C ASP A 620 -4.83 -40.02 -1.57
N GLU A 621 -5.93 -39.52 -2.14
CA GLU A 621 -7.01 -40.40 -2.58
C GLU A 621 -6.61 -41.11 -3.88
N LYS A 622 -7.01 -42.38 -3.98
CA LYS A 622 -6.74 -43.19 -5.15
C LYS A 622 -7.99 -43.61 -5.91
N ASP A 623 -9.14 -43.70 -5.24
CA ASP A 623 -10.37 -44.06 -5.93
C ASP A 623 -10.86 -42.96 -6.85
N GLN A 624 -10.87 -41.73 -6.35
CA GLN A 624 -11.31 -40.57 -7.12
C GLN A 624 -10.34 -39.42 -6.91
N PHE A 625 -10.26 -38.54 -7.91
CA PHE A 625 -9.41 -37.36 -7.78
C PHE A 625 -10.07 -36.32 -6.89
N ILE A 626 -11.24 -35.84 -7.28
CA ILE A 626 -12.01 -34.89 -6.50
C ILE A 626 -13.44 -35.40 -6.42
N LEU A 627 -13.95 -35.54 -5.20
CA LEU A 627 -15.30 -36.04 -5.01
C LEU A 627 -16.31 -34.90 -5.12
N VAL A 628 -17.32 -35.10 -5.97
CA VAL A 628 -18.33 -34.05 -6.19
C VAL A 628 -19.18 -33.83 -4.95
N ASP A 629 -19.46 -34.89 -4.18
CA ASP A 629 -20.33 -34.75 -3.02
C ASP A 629 -19.67 -33.93 -1.91
N ASP A 630 -18.34 -33.97 -1.81
CA ASP A 630 -17.65 -33.15 -0.82
C ASP A 630 -17.78 -31.66 -1.12
N LEU A 631 -18.10 -31.29 -2.36
CA LEU A 631 -18.40 -29.91 -2.71
C LEU A 631 -19.89 -29.63 -2.71
N LYS A 632 -20.71 -30.65 -2.95
CA LYS A 632 -22.15 -30.53 -2.74
C LYS A 632 -22.44 -30.19 -1.29
N LYS A 633 -21.65 -30.76 -0.37
CA LYS A 633 -21.71 -30.36 1.03
C LYS A 633 -21.28 -28.91 1.24
N SER A 634 -20.63 -28.29 0.24
CA SER A 634 -20.21 -26.91 0.35
C SER A 634 -21.18 -25.93 -0.27
N TRP A 635 -21.95 -26.34 -1.29
CA TRP A 635 -22.94 -25.43 -1.87
C TRP A 635 -24.38 -25.75 -1.48
N GLN A 636 -24.70 -27.00 -1.14
CA GLN A 636 -26.06 -27.38 -0.76
C GLN A 636 -26.15 -27.48 0.76
N ILE A 637 -26.28 -26.32 1.40
CA ILE A 637 -26.38 -26.25 2.86
C ILE A 637 -27.61 -25.44 3.23
N LYS A 638 -28.27 -24.85 2.23
CA LYS A 638 -29.34 -23.90 2.49
C LYS A 638 -30.70 -24.56 2.70
N GLY A 639 -30.76 -25.89 2.77
CA GLY A 639 -31.99 -26.55 3.16
C GLY A 639 -32.14 -26.60 4.66
N ILE A 640 -32.15 -25.42 5.28
CA ILE A 640 -32.09 -25.28 6.74
C ILE A 640 -33.21 -24.35 7.19
N TYR A 641 -33.18 -24.03 8.48
CA TYR A 641 -34.22 -23.18 9.08
C TYR A 641 -34.40 -21.81 8.43
N PRO A 642 -33.35 -21.06 8.01
CA PRO A 642 -33.61 -19.74 7.40
C PRO A 642 -34.56 -19.75 6.22
N TRP A 643 -34.48 -20.77 5.35
CA TRP A 643 -35.37 -20.84 4.20
C TRP A 643 -36.83 -21.01 4.64
N LEU A 644 -37.08 -21.92 5.58
CA LEU A 644 -38.44 -22.14 6.06
C LEU A 644 -38.96 -20.92 6.82
N LYS A 645 -38.09 -20.26 7.58
CA LYS A 645 -38.49 -19.05 8.29
C LYS A 645 -38.86 -17.93 7.30
N ARG A 646 -38.08 -17.78 6.23
CA ARG A 646 -38.40 -16.80 5.21
C ARG A 646 -39.74 -17.12 4.54
N LYS A 647 -39.98 -18.39 4.24
CA LYS A 647 -41.27 -18.78 3.65
C LYS A 647 -42.43 -18.50 4.60
N LEU A 648 -42.24 -18.79 5.89
CA LEU A 648 -43.29 -18.54 6.87
C LEU A 648 -43.57 -17.05 7.02
N GLU A 649 -42.53 -16.22 7.05
CA GLU A 649 -42.74 -14.78 7.14
C GLU A 649 -43.38 -14.23 5.87
N ASP A 650 -43.05 -14.82 4.71
CA ASP A 650 -43.70 -14.41 3.47
C ASP A 650 -45.19 -14.73 3.48
N LEU A 651 -45.55 -15.93 3.93
CA LEU A 651 -46.96 -16.27 3.97
C LEU A 651 -47.69 -15.55 5.11
N ILE A 652 -46.94 -15.05 6.09
CA ILE A 652 -47.53 -14.23 7.14
C ILE A 652 -47.84 -12.84 6.60
N LEU A 811 -47.91 -3.48 19.40
CA LEU A 811 -47.64 -4.53 18.44
C LEU A 811 -47.40 -3.96 17.05
N ARG A 812 -47.54 -2.64 16.93
CA ARG A 812 -47.26 -1.98 15.65
C ARG A 812 -45.77 -2.06 15.32
N LEU A 813 -44.92 -1.98 16.33
CA LEU A 813 -43.48 -2.16 16.12
C LEU A 813 -43.16 -3.57 15.63
N THR A 814 -43.92 -4.57 16.07
CA THR A 814 -43.75 -5.92 15.52
C THR A 814 -44.12 -5.96 14.04
N LYS A 815 -45.19 -5.25 13.67
CA LYS A 815 -45.59 -5.18 12.26
C LYS A 815 -44.52 -4.50 11.42
N ALA A 816 -43.88 -3.45 11.96
CA ALA A 816 -42.81 -2.79 11.24
C ALA A 816 -41.54 -3.63 11.19
N LEU A 817 -41.30 -4.45 12.23
CA LEU A 817 -40.13 -5.29 12.29
C LEU A 817 -40.24 -6.54 11.42
N ILE A 818 -41.46 -6.95 11.08
CA ILE A 818 -41.63 -8.16 10.27
C ILE A 818 -40.94 -8.07 8.91
N PRO A 819 -41.08 -6.99 8.12
CA PRO A 819 -40.32 -6.93 6.85
C PRO A 819 -38.82 -6.81 7.03
N LYS A 820 -38.35 -6.39 8.21
CA LYS A 820 -36.92 -6.20 8.40
C LYS A 820 -36.18 -7.50 8.69
N LEU A 821 -36.88 -8.58 9.02
CA LEU A 821 -36.25 -9.89 9.12
C LEU A 821 -36.08 -10.54 7.75
N ILE A 822 -36.88 -10.14 6.76
CA ILE A 822 -36.74 -10.65 5.41
C ILE A 822 -35.38 -10.26 4.84
N LEU A 823 -34.96 -9.02 5.05
CA LEU A 823 -33.66 -8.57 4.55
C LEU A 823 -32.51 -9.34 5.20
N VAL A 824 -32.59 -9.57 6.52
CA VAL A 824 -31.48 -10.26 7.19
C VAL A 824 -31.45 -11.74 6.82
N VAL A 825 -32.61 -12.37 6.61
CA VAL A 825 -32.57 -13.77 6.20
C VAL A 825 -32.12 -13.90 4.75
N ASN A 826 -32.45 -12.90 3.91
CA ASN A 826 -31.92 -12.88 2.55
C ASN A 826 -30.40 -12.74 2.55
N GLY A 827 -29.88 -11.87 3.42
CA GLY A 827 -28.44 -11.76 3.55
C GLY A 827 -27.79 -13.04 4.05
N LYS A 828 -28.45 -13.72 4.99
CA LYS A 828 -27.91 -14.98 5.49
C LYS A 828 -27.89 -16.05 4.41
N ILE A 829 -28.91 -16.08 3.54
CA ILE A 829 -28.91 -17.03 2.43
C ILE A 829 -27.84 -16.66 1.41
N ASN A 830 -27.68 -15.36 1.14
CA ASN A 830 -26.69 -14.89 0.17
C ASN A 830 -25.28 -15.22 0.60
N ASN A 831 -24.98 -15.09 1.90
CA ASN A 831 -23.62 -15.34 2.39
C ASN A 831 -23.17 -16.77 2.16
N GLN A 832 -24.10 -17.72 2.01
CA GLN A 832 -23.77 -19.10 1.68
C GLN A 832 -23.86 -19.39 0.19
N LEU A 833 -24.84 -18.79 -0.49
CA LEU A 833 -24.97 -19.00 -1.93
C LEU A 833 -23.74 -18.48 -2.67
N SER A 834 -23.20 -17.34 -2.22
CA SER A 834 -22.00 -16.79 -2.86
C SER A 834 -20.82 -17.73 -2.73
N LEU A 835 -20.62 -18.30 -1.54
CA LEU A 835 -19.53 -19.24 -1.33
C LEU A 835 -19.72 -20.49 -2.20
N GLY A 836 -20.95 -21.00 -2.28
CA GLY A 836 -21.20 -22.18 -3.10
C GLY A 836 -20.92 -21.92 -4.57
N TYR A 837 -21.38 -20.78 -5.08
CA TYR A 837 -21.14 -20.43 -6.47
C TYR A 837 -19.66 -20.25 -6.75
N ASP A 838 -18.94 -19.56 -5.85
CA ASP A 838 -17.51 -19.36 -6.06
C ASP A 838 -16.76 -20.69 -6.08
N VAL A 839 -17.09 -21.59 -5.16
CA VAL A 839 -16.40 -22.87 -5.09
C VAL A 839 -16.66 -23.70 -6.35
N GLY A 840 -17.93 -23.77 -6.77
CA GLY A 840 -18.25 -24.55 -7.96
C GLY A 840 -17.64 -23.99 -9.23
N LYS A 841 -17.70 -22.67 -9.39
CA LYS A 841 -17.11 -22.03 -10.57
C LYS A 841 -15.60 -22.22 -10.59
N GLY A 842 -14.94 -22.09 -9.44
CA GLY A 842 -13.51 -22.31 -9.39
C GLY A 842 -13.12 -23.73 -9.76
N TYR A 843 -13.87 -24.72 -9.26
CA TYR A 843 -13.59 -26.09 -9.63
C TYR A 843 -13.81 -26.31 -11.13
N ILE A 844 -14.87 -25.72 -11.69
CA ILE A 844 -15.15 -25.88 -13.11
C ILE A 844 -14.00 -25.33 -13.96
N ILE A 845 -13.55 -24.12 -13.62
CA ILE A 845 -12.50 -23.48 -14.41
C ILE A 845 -11.19 -24.23 -14.28
N GLY A 846 -10.84 -24.65 -13.05
CA GLY A 846 -9.62 -25.42 -12.86
C GLY A 846 -9.64 -26.74 -13.60
N GLU A 847 -10.79 -27.43 -13.59
CA GLU A 847 -10.92 -28.68 -14.31
C GLU A 847 -10.75 -28.46 -15.81
N GLU A 848 -11.36 -27.39 -16.34
CA GLU A 848 -11.20 -27.10 -17.77
C GLU A 848 -9.74 -26.82 -18.12
N GLU A 849 -9.04 -26.06 -17.28
CA GLU A 849 -7.64 -25.74 -17.55
C GLU A 849 -6.76 -26.99 -17.49
N VAL A 850 -6.94 -27.83 -16.47
CA VAL A 850 -6.11 -29.03 -16.37
C VAL A 850 -6.43 -29.99 -17.51
N GLY A 851 -7.69 -30.09 -17.92
CA GLY A 851 -8.03 -30.91 -19.06
C GLY A 851 -7.40 -30.41 -20.34
N LYS A 852 -7.26 -29.09 -20.48
CA LYS A 852 -6.57 -28.55 -21.65
C LYS A 852 -5.06 -28.73 -21.56
N ILE A 853 -4.52 -28.89 -20.35
CA ILE A 853 -3.07 -29.00 -20.20
C ILE A 853 -2.58 -30.43 -19.95
N ILE A 854 -3.46 -31.36 -19.57
CA ILE A 854 -3.00 -32.69 -19.21
C ILE A 854 -2.70 -33.53 -20.46
N ASP A 855 -3.24 -33.15 -21.61
CA ASP A 855 -3.10 -33.97 -22.80
C ASP A 855 -1.67 -33.96 -23.33
N ARG A 856 -1.02 -32.79 -23.31
CA ARG A 856 0.35 -32.71 -23.82
C ARG A 856 1.34 -33.38 -22.87
N MET A 857 1.01 -33.45 -21.58
CA MET A 857 1.93 -34.02 -20.61
C MET A 857 1.83 -35.56 -20.58
N VAL A 858 0.62 -36.10 -20.64
CA VAL A 858 0.42 -37.54 -20.57
C VAL A 858 0.69 -38.15 -21.94
N ASP A 859 1.48 -39.23 -21.95
CA ASP A 859 1.86 -39.91 -23.18
C ASP A 859 1.19 -41.27 -23.37
N ASN A 860 0.50 -41.79 -22.35
CA ASN A 860 -0.18 -43.07 -22.44
C ASN A 860 -1.61 -42.83 -22.91
N LYS A 861 -1.97 -43.42 -24.06
CA LYS A 861 -3.25 -43.11 -24.69
C LYS A 861 -4.42 -43.61 -23.87
N LYS A 862 -4.36 -44.86 -23.39
CA LYS A 862 -5.46 -45.40 -22.60
C LYS A 862 -5.58 -44.68 -21.27
N ILE A 863 -4.44 -44.34 -20.66
CA ILE A 863 -4.45 -43.62 -19.39
C ILE A 863 -5.14 -42.26 -19.56
N LEU A 864 -4.72 -41.49 -20.56
CA LEU A 864 -5.32 -40.17 -20.76
C LEU A 864 -6.78 -40.28 -21.18
N ARG A 865 -7.15 -41.36 -21.88
CA ARG A 865 -8.56 -41.57 -22.21
C ARG A 865 -9.40 -41.75 -20.95
N GLU A 866 -8.94 -42.61 -20.04
CA GLU A 866 -9.67 -42.81 -18.79
C GLU A 866 -9.70 -41.54 -17.95
N LEU A 867 -8.58 -40.80 -17.93
CA LEU A 867 -8.50 -39.58 -17.14
C LEU A 867 -9.46 -38.52 -17.68
N LYS A 868 -9.50 -38.36 -19.00
CA LYS A 868 -10.43 -37.42 -19.61
C LYS A 868 -11.87 -37.85 -19.35
N HIS A 869 -12.15 -39.15 -19.41
CA HIS A 869 -13.50 -39.64 -19.14
C HIS A 869 -13.95 -39.30 -17.73
N ILE A 870 -13.12 -39.59 -16.73
CA ILE A 870 -13.53 -39.36 -15.35
C ILE A 870 -13.64 -37.86 -15.06
N SER A 871 -12.70 -37.06 -15.60
CA SER A 871 -12.77 -35.62 -15.39
C SER A 871 -14.01 -35.02 -16.05
N GLU A 872 -14.34 -35.48 -17.26
CA GLU A 872 -15.53 -34.99 -17.94
C GLU A 872 -16.79 -35.35 -17.15
N THR A 873 -16.87 -36.59 -16.64
CA THR A 873 -18.04 -36.98 -15.86
C THR A 873 -18.19 -36.11 -14.63
N GLY A 874 -17.09 -35.88 -13.91
CA GLY A 874 -17.15 -34.99 -12.75
C GLY A 874 -17.61 -33.60 -13.11
N ARG A 875 -17.13 -33.08 -14.24
CA ARG A 875 -17.52 -31.74 -14.69
C ARG A 875 -19.02 -31.66 -14.99
N LEU A 876 -19.56 -32.68 -15.67
CA LEU A 876 -21.00 -32.67 -15.93
C LEU A 876 -21.81 -32.72 -14.65
N GLN A 877 -21.38 -33.55 -13.68
CA GLN A 877 -22.12 -33.60 -12.42
C GLN A 877 -22.11 -32.26 -11.69
N VAL A 878 -20.95 -31.60 -11.62
CA VAL A 878 -20.92 -30.35 -10.86
C VAL A 878 -21.71 -29.26 -11.57
N VAL A 879 -21.64 -29.21 -12.91
CA VAL A 879 -22.39 -28.16 -13.62
C VAL A 879 -23.88 -28.41 -13.53
N LYS A 880 -24.31 -29.69 -13.57
CA LYS A 880 -25.73 -29.98 -13.40
C LYS A 880 -26.22 -29.63 -12.02
N GLU A 881 -25.43 -29.94 -10.98
CA GLU A 881 -25.82 -29.59 -9.62
C GLU A 881 -25.91 -28.08 -9.44
N LEU A 882 -24.96 -27.34 -10.01
CA LEU A 882 -25.00 -25.88 -9.91
C LEU A 882 -26.20 -25.30 -10.64
N GLY A 883 -26.54 -25.85 -11.81
CA GLY A 883 -27.72 -25.37 -12.52
C GLY A 883 -29.00 -25.62 -11.75
N LEU A 884 -29.14 -26.82 -11.17
CA LEU A 884 -30.33 -27.11 -10.37
C LEU A 884 -30.38 -26.23 -9.12
N LEU A 885 -29.22 -25.95 -8.51
CA LEU A 885 -29.17 -25.05 -7.37
C LEU A 885 -29.63 -23.65 -7.74
N GLN A 886 -29.22 -23.18 -8.93
CA GLN A 886 -29.72 -21.89 -9.41
C GLN A 886 -31.22 -21.94 -9.64
N ARG A 887 -31.71 -23.08 -10.11
CA ARG A 887 -33.15 -23.24 -10.31
C ARG A 887 -33.91 -23.14 -8.98
N GLU A 888 -33.32 -23.66 -7.90
CA GLU A 888 -34.02 -23.69 -6.62
C GLU A 888 -34.28 -22.30 -6.06
N HIS A 889 -33.30 -21.40 -6.14
CA HIS A 889 -33.38 -20.08 -5.51
C HIS A 889 -33.07 -18.99 -6.53
N PRO A 890 -34.08 -18.52 -7.28
CA PRO A 890 -33.81 -17.60 -8.39
C PRO A 890 -33.29 -16.22 -8.00
N GLY A 891 -33.99 -15.51 -7.11
CA GLY A 891 -33.66 -14.11 -6.85
C GLY A 891 -32.31 -13.92 -6.19
N ILE A 892 -32.00 -14.76 -5.19
CA ILE A 892 -30.71 -14.68 -4.55
C ILE A 892 -29.60 -15.04 -5.53
N ALA A 893 -29.88 -15.97 -6.45
CA ALA A 893 -28.91 -16.33 -7.48
C ALA A 893 -28.62 -15.15 -8.39
N VAL A 894 -29.66 -14.43 -8.82
CA VAL A 894 -29.45 -13.26 -9.67
C VAL A 894 -28.63 -12.21 -8.92
N SER A 895 -28.92 -12.04 -7.63
CA SER A 895 -28.18 -11.07 -6.83
C SER A 895 -26.70 -11.43 -6.72
N VAL A 896 -26.39 -12.70 -6.45
CA VAL A 896 -24.98 -13.06 -6.30
C VAL A 896 -24.25 -13.00 -7.64
N LYS A 897 -24.93 -13.34 -8.74
CA LYS A 897 -24.29 -13.20 -10.05
C LYS A 897 -23.96 -11.74 -10.35
N THR A 898 -24.88 -10.82 -10.01
CA THR A 898 -24.59 -9.40 -10.20
C THR A 898 -23.42 -8.95 -9.33
N ARG A 899 -23.39 -9.40 -8.08
CA ARG A 899 -22.27 -9.07 -7.18
C ARG A 899 -20.95 -9.58 -7.74
N GLN A 900 -20.95 -10.81 -8.26
CA GLN A 900 -19.73 -11.38 -8.82
C GLN A 900 -19.25 -10.62 -10.05
N ALA A 901 -20.19 -10.21 -10.92
CA ALA A 901 -19.81 -9.44 -12.10
C ALA A 901 -19.17 -8.12 -11.71
N ILE A 902 -19.79 -7.39 -10.79
CA ILE A 902 -19.23 -6.08 -10.40
C ILE A 902 -17.92 -6.26 -9.64
N ARG A 903 -17.79 -7.33 -8.84
CA ARG A 903 -16.55 -7.58 -8.14
C ARG A 903 -15.40 -7.89 -9.10
N THR A 904 -15.69 -8.67 -10.16
CA THR A 904 -14.67 -8.96 -11.17
C THR A 904 -14.28 -7.69 -11.91
N ILE A 905 -15.25 -6.83 -12.21
CA ILE A 905 -14.95 -5.56 -12.87
C ILE A 905 -14.03 -4.71 -12.01
N LEU A 906 -14.32 -4.62 -10.70
CA LEU A 906 -13.49 -3.83 -9.81
C LEU A 906 -12.10 -4.43 -9.64
N ASN A 907 -12.01 -5.76 -9.58
CA ASN A 907 -10.71 -6.41 -9.47
C ASN A 907 -9.85 -6.14 -10.71
N HIS A 908 -10.46 -6.16 -11.89
CA HIS A 908 -9.70 -5.87 -13.09
C HIS A 908 -9.32 -4.39 -13.18
N SER A 909 -10.15 -3.50 -12.64
CA SER A 909 -9.73 -2.09 -12.54
C SER A 909 -8.52 -1.94 -11.63
N ARG A 910 -8.52 -2.65 -10.50
CA ARG A 910 -7.37 -2.65 -9.60
C ARG A 910 -6.12 -3.19 -10.29
N GLU A 911 -6.28 -4.26 -11.07
CA GLU A 911 -5.15 -4.81 -11.81
C GLU A 911 -4.64 -3.82 -12.86
N THR A 912 -5.55 -3.07 -13.48
CA THR A 912 -5.14 -2.03 -14.42
C THR A 912 -4.32 -0.96 -13.72
N ILE A 913 -4.73 -0.56 -12.52
CA ILE A 913 -3.95 0.41 -11.74
C ILE A 913 -2.56 -0.14 -11.44
N HIS A 914 -2.48 -1.40 -11.01
CA HIS A 914 -1.19 -1.99 -10.68
C HIS A 914 -0.29 -2.08 -11.91
N GLU A 915 -0.85 -2.48 -13.05
CA GLU A 915 -0.06 -2.59 -14.27
C GLU A 915 0.41 -1.22 -14.75
N LEU A 916 -0.44 -0.20 -14.61
CA LEU A 916 -0.02 1.15 -14.96
C LEU A 916 1.10 1.64 -14.06
N GLN A 917 1.07 1.28 -12.79
CA GLN A 917 2.19 1.59 -11.90
C GLN A 917 3.45 0.85 -12.31
N GLY A 918 3.32 -0.40 -12.73
CA GLY A 918 4.48 -1.19 -13.10
C GLY A 918 5.16 -0.74 -14.38
N ALA A 919 4.49 0.08 -15.18
CA ALA A 919 5.07 0.64 -16.39
C ALA A 919 5.74 1.99 -16.15
N GLY A 920 5.78 2.45 -14.90
CA GLY A 920 6.39 3.74 -14.59
C GLY A 920 5.66 4.94 -15.15
N LEU A 921 4.33 4.93 -15.11
CA LEU A 921 3.52 6.03 -15.63
C LEU A 921 2.63 6.65 -14.58
N LEU A 922 2.76 6.26 -13.32
CA LEU A 922 1.86 6.73 -12.28
C LEU A 922 2.54 6.58 -10.93
N ASP A 923 2.38 7.57 -10.06
CA ASP A 923 3.03 7.62 -8.77
C ASP A 923 2.08 7.14 -7.67
N GLU A 924 2.66 6.96 -6.47
CA GLU A 924 1.89 6.40 -5.36
C GLU A 924 0.78 7.34 -4.89
N MET A 925 0.96 8.66 -5.05
CA MET A 925 -0.09 9.60 -4.66
C MET A 925 -1.34 9.40 -5.51
N GLU A 926 -1.17 9.40 -6.84
CA GLU A 926 -2.31 9.15 -7.72
C GLU A 926 -2.78 7.71 -7.62
N ALA A 927 -1.88 6.78 -7.27
CA ALA A 927 -2.27 5.40 -7.05
C ALA A 927 -3.27 5.30 -5.89
N HIS A 928 -2.95 5.95 -4.77
CA HIS A 928 -3.89 5.99 -3.65
C HIS A 928 -5.15 6.78 -4.03
N LYS A 929 -5.01 7.83 -4.84
CA LYS A 929 -6.17 8.63 -5.25
C LYS A 929 -7.18 7.80 -6.02
N LEU A 930 -6.71 6.96 -6.96
CA LEU A 930 -7.63 6.15 -7.74
C LEU A 930 -8.05 4.87 -7.00
N GLU A 931 -7.16 4.31 -6.18
CA GLU A 931 -7.53 3.18 -5.34
C GLU A 931 -8.62 3.56 -4.36
N LEU A 932 -8.62 4.80 -3.88
CA LEU A 932 -9.70 5.26 -3.00
C LEU A 932 -11.03 5.27 -3.72
N THR A 933 -11.05 5.71 -4.98
CA THR A 933 -12.28 5.67 -5.76
C THR A 933 -12.75 4.24 -5.98
N VAL A 934 -11.81 3.33 -6.26
CA VAL A 934 -12.18 1.92 -6.45
C VAL A 934 -12.76 1.34 -5.16
N GLU A 935 -12.15 1.65 -4.02
CA GLU A 935 -12.63 1.16 -2.73
C GLU A 935 -13.98 1.77 -2.37
N ILE A 936 -14.20 3.03 -2.73
CA ILE A 936 -15.49 3.67 -2.52
C ILE A 936 -16.57 2.97 -3.35
N LYS A 937 -16.24 2.65 -4.61
CA LYS A 937 -17.19 1.94 -5.45
C LYS A 937 -17.50 0.55 -4.89
N MET A 938 -16.48 -0.12 -4.36
CA MET A 938 -16.71 -1.42 -3.72
C MET A 938 -17.60 -1.29 -2.50
N LYS A 939 -17.37 -0.26 -1.69
CA LYS A 939 -18.19 -0.05 -0.49
C LYS A 939 -19.64 0.23 -0.85
N ARG A 940 -19.88 1.06 -1.86
CA ARG A 940 -21.24 1.31 -2.31
C ARG A 940 -21.85 0.10 -3.01
N LEU A 941 -21.02 -0.79 -3.56
CA LEU A 941 -21.54 -2.03 -4.12
C LEU A 941 -22.00 -2.99 -3.03
N MET A 942 -21.24 -3.08 -1.93
CA MET A 942 -21.60 -3.99 -0.85
C MET A 942 -22.85 -3.57 -0.09
N ASN A 943 -23.35 -2.35 -0.32
CA ASN A 943 -24.58 -1.90 0.29
C ASN A 943 -25.81 -2.15 -0.59
N ALA A 944 -25.62 -2.83 -1.73
CA ALA A 944 -26.72 -3.08 -2.65
C ALA A 944 -27.70 -4.09 -2.06
N PRO A 945 -28.95 -4.06 -2.50
CA PRO A 945 -29.92 -5.08 -2.08
C PRO A 945 -29.47 -6.48 -2.49
N SER A 946 -29.77 -7.44 -1.64
CA SER A 946 -29.36 -8.83 -1.84
C SER A 946 -30.48 -9.70 -2.39
N SER A 947 -31.57 -9.10 -2.88
CA SER A 947 -32.67 -9.85 -3.48
C SER A 947 -33.16 -9.07 -4.69
N ILE A 948 -32.62 -9.40 -5.85
CA ILE A 948 -33.08 -8.85 -7.12
C ILE A 948 -34.08 -9.83 -7.72
N PRO A 949 -35.31 -9.41 -8.00
CA PRO A 949 -36.30 -10.34 -8.57
C PRO A 949 -35.86 -10.81 -9.94
N PRO A 950 -36.19 -12.05 -10.31
CA PRO A 950 -35.84 -12.55 -11.64
C PRO A 950 -36.41 -11.67 -12.74
N PRO A 951 -35.57 -11.26 -13.69
CA PRO A 951 -36.05 -10.38 -14.75
C PRO A 951 -37.01 -11.11 -15.67
N PRO A 952 -37.91 -10.38 -16.33
CA PRO A 952 -38.86 -11.03 -17.26
C PRO A 952 -38.13 -11.57 -18.48
N PRO A 953 -38.75 -12.50 -19.22
CA PRO A 953 -38.07 -13.06 -20.40
C PRO A 953 -37.71 -12.04 -21.46
N GLU A 954 -38.51 -10.98 -21.62
CA GLU A 954 -38.17 -9.93 -22.56
C GLU A 954 -36.91 -9.19 -22.13
N ASN A 955 -36.67 -9.09 -20.82
CA ASN A 955 -35.44 -8.49 -20.32
C ASN A 955 -34.22 -9.33 -20.70
N LEU A 956 -34.35 -10.66 -20.67
CA LEU A 956 -33.28 -11.52 -21.17
C LEU A 956 -33.11 -11.37 -22.67
N LEU A 957 -34.23 -11.26 -23.41
CA LEU A 957 -34.14 -11.12 -24.85
C LEU A 957 -33.48 -9.81 -25.26
N LYS A 958 -33.63 -8.77 -24.47
CA LYS A 958 -32.97 -7.50 -24.74
C LYS A 958 -31.55 -7.43 -24.18
N ASN A 959 -31.10 -8.46 -23.47
CA ASN A 959 -29.78 -8.48 -22.87
C ASN A 959 -28.79 -9.38 -23.62
N VAL A 960 -29.15 -9.85 -24.81
CA VAL A 960 -28.27 -10.71 -25.59
C VAL A 960 -27.07 -9.90 -26.05
N SER A 961 -25.90 -10.56 -26.14
CA SER A 961 -24.66 -9.86 -26.43
C SER A 961 -24.67 -9.23 -27.82
N TRP A 962 -25.24 -9.91 -28.81
CA TRP A 962 -25.30 -9.40 -30.17
C TRP A 962 -26.61 -8.71 -30.49
N LEU A 963 -27.35 -8.25 -29.46
CA LEU A 963 -28.58 -7.50 -29.66
C LEU A 963 -28.58 -6.15 -28.96
N ALA A 964 -27.69 -5.93 -28.00
CA ALA A 964 -27.67 -4.67 -27.27
C ALA A 964 -27.12 -3.54 -28.14
N GLY A 965 -27.60 -2.33 -27.87
CA GLY A 965 -27.13 -1.14 -28.56
C GLY A 965 -28.03 -0.66 -29.67
N ASP A 966 -28.94 -1.50 -30.17
CA ASP A 966 -29.81 -1.17 -31.28
C ASP A 966 -31.25 -1.43 -30.86
N MET A 967 -32.00 -0.36 -30.57
CA MET A 967 -33.38 -0.50 -30.12
C MET A 967 -34.26 -1.10 -31.21
N LYS A 968 -34.03 -0.70 -32.47
CA LYS A 968 -34.82 -1.23 -33.58
C LYS A 968 -34.60 -2.72 -33.76
N LEU A 969 -33.38 -3.21 -33.49
CA LEU A 969 -33.12 -4.64 -33.57
C LEU A 969 -33.93 -5.41 -32.54
N ILE A 970 -33.99 -4.92 -31.30
CA ILE A 970 -34.78 -5.59 -30.27
C ILE A 970 -36.26 -5.51 -30.60
N ASP A 971 -36.72 -4.39 -31.17
CA ASP A 971 -38.11 -4.29 -31.60
C ASP A 971 -38.43 -5.31 -32.68
N PHE A 972 -37.54 -5.44 -33.67
CA PHE A 972 -37.75 -6.40 -34.75
C PHE A 972 -37.76 -7.83 -34.24
N ILE A 973 -36.86 -8.15 -33.31
CA ILE A 973 -36.81 -9.50 -32.76
C ILE A 973 -38.05 -9.79 -31.91
N LYS A 974 -38.42 -8.85 -31.04
CA LYS A 974 -39.56 -9.05 -30.15
C LYS A 974 -40.88 -9.11 -30.92
N ALA A 975 -40.95 -8.45 -32.07
CA ALA A 975 -42.19 -8.46 -32.85
C ALA A 975 -42.49 -9.83 -33.45
N ARG A 976 -41.49 -10.69 -33.61
CA ARG A 976 -41.71 -11.98 -34.26
C ARG A 976 -40.96 -13.11 -33.59
N ALA A 977 -40.76 -13.05 -32.29
CA ALA A 977 -40.20 -14.15 -31.52
C ALA A 977 -41.32 -14.98 -30.91
N SER A 978 -41.03 -16.26 -30.67
CA SER A 978 -42.02 -17.19 -30.14
C SER A 978 -41.56 -17.76 -28.80
N LEU A 979 -42.49 -17.86 -27.86
CA LEU A 979 -42.22 -18.43 -26.54
C LEU A 979 -42.68 -19.88 -26.53
N LEU A 980 -41.75 -20.80 -26.28
CA LEU A 980 -42.01 -22.22 -26.37
C LEU A 980 -41.86 -22.86 -25.00
N HIS A 981 -42.83 -23.68 -24.62
CA HIS A 981 -42.87 -24.39 -23.35
C HIS A 981 -42.60 -25.86 -23.61
N PHE A 982 -41.73 -26.47 -22.79
CA PHE A 982 -41.44 -27.89 -22.90
C PHE A 982 -41.44 -28.51 -21.52
N ASP A 983 -41.87 -29.78 -21.46
CA ASP A 983 -41.93 -30.54 -20.24
C ASP A 983 -40.76 -31.51 -20.16
N TYR A 984 -40.78 -32.39 -19.16
CA TYR A 984 -39.70 -33.35 -18.96
C TYR A 984 -39.68 -34.35 -20.11
N GLY A 985 -38.48 -34.61 -20.63
CA GLY A 985 -38.28 -35.66 -21.60
C GLY A 985 -38.48 -35.28 -23.04
N GLU A 986 -38.92 -34.06 -23.33
CA GLU A 986 -39.13 -33.65 -24.71
C GLU A 986 -37.80 -33.42 -25.41
N VAL A 987 -37.79 -33.69 -26.72
CA VAL A 987 -36.63 -33.46 -27.56
C VAL A 987 -36.96 -32.34 -28.53
N ILE A 988 -36.16 -31.28 -28.51
CA ILE A 988 -36.40 -30.11 -29.35
C ILE A 988 -35.73 -30.25 -30.71
N VAL A 989 -34.44 -30.57 -30.74
CA VAL A 989 -33.72 -30.81 -31.99
C VAL A 989 -32.84 -32.03 -31.83
N ARG A 990 -32.54 -32.68 -32.96
CA ARG A 990 -31.71 -33.86 -33.02
C ARG A 990 -30.58 -33.65 -34.02
N GLU A 991 -29.66 -34.60 -34.05
CA GLU A 991 -28.52 -34.53 -34.97
C GLU A 991 -28.97 -34.69 -36.41
N GLY A 992 -28.36 -33.90 -37.29
CA GLY A 992 -28.63 -34.00 -38.72
C GLY A 992 -29.86 -33.25 -39.20
N ASP A 993 -30.63 -32.65 -38.30
CA ASP A 993 -31.80 -31.89 -38.71
C ASP A 993 -31.40 -30.52 -39.26
N GLU A 994 -32.21 -30.02 -40.18
CA GLU A 994 -31.99 -28.71 -40.77
C GLU A 994 -32.18 -27.65 -39.69
N SER A 995 -31.30 -26.65 -39.68
CA SER A 995 -31.32 -25.64 -38.63
C SER A 995 -32.56 -24.77 -38.77
N ASP A 996 -33.62 -25.13 -38.03
CA ASP A 996 -34.89 -24.42 -38.14
C ASP A 996 -34.78 -22.98 -37.65
N GLY A 997 -33.94 -22.73 -36.65
CA GLY A 997 -33.80 -21.38 -36.14
C GLY A 997 -32.89 -21.34 -34.94
N LEU A 998 -32.89 -20.18 -34.29
CA LEU A 998 -32.01 -19.89 -33.16
C LEU A 998 -32.83 -19.89 -31.88
N PHE A 999 -32.37 -20.64 -30.88
CA PHE A 999 -33.06 -20.76 -29.61
C PHE A 999 -32.47 -19.81 -28.58
N LEU A 1000 -33.15 -19.71 -27.44
CA LEU A 1000 -32.65 -18.93 -26.31
C LEU A 1000 -33.31 -19.49 -25.06
N ILE A 1001 -32.53 -20.19 -24.24
CA ILE A 1001 -33.05 -20.78 -23.02
C ILE A 1001 -33.29 -19.64 -22.02
N VAL A 1002 -34.55 -19.37 -21.72
CA VAL A 1002 -34.90 -18.29 -20.80
C VAL A 1002 -35.38 -18.80 -19.46
N SER A 1003 -35.68 -20.09 -19.33
CA SER A 1003 -35.94 -20.68 -18.02
C SER A 1003 -35.78 -22.19 -18.10
N GLY A 1004 -35.02 -22.76 -17.17
CA GLY A 1004 -34.88 -24.19 -17.04
C GLY A 1004 -33.47 -24.66 -17.33
N LEU A 1005 -33.33 -25.98 -17.43
CA LEU A 1005 -32.06 -26.63 -17.70
C LEU A 1005 -32.22 -27.59 -18.88
N VAL A 1006 -31.17 -27.72 -19.69
CA VAL A 1006 -31.24 -28.44 -20.95
C VAL A 1006 -29.92 -29.16 -21.18
N LYS A 1007 -29.99 -30.35 -21.79
CA LYS A 1007 -28.81 -31.19 -22.00
C LYS A 1007 -28.53 -31.29 -23.49
N LEU A 1008 -27.36 -30.84 -23.91
CA LEU A 1008 -26.95 -30.85 -25.31
C LEU A 1008 -25.86 -31.91 -25.45
N TYR A 1009 -26.19 -33.01 -26.12
CA TYR A 1009 -25.30 -34.16 -26.18
C TYR A 1009 -25.33 -34.78 -27.56
N GLY A 1010 -24.18 -35.17 -28.07
CA GLY A 1010 -24.13 -35.89 -29.33
C GLY A 1010 -22.77 -35.79 -29.97
N LYS A 1011 -22.69 -36.32 -31.19
CA LYS A 1011 -21.46 -36.33 -31.96
C LYS A 1011 -21.15 -34.95 -32.53
N VAL A 1031 -18.94 -36.86 -29.60
CA VAL A 1031 -19.75 -37.51 -28.57
C VAL A 1031 -19.74 -36.67 -27.30
N PHE A 1032 -19.66 -35.35 -27.47
CA PHE A 1032 -19.58 -34.45 -26.34
C PHE A 1032 -20.94 -34.27 -25.67
N GLU A 1033 -20.91 -33.66 -24.49
CA GLU A 1033 -22.10 -33.45 -23.67
C GLU A 1033 -21.89 -32.22 -22.80
N ASP A 1034 -22.87 -31.31 -22.81
CA ASP A 1034 -22.82 -30.11 -22.01
C ASP A 1034 -24.23 -29.81 -21.50
N TYR A 1035 -24.29 -29.02 -20.43
CA TYR A 1035 -25.54 -28.64 -19.81
C TYR A 1035 -25.69 -27.13 -19.85
N LEU A 1036 -26.81 -26.66 -20.39
CA LEU A 1036 -27.06 -25.24 -20.54
C LEU A 1036 -28.27 -24.83 -19.70
N THR A 1037 -28.33 -23.55 -19.38
CA THR A 1037 -29.30 -23.02 -18.42
C THR A 1037 -29.81 -21.70 -18.99
N VAL A 1038 -30.44 -20.88 -18.14
CA VAL A 1038 -31.03 -19.62 -18.58
C VAL A 1038 -29.95 -18.67 -19.09
N GLY A 1039 -30.23 -18.04 -20.23
CA GLY A 1039 -29.36 -17.03 -20.80
C GLY A 1039 -28.46 -17.51 -21.91
N ASN A 1040 -28.47 -18.79 -22.24
CA ASN A 1040 -27.62 -19.35 -23.28
C ASN A 1040 -28.38 -19.47 -24.58
N VAL A 1041 -27.64 -19.49 -25.69
CA VAL A 1041 -28.19 -19.51 -27.03
C VAL A 1041 -27.71 -20.77 -27.74
N ILE A 1042 -28.64 -21.50 -28.34
CA ILE A 1042 -28.34 -22.73 -29.05
C ILE A 1042 -28.63 -22.53 -30.53
N GLY A 1043 -27.64 -22.77 -31.37
CA GLY A 1043 -27.83 -22.73 -32.81
C GLY A 1043 -27.33 -21.49 -33.52
N GLU A 1044 -26.38 -20.75 -32.95
CA GLU A 1044 -25.83 -19.60 -33.64
C GLU A 1044 -25.07 -20.01 -34.89
N MET A 1045 -24.27 -21.08 -34.79
CA MET A 1045 -23.50 -21.55 -35.93
C MET A 1045 -24.40 -22.10 -37.03
N GLY A 1046 -25.46 -22.82 -36.65
CA GLY A 1046 -26.36 -23.40 -37.63
C GLY A 1046 -27.14 -22.36 -38.40
N VAL A 1047 -27.29 -21.16 -37.85
CA VAL A 1047 -27.93 -20.07 -38.56
C VAL A 1047 -26.93 -19.26 -39.37
N LEU A 1048 -25.75 -19.01 -38.80
CA LEU A 1048 -24.75 -18.19 -39.48
C LEU A 1048 -24.18 -18.90 -40.70
N THR A 1049 -23.90 -20.20 -40.59
CA THR A 1049 -23.26 -20.94 -41.66
C THR A 1049 -24.21 -21.85 -42.43
N LYS A 1050 -25.42 -22.09 -41.91
CA LYS A 1050 -26.45 -22.87 -42.59
C LYS A 1050 -26.02 -24.32 -42.84
N LYS A 1051 -25.46 -24.94 -41.80
CA LYS A 1051 -25.24 -26.39 -41.78
C LYS A 1051 -26.16 -27.05 -40.76
N PRO A 1052 -26.49 -28.33 -40.93
CA PRO A 1052 -27.39 -29.00 -40.00
C PRO A 1052 -26.84 -29.06 -38.58
N ARG A 1053 -27.72 -29.45 -37.66
CA ARG A 1053 -27.40 -29.48 -36.24
C ARG A 1053 -26.30 -30.49 -35.94
N ASN A 1054 -25.52 -30.21 -34.89
CA ASN A 1054 -24.37 -31.03 -34.55
C ASN A 1054 -24.63 -32.04 -33.45
N ALA A 1055 -25.58 -31.78 -32.56
CA ALA A 1055 -25.85 -32.70 -31.47
C ALA A 1055 -27.30 -32.62 -31.05
N THR A 1056 -27.77 -33.69 -30.41
CA THR A 1056 -29.17 -33.80 -29.99
C THR A 1056 -29.38 -33.06 -28.68
N VAL A 1057 -30.45 -32.27 -28.62
CA VAL A 1057 -30.76 -31.44 -27.46
C VAL A 1057 -31.99 -32.01 -26.78
N THR A 1058 -31.83 -32.46 -25.53
CA THR A 1058 -32.89 -33.07 -24.75
C THR A 1058 -33.16 -32.24 -23.49
N CYS A 1059 -34.22 -32.62 -22.78
CA CYS A 1059 -34.79 -31.82 -21.72
C CYS A 1059 -34.52 -32.42 -20.35
N GLU A 1060 -34.40 -31.54 -19.36
CA GLU A 1060 -34.25 -31.94 -17.96
C GLU A 1060 -35.41 -31.45 -17.09
N THR A 1061 -35.70 -30.15 -17.10
CA THR A 1061 -36.84 -29.59 -16.41
C THR A 1061 -37.73 -28.86 -17.41
N THR A 1062 -38.88 -28.40 -16.94
CA THR A 1062 -39.83 -27.68 -17.80
C THR A 1062 -39.20 -26.36 -18.24
N VAL A 1063 -38.85 -26.27 -19.53
CA VAL A 1063 -38.05 -25.16 -20.02
C VAL A 1063 -38.94 -24.21 -20.81
N GLN A 1064 -38.74 -22.92 -20.59
CA GLN A 1064 -39.27 -21.88 -21.46
C GLN A 1064 -38.12 -21.35 -22.30
N VAL A 1065 -38.31 -21.35 -23.62
CA VAL A 1065 -37.28 -20.91 -24.55
C VAL A 1065 -37.87 -19.88 -25.51
N TYR A 1066 -36.98 -19.09 -26.11
CA TYR A 1066 -37.34 -18.14 -27.16
C TYR A 1066 -36.84 -18.69 -28.48
N PHE A 1067 -37.74 -18.84 -29.44
CA PHE A 1067 -37.42 -19.38 -30.75
C PHE A 1067 -37.64 -18.29 -31.81
N ILE A 1068 -36.64 -18.12 -32.67
CA ILE A 1068 -36.70 -17.24 -33.83
C ILE A 1068 -36.41 -18.09 -35.06
N THR A 1069 -37.25 -17.99 -36.07
CA THR A 1069 -37.08 -18.79 -37.28
C THR A 1069 -35.84 -18.38 -38.04
N ALA A 1070 -35.28 -19.33 -38.81
CA ALA A 1070 -34.07 -19.05 -39.57
C ALA A 1070 -34.32 -18.04 -40.68
N GLU A 1071 -35.51 -18.08 -41.28
CA GLU A 1071 -35.85 -17.11 -42.33
C GLU A 1071 -35.92 -15.70 -41.75
N ASP A 1072 -36.48 -15.56 -40.55
CA ASP A 1072 -36.51 -14.26 -39.89
C ASP A 1072 -35.10 -13.78 -39.57
N MET A 1073 -34.23 -14.70 -39.17
CA MET A 1073 -32.84 -14.33 -38.91
C MET A 1073 -32.14 -13.86 -40.19
N ASN A 1074 -32.41 -14.54 -41.31
CA ASN A 1074 -31.85 -14.10 -42.59
C ASN A 1074 -32.37 -12.72 -42.98
N ILE A 1075 -33.67 -12.48 -42.75
CA ILE A 1075 -34.24 -11.17 -43.05
C ILE A 1075 -33.59 -10.09 -42.20
N ALA A 1076 -33.40 -10.38 -40.90
CA ALA A 1076 -32.75 -9.42 -40.00
C ALA A 1076 -31.30 -9.18 -40.40
N ILE A 1077 -30.60 -10.22 -40.86
CA ILE A 1077 -29.23 -10.05 -41.34
C ILE A 1077 -29.20 -9.15 -42.56
N ASP A 1078 -30.12 -9.37 -43.50
CA ASP A 1078 -30.18 -8.54 -44.69
C ASP A 1078 -30.67 -7.12 -44.40
N THR A 1079 -31.34 -6.91 -43.27
CA THR A 1079 -31.92 -5.62 -42.97
C THR A 1079 -30.87 -4.63 -42.44
N PHE A 1080 -30.23 -4.96 -41.32
CA PHE A 1080 -29.32 -4.05 -40.65
C PHE A 1080 -27.92 -4.17 -41.25
N THR A 1081 -27.37 -3.04 -41.68
CA THR A 1081 -26.07 -2.99 -42.32
C THR A 1081 -25.24 -1.82 -41.81
N LEU A 1082 -25.25 -1.61 -40.51
CA LEU A 1082 -24.43 -0.56 -39.89
C LEU A 1082 -22.98 -1.02 -39.80
N TYR A 1083 -22.12 -0.14 -39.29
CA TYR A 1083 -20.72 -0.52 -39.08
C TYR A 1083 -20.57 -1.64 -38.06
N PRO A 1084 -21.22 -1.60 -36.87
CA PRO A 1084 -21.26 -2.85 -36.07
C PRO A 1084 -22.51 -3.66 -36.42
N SER A 1085 -22.48 -4.27 -37.60
CA SER A 1085 -23.66 -4.96 -38.11
C SER A 1085 -23.95 -6.21 -37.29
N LEU A 1086 -25.19 -6.71 -37.43
CA LEU A 1086 -25.61 -7.89 -36.70
C LEU A 1086 -24.79 -9.11 -37.12
N GLU A 1087 -24.54 -9.26 -38.43
CA GLU A 1087 -23.73 -10.37 -38.91
C GLU A 1087 -22.32 -10.32 -38.35
N TYR A 1088 -21.73 -9.11 -38.29
CA TYR A 1088 -20.40 -8.96 -37.74
C TYR A 1088 -20.36 -9.34 -36.26
N ARG A 1089 -21.37 -8.94 -35.50
CA ARG A 1089 -21.39 -9.26 -34.06
C ARG A 1089 -21.59 -10.75 -33.83
N LEU A 1090 -22.47 -11.39 -34.60
CA LEU A 1090 -22.66 -12.83 -34.50
C LEU A 1090 -21.37 -13.57 -34.83
N TRP A 1091 -20.71 -13.16 -35.92
CA TRP A 1091 -19.46 -13.81 -36.31
C TRP A 1091 -18.35 -13.55 -35.31
N ARG A 1092 -18.32 -12.37 -34.69
CA ARG A 1092 -17.32 -12.11 -33.66
C ARG A 1092 -17.53 -12.97 -32.43
N VAL A 1093 -18.78 -13.15 -32.01
CA VAL A 1093 -19.07 -13.99 -30.85
C VAL A 1093 -18.66 -15.43 -31.12
N VAL A 1094 -19.12 -15.99 -32.25
CA VAL A 1094 -18.75 -17.37 -32.54
C VAL A 1094 -17.26 -17.49 -32.88
N ALA A 1095 -16.62 -16.42 -33.31
CA ALA A 1095 -15.20 -16.46 -33.61
C ALA A 1095 -14.36 -16.54 -32.34
N ILE A 1096 -14.71 -15.74 -31.34
CA ILE A 1096 -14.02 -15.84 -30.05
C ILE A 1096 -14.28 -17.21 -29.43
N ARG A 1097 -15.52 -17.71 -29.56
CA ARG A 1097 -15.84 -19.03 -29.01
C ARG A 1097 -15.03 -20.13 -29.69
N ILE A 1098 -14.83 -20.03 -31.01
CA ILE A 1098 -14.05 -21.03 -31.73
C ILE A 1098 -12.57 -20.90 -31.38
N ALA A 1099 -12.06 -19.67 -31.30
CA ALA A 1099 -10.63 -19.43 -31.20
C ALA A 1099 -10.08 -19.53 -29.78
N THR A 1100 -10.92 -19.54 -28.75
CA THR A 1100 -10.40 -19.71 -27.40
C THR A 1100 -9.68 -21.05 -27.20
N PRO A 1101 -10.25 -22.21 -27.56
CA PRO A 1101 -9.48 -23.46 -27.38
C PRO A 1101 -8.21 -23.54 -28.21
N LEU A 1102 -8.21 -22.99 -29.43
CA LEU A 1102 -7.04 -23.09 -30.29
C LEU A 1102 -5.84 -22.35 -29.69
N ILE A 1103 -6.05 -21.11 -29.28
CA ILE A 1103 -4.98 -20.34 -28.65
C ILE A 1103 -4.62 -20.92 -27.30
N MET A 1104 -5.63 -21.33 -26.52
CA MET A 1104 -5.38 -21.87 -25.19
C MET A 1104 -4.69 -23.24 -25.22
N GLU A 1105 -4.69 -23.92 -26.36
CA GLU A 1105 -4.02 -25.21 -26.48
C GLU A 1105 -2.68 -25.12 -27.18
N GLN A 1106 -2.58 -24.32 -28.25
CA GLN A 1106 -1.36 -24.25 -29.04
C GLN A 1106 -0.19 -23.71 -28.23
N MET A 1107 -0.43 -22.66 -27.44
CA MET A 1107 0.65 -21.90 -26.82
C MET A 1107 0.46 -21.79 -25.32
N ALA A 1108 -0.10 -22.84 -24.70
CA ALA A 1108 -0.34 -22.87 -23.26
C ALA A 1108 0.99 -23.00 -22.53
N PHE A 1109 1.64 -21.87 -22.32
CA PHE A 1109 2.89 -21.81 -21.58
C PHE A 1109 2.59 -21.72 -20.08
N GLN A 1110 3.60 -21.42 -19.28
CA GLN A 1110 3.45 -21.27 -17.84
C GLN A 1110 2.91 -19.87 -17.55
N GLY A 1111 1.59 -19.76 -17.47
CA GLY A 1111 0.98 -18.50 -17.07
C GLY A 1111 -0.15 -18.00 -17.95
N TRP A 1112 -0.62 -18.82 -18.87
CA TRP A 1112 -1.74 -18.45 -19.74
C TRP A 1112 -2.98 -19.24 -19.32
N THR A 1113 -3.91 -18.55 -18.66
CA THR A 1113 -5.15 -19.14 -18.18
C THR A 1113 -6.27 -18.88 -19.17
N GLN A 1114 -7.44 -19.48 -18.88
CA GLN A 1114 -8.59 -19.36 -19.78
C GLN A 1114 -9.09 -17.92 -19.84
N GLU A 1115 -9.18 -17.25 -18.69
CA GLU A 1115 -9.63 -15.86 -18.68
C GLU A 1115 -8.63 -14.96 -19.36
N LYS A 1116 -7.34 -15.31 -19.29
CA LYS A 1116 -6.32 -14.54 -19.99
C LYS A 1116 -6.49 -14.64 -21.49
N VAL A 1117 -6.78 -15.84 -22.00
CA VAL A 1117 -7.02 -16.03 -23.42
C VAL A 1117 -8.28 -15.27 -23.85
N LYS A 1118 -9.34 -15.33 -23.03
CA LYS A 1118 -10.57 -14.63 -23.38
C LYS A 1118 -10.36 -13.11 -23.42
N LEU A 1119 -9.68 -12.56 -22.40
CA LEU A 1119 -9.42 -11.12 -22.37
C LEU A 1119 -8.50 -10.70 -23.51
N HIS A 1120 -7.52 -11.54 -23.85
CA HIS A 1120 -6.66 -11.25 -25.00
C HIS A 1120 -7.45 -11.25 -26.29
N LEU A 1121 -8.39 -12.20 -26.43
CA LEU A 1121 -9.20 -12.29 -27.65
C LEU A 1121 -10.22 -11.18 -27.74
N GLU A 1122 -10.59 -10.56 -26.61
CA GLU A 1122 -11.51 -9.43 -26.68
C GLU A 1122 -10.91 -8.23 -27.40
N ARG A 1123 -9.57 -8.12 -27.40
CA ARG A 1123 -8.89 -7.02 -28.07
C ARG A 1123 -8.81 -7.19 -29.57
N GLY A 1124 -9.18 -8.35 -30.10
CA GLY A 1124 -9.08 -8.62 -31.52
C GLY A 1124 -10.28 -8.09 -32.29
N TYR A 1125 -10.32 -8.46 -33.57
CA TYR A 1125 -11.40 -8.06 -34.45
C TYR A 1125 -11.39 -8.96 -35.68
N LEU A 1126 -12.56 -9.11 -36.30
CA LEU A 1126 -12.64 -9.78 -37.58
C LEU A 1126 -12.16 -8.83 -38.66
N VAL A 1127 -11.17 -9.26 -39.42
CA VAL A 1127 -10.64 -8.44 -40.50
C VAL A 1127 -11.48 -8.71 -41.75
N ASP A 1128 -11.60 -7.69 -42.60
CA ASP A 1128 -12.42 -7.77 -43.79
C ASP A 1128 -11.50 -7.98 -45.00
N LEU A 1129 -11.76 -9.04 -45.76
CA LEU A 1129 -10.93 -9.37 -46.90
C LEU A 1129 -11.51 -8.90 -48.23
N ALA A 1130 -12.81 -8.61 -48.29
CA ALA A 1130 -13.40 -8.04 -49.50
C ALA A 1130 -12.82 -6.67 -49.79
N GLU A 1131 -12.62 -5.85 -48.75
CA GLU A 1131 -11.96 -4.56 -48.93
C GLU A 1131 -10.50 -4.74 -49.35
N SER A 1132 -9.82 -5.73 -48.79
CA SER A 1132 -8.42 -5.99 -49.07
C SER A 1132 -8.20 -6.87 -50.30
N HIS A 1133 -9.19 -6.93 -51.20
CA HIS A 1133 -9.10 -7.67 -52.47
C HIS A 1133 -8.78 -9.13 -52.25
N PHE A 1134 -9.38 -9.72 -51.20
CA PHE A 1134 -9.26 -11.15 -50.90
C PHE A 1134 -7.82 -11.59 -50.68
N GLN A 1135 -6.99 -10.71 -50.13
CA GLN A 1135 -5.63 -11.06 -49.75
C GLN A 1135 -5.28 -10.37 -48.44
N PHE A 1136 -4.39 -11.01 -47.68
CA PHE A 1136 -4.01 -10.51 -46.36
C PHE A 1136 -2.50 -10.63 -46.19
N ASN A 1137 -1.89 -9.58 -45.65
CA ASN A 1137 -0.48 -9.59 -45.33
C ASN A 1137 -0.28 -10.06 -43.90
N ILE A 1138 0.96 -10.07 -43.42
CA ILE A 1138 1.27 -10.45 -42.05
C ILE A 1138 2.20 -9.40 -41.46
N ASP A 1139 1.80 -8.82 -40.34
CA ASP A 1139 2.59 -7.84 -39.63
C ASP A 1139 3.53 -8.54 -38.65
N ALA A 1140 4.43 -7.76 -38.05
CA ALA A 1140 5.30 -8.24 -37.00
C ALA A 1140 4.86 -7.78 -35.61
N THR A 1141 3.78 -7.01 -35.52
CA THR A 1141 3.28 -6.56 -34.22
C THR A 1141 2.00 -7.28 -33.78
N LEU A 1142 1.26 -7.88 -34.70
CA LEU A 1142 0.07 -8.62 -34.31
C LEU A 1142 0.47 -9.94 -33.65
N GLU A 1143 -0.27 -10.32 -32.61
CA GLU A 1143 0.10 -11.48 -31.81
C GLU A 1143 -0.48 -12.78 -32.38
N ASP A 1144 -1.79 -12.81 -32.60
CA ASP A 1144 -2.46 -14.02 -33.05
C ASP A 1144 -3.26 -13.74 -34.31
N VAL A 1145 -3.24 -14.70 -35.24
CA VAL A 1145 -4.10 -14.68 -36.42
C VAL A 1145 -4.75 -16.05 -36.52
N ILE A 1146 -6.08 -16.10 -36.50
CA ILE A 1146 -6.83 -17.35 -36.48
C ILE A 1146 -7.72 -17.39 -37.72
N LEU A 1147 -7.63 -18.48 -38.48
CA LEU A 1147 -8.51 -18.72 -39.60
C LEU A 1147 -9.74 -19.45 -39.08
N ILE A 1148 -10.92 -18.83 -39.25
CA ILE A 1148 -12.16 -19.33 -38.67
C ILE A 1148 -13.17 -19.73 -39.73
N ASN A 1149 -13.29 -18.95 -40.81
CA ASN A 1149 -14.16 -19.36 -41.91
C ASN A 1149 -13.39 -19.27 -43.22
N GLY A 1150 -13.70 -20.20 -44.13
CA GLY A 1150 -13.04 -20.25 -45.41
C GLY A 1150 -11.73 -21.02 -45.37
N THR A 1151 -11.04 -21.01 -46.50
CA THR A 1151 -9.77 -21.68 -46.67
C THR A 1151 -8.69 -20.65 -46.97
N ALA A 1152 -7.58 -20.74 -46.26
CA ALA A 1152 -6.47 -19.80 -46.42
C ALA A 1152 -5.42 -20.39 -47.35
N TYR A 1153 -4.95 -19.59 -48.29
CA TYR A 1153 -3.95 -20.01 -49.27
C TYR A 1153 -2.74 -19.09 -49.23
N ASN A 1154 -1.64 -19.58 -49.79
CA ASN A 1154 -0.41 -18.81 -49.89
C ASN A 1154 0.35 -19.30 -51.11
N ALA A 1155 0.65 -18.38 -52.04
CA ALA A 1155 1.45 -18.73 -53.20
C ALA A 1155 2.89 -19.06 -52.82
N HIS A 1156 3.40 -18.42 -51.76
CA HIS A 1156 4.74 -18.73 -51.26
C HIS A 1156 4.74 -20.13 -50.66
N THR A 1157 5.47 -21.06 -51.29
CA THR A 1157 5.55 -22.47 -50.91
C THR A 1157 4.19 -23.17 -50.93
N ARG A 1158 3.19 -22.56 -51.55
CA ARG A 1158 1.87 -23.17 -51.80
C ARG A 1158 1.22 -23.66 -50.51
N GLU A 1159 1.19 -22.80 -49.50
CA GLU A 1159 0.58 -23.17 -48.23
C GLU A 1159 -0.95 -23.20 -48.37
N GLU A 1160 -1.57 -24.18 -47.71
CA GLU A 1160 -3.02 -24.29 -47.69
C GLU A 1160 -3.45 -24.71 -46.30
N ILE A 1161 -4.31 -23.91 -45.67
CA ILE A 1161 -4.79 -24.16 -44.31
C ILE A 1161 -6.31 -24.13 -44.33
N ARG A 1162 -6.93 -25.10 -43.68
CA ARG A 1162 -8.38 -25.21 -43.60
C ARG A 1162 -8.87 -24.82 -42.21
N SER A 1163 -9.99 -24.12 -42.18
CA SER A 1163 -10.56 -23.69 -40.91
C SER A 1163 -11.18 -24.87 -40.18
N PRO A 1164 -11.18 -24.85 -38.83
CA PRO A 1164 -10.62 -23.84 -37.94
C PRO A 1164 -9.18 -24.18 -37.51
N CYS A 1165 -8.23 -23.29 -37.79
CA CYS A 1165 -6.85 -23.54 -37.44
C CYS A 1165 -6.16 -22.22 -37.15
N LEU A 1166 -5.06 -22.30 -36.41
CA LEU A 1166 -4.29 -21.12 -36.06
C LEU A 1166 -3.16 -20.94 -37.08
N ILE A 1167 -3.02 -19.73 -37.60
CA ILE A 1167 -2.03 -19.48 -38.64
C ILE A 1167 -0.63 -19.54 -38.04
N SER A 1168 0.25 -20.29 -38.70
CA SER A 1168 1.61 -20.45 -38.22
C SER A 1168 2.37 -19.12 -38.27
N ARG A 1169 3.36 -18.99 -37.40
CA ARG A 1169 4.12 -17.76 -37.28
C ARG A 1169 4.96 -17.46 -38.52
N THR A 1170 5.29 -18.48 -39.31
CA THR A 1170 6.20 -18.29 -40.44
C THR A 1170 5.49 -17.90 -41.73
N VAL A 1171 4.18 -18.12 -41.82
CA VAL A 1171 3.45 -17.74 -43.03
C VAL A 1171 3.29 -16.23 -43.07
N HIS A 1172 3.65 -15.63 -44.20
CA HIS A 1172 3.67 -14.18 -44.33
C HIS A 1172 2.65 -13.63 -45.32
N LYS A 1173 2.09 -14.47 -46.19
CA LYS A 1173 1.09 -14.02 -47.15
C LYS A 1173 -0.14 -14.89 -47.06
N LEU A 1174 -1.31 -14.27 -47.04
CA LEU A 1174 -2.58 -14.98 -46.99
C LEU A 1174 -3.45 -14.49 -48.14
N THR A 1175 -3.82 -15.40 -49.04
CA THR A 1175 -4.72 -15.09 -50.13
C THR A 1175 -5.94 -15.99 -50.07
N PHE A 1176 -7.08 -15.45 -50.48
CA PHE A 1176 -8.35 -16.14 -50.35
C PHE A 1176 -9.14 -16.05 -51.65
N GLN A 1177 -9.96 -17.06 -51.89
CA GLN A 1177 -10.88 -17.08 -53.00
C GLN A 1177 -12.30 -16.74 -52.53
N TYR A 1178 -13.10 -16.22 -53.46
CA TYR A 1178 -14.47 -15.83 -53.17
C TYR A 1178 -15.41 -16.95 -53.65
N THR A 1179 -16.00 -17.68 -52.71
CA THR A 1179 -16.96 -18.73 -53.00
C THR A 1179 -18.11 -18.63 -52.01
N ALA A 1180 -19.32 -18.91 -52.49
CA ALA A 1180 -20.52 -18.68 -51.68
C ALA A 1180 -20.71 -19.72 -50.57
N THR A 1181 -20.09 -20.90 -50.69
CA THR A 1181 -20.32 -21.94 -49.69
C THR A 1181 -19.61 -21.61 -48.37
N GLU A 1182 -18.43 -21.00 -48.45
CA GLU A 1182 -17.64 -20.69 -47.25
C GLU A 1182 -16.95 -19.36 -47.47
N GLU A 1183 -17.56 -18.29 -46.98
CA GLU A 1183 -16.94 -16.97 -47.07
C GLU A 1183 -15.73 -16.90 -46.15
N PRO A 1184 -14.62 -16.34 -46.61
CA PRO A 1184 -13.39 -16.29 -45.78
C PRO A 1184 -13.53 -15.23 -44.70
N ARG A 1185 -13.45 -15.67 -43.45
CA ARG A 1185 -13.51 -14.78 -42.29
C ARG A 1185 -12.32 -15.07 -41.38
N LEU A 1186 -11.52 -14.04 -41.13
CA LEU A 1186 -10.32 -14.11 -40.31
C LEU A 1186 -10.49 -13.26 -39.06
N PHE A 1187 -9.99 -13.78 -37.94
CA PHE A 1187 -9.99 -13.06 -36.67
C PHE A 1187 -8.54 -12.77 -36.31
N VAL A 1188 -8.20 -11.48 -36.19
CA VAL A 1188 -6.83 -11.06 -35.91
C VAL A 1188 -6.81 -10.33 -34.58
N VAL A 1189 -5.63 -10.31 -33.97
CA VAL A 1189 -5.42 -9.64 -32.69
C VAL A 1189 -4.18 -8.77 -32.79
N ARG A 1190 -4.30 -7.51 -32.34
CA ARG A 1190 -3.18 -6.60 -32.26
C ARG A 1190 -2.85 -6.33 -30.79
N ASN A 1191 -1.70 -5.70 -30.57
CA ASN A 1191 -1.26 -5.34 -29.23
C ASN A 1191 -1.49 -3.85 -29.01
N ALA A 1192 -1.02 -3.34 -27.87
CA ALA A 1192 -1.17 -1.93 -27.53
C ALA A 1192 -0.36 -1.03 -28.46
N ALA B 74 -18.38 13.67 43.07
CA ALA B 74 -17.62 13.01 42.01
C ALA B 74 -17.80 13.75 40.69
N PRO B 75 -16.69 14.15 40.07
CA PRO B 75 -16.78 14.80 38.76
C PRO B 75 -17.36 13.88 37.71
N LYS B 76 -18.16 14.47 36.81
CA LYS B 76 -18.83 13.74 35.74
C LYS B 76 -18.34 14.28 34.41
N VAL B 77 -17.60 13.44 33.67
CA VAL B 77 -16.94 13.88 32.45
C VAL B 77 -17.25 12.98 31.27
N ILE B 78 -17.92 11.84 31.51
CA ILE B 78 -18.10 10.84 30.46
C ILE B 78 -19.08 11.34 29.40
N VAL B 79 -20.20 11.91 29.85
CA VAL B 79 -21.25 12.34 28.92
C VAL B 79 -20.76 13.50 28.06
N PHE B 80 -20.05 14.46 28.66
CA PHE B 80 -19.58 15.62 27.92
C PHE B 80 -18.59 15.22 26.82
N ILE B 81 -17.62 14.35 27.15
CA ILE B 81 -16.60 13.98 26.18
C ILE B 81 -17.20 13.09 25.09
N SER B 82 -18.08 12.15 25.45
CA SER B 82 -18.72 11.31 24.44
C SER B 82 -19.63 12.12 23.53
N GLY B 83 -20.40 13.05 24.11
CA GLY B 83 -21.21 13.93 23.29
C GLY B 83 -20.39 14.84 22.42
N SER B 84 -19.24 15.29 22.89
CA SER B 84 -18.35 16.10 22.06
C SER B 84 -17.82 15.29 20.88
N CYS B 85 -17.46 14.02 21.11
CA CYS B 85 -17.03 13.16 20.02
C CYS B 85 -18.14 13.00 18.98
N LEU B 86 -19.36 12.73 19.45
CA LEU B 86 -20.49 12.55 18.54
C LEU B 86 -20.81 13.84 17.78
N PHE B 87 -20.80 14.97 18.48
CA PHE B 87 -21.08 16.26 17.84
C PHE B 87 -20.01 16.62 16.83
N GLY B 88 -18.75 16.33 17.14
CA GLY B 88 -17.69 16.56 16.18
C GLY B 88 -17.85 15.71 14.93
N ALA B 89 -18.23 14.45 15.10
CA ALA B 89 -18.47 13.58 13.95
C ALA B 89 -19.62 14.09 13.09
N ILE B 90 -20.73 14.49 13.74
CA ILE B 90 -21.91 14.95 13.01
C ILE B 90 -21.60 16.23 12.25
N SER B 91 -20.98 17.20 12.93
CA SER B 91 -20.66 18.48 12.28
C SER B 91 -19.58 18.32 11.22
N ARG B 92 -18.65 17.38 11.40
CA ARG B 92 -17.66 17.10 10.39
C ARG B 92 -18.29 16.55 9.12
N SER B 93 -19.23 15.61 9.28
CA SER B 93 -19.85 15.00 8.11
C SER B 93 -20.80 15.97 7.41
N LEU B 94 -21.56 16.76 8.17
CA LEU B 94 -22.57 17.62 7.57
C LEU B 94 -21.97 18.74 6.73
N PHE B 95 -20.95 19.43 7.27
CA PHE B 95 -20.38 20.61 6.62
C PHE B 95 -19.08 20.31 5.88
N LYS B 96 -18.97 19.13 5.25
CA LYS B 96 -17.81 18.85 4.43
C LYS B 96 -17.87 19.58 3.09
N LYS B 97 -19.07 19.70 2.51
CA LYS B 97 -19.21 20.30 1.19
C LYS B 97 -19.12 21.83 1.26
N LEU B 98 -19.67 22.43 2.31
CA LEU B 98 -19.65 23.88 2.45
C LEU B 98 -18.23 24.36 2.70
N PRO B 99 -17.89 25.56 2.22
CA PRO B 99 -16.53 26.07 2.46
C PRO B 99 -16.32 26.61 3.86
N ILE B 100 -17.39 26.89 4.59
CA ILE B 100 -17.27 27.33 5.99
C ILE B 100 -16.84 26.13 6.85
N PRO B 101 -15.87 26.29 7.74
CA PRO B 101 -15.41 25.16 8.55
C PRO B 101 -16.47 24.67 9.51
N TYR B 102 -16.29 23.43 9.98
CA TYR B 102 -17.26 22.77 10.83
C TYR B 102 -17.16 23.20 12.29
N THR B 103 -16.13 23.95 12.66
CA THR B 103 -15.90 24.29 14.06
C THR B 103 -16.84 25.37 14.57
N VAL B 104 -17.36 26.22 13.69
CA VAL B 104 -18.36 27.19 14.11
C VAL B 104 -19.65 26.49 14.51
N VAL B 105 -19.95 25.34 13.89
CA VAL B 105 -21.08 24.54 14.33
C VAL B 105 -20.84 24.01 15.74
N LEU B 106 -19.60 23.60 16.04
CA LEU B 106 -19.26 23.16 17.38
C LEU B 106 -19.43 24.28 18.38
N LEU B 107 -19.04 25.50 18.02
CA LEU B 107 -19.23 26.64 18.91
C LEU B 107 -20.70 26.93 19.12
N ILE B 108 -21.52 26.79 18.07
CA ILE B 108 -22.96 27.03 18.20
C ILE B 108 -23.61 25.98 19.11
N LEU B 109 -23.22 24.71 18.94
CA LEU B 109 -23.75 23.65 19.79
C LEU B 109 -23.33 23.86 21.24
N GLY B 110 -22.08 24.28 21.46
CA GLY B 110 -21.65 24.62 22.80
C GLY B 110 -22.44 25.77 23.40
N ALA B 111 -22.77 26.76 22.57
CA ALA B 111 -23.57 27.89 23.05
C ALA B 111 -24.96 27.46 23.47
N ILE B 112 -25.60 26.60 22.65
CA ILE B 112 -26.92 26.09 23.00
C ILE B 112 -26.86 25.29 24.28
N LEU B 113 -25.85 24.42 24.40
CA LEU B 113 -25.65 23.65 25.63
C LEU B 113 -25.40 24.56 26.83
N GLY B 114 -24.73 25.69 26.62
CA GLY B 114 -24.52 26.62 27.71
C GLY B 114 -25.81 27.27 28.18
N VAL B 115 -26.69 27.64 27.23
CA VAL B 115 -27.99 28.18 27.61
C VAL B 115 -28.79 27.14 28.40
N VAL B 116 -28.83 25.91 27.90
CA VAL B 116 -29.60 24.84 28.54
C VAL B 116 -29.05 24.55 29.94
N ALA B 117 -27.72 24.50 30.08
CA ALA B 117 -27.12 24.23 31.37
C ALA B 117 -27.32 25.39 32.35
N SER B 118 -27.35 26.62 31.84
CA SER B 118 -27.66 27.74 32.71
C SER B 118 -29.09 27.66 33.24
N ASN B 119 -30.03 27.23 32.39
CA ASN B 119 -31.43 27.19 32.80
C ASN B 119 -31.88 25.85 33.39
N VAL B 120 -31.05 24.80 33.32
CA VAL B 120 -31.40 23.50 33.89
C VAL B 120 -30.27 23.02 34.79
N PRO B 121 -30.55 22.63 36.04
CA PRO B 121 -29.45 22.26 36.95
C PRO B 121 -28.82 20.91 36.63
N LEU B 122 -29.55 19.97 36.05
CA LEU B 122 -28.97 18.66 35.74
C LEU B 122 -27.91 18.76 34.64
N VAL B 123 -28.23 19.51 33.58
CA VAL B 123 -27.27 19.71 32.51
C VAL B 123 -26.06 20.49 33.01
N GLU B 124 -26.28 21.44 33.93
CA GLU B 124 -25.16 22.13 34.54
C GLU B 124 -24.28 21.17 35.34
N GLU B 125 -24.91 20.24 36.07
CA GLU B 125 -24.14 19.27 36.83
C GLU B 125 -23.30 18.39 35.92
N HIS B 126 -23.82 18.06 34.75
CA HIS B 126 -23.07 17.23 33.81
C HIS B 126 -22.17 18.02 32.86
N THR B 127 -22.21 19.36 32.91
CA THR B 127 -21.42 20.22 32.05
C THR B 127 -20.25 20.89 32.75
N ARG B 128 -20.45 21.39 33.98
CA ARG B 128 -19.51 22.30 34.61
C ARG B 128 -18.15 21.68 34.94
N ASP B 129 -18.04 20.35 34.91
CA ASP B 129 -16.77 19.73 35.29
C ASP B 129 -15.76 19.74 34.17
N VAL B 130 -16.21 19.80 32.91
CA VAL B 130 -15.31 19.88 31.77
C VAL B 130 -15.38 21.28 31.17
N ALA B 131 -16.51 21.96 31.36
CA ALA B 131 -16.62 23.32 30.83
C ALA B 131 -15.69 24.29 31.53
N HIS B 132 -15.51 24.14 32.84
CA HIS B 132 -14.63 24.99 33.62
C HIS B 132 -13.55 24.11 34.25
N MET B 133 -12.49 23.85 33.49
CA MET B 133 -11.38 23.05 33.96
C MET B 133 -10.26 23.94 34.48
N ASP B 134 -9.27 23.31 35.09
CA ASP B 134 -8.10 24.03 35.55
C ASP B 134 -7.32 24.60 34.36
N PRO B 135 -6.74 25.79 34.49
CA PRO B 135 -5.90 26.31 33.40
C PRO B 135 -4.68 25.46 33.11
N HIS B 136 -4.21 24.68 34.08
CA HIS B 136 -3.06 23.82 33.86
C HIS B 136 -3.39 22.63 32.96
N VAL B 137 -4.66 22.28 32.83
CA VAL B 137 -5.05 21.29 31.84
C VAL B 137 -4.80 21.82 30.43
N LEU B 138 -5.13 23.09 30.20
CA LEU B 138 -4.91 23.68 28.88
C LEU B 138 -3.44 23.97 28.65
N LEU B 139 -2.72 24.40 29.69
CA LEU B 139 -1.31 24.74 29.52
C LEU B 139 -0.40 23.52 29.43
N GLN B 140 -0.73 22.43 30.12
CA GLN B 140 0.16 21.27 30.18
C GLN B 140 -0.30 20.10 29.33
N ILE B 141 -1.52 20.09 28.81
CA ILE B 141 -1.98 18.97 28.00
C ILE B 141 -2.39 19.42 26.61
N PHE B 142 -3.36 20.34 26.54
CA PHE B 142 -3.97 20.68 25.25
C PHE B 142 -3.00 21.40 24.33
N LEU B 143 -2.38 22.48 24.83
CA LEU B 143 -1.53 23.33 24.01
C LEU B 143 -0.27 22.62 23.51
N PRO B 144 0.46 21.87 24.34
CA PRO B 144 1.57 21.08 23.78
C PRO B 144 1.13 20.11 22.69
N VAL B 145 -0.04 19.48 22.83
CA VAL B 145 -0.50 18.54 21.81
C VAL B 145 -0.79 19.27 20.51
N LEU B 146 -1.49 20.42 20.60
CA LEU B 146 -1.83 21.18 19.40
C LEU B 146 -0.56 21.67 18.69
N ILE B 147 0.39 22.21 19.45
CA ILE B 147 1.59 22.78 18.83
C ILE B 147 2.48 21.68 18.25
N PHE B 148 2.65 20.57 18.98
CA PHE B 148 3.45 19.48 18.47
C PHE B 148 2.83 18.85 17.24
N GLU B 149 1.50 18.75 17.19
CA GLU B 149 0.88 18.22 15.99
C GLU B 149 1.01 19.18 14.82
N SER B 150 0.97 20.49 15.08
CA SER B 150 1.23 21.46 14.01
C SER B 150 2.63 21.30 13.45
N ALA B 151 3.63 21.11 14.33
CA ALA B 151 4.99 20.90 13.87
C ALA B 151 5.16 19.57 13.13
N PHE B 152 4.51 18.52 13.64
CA PHE B 152 4.73 17.15 13.18
C PHE B 152 4.01 16.83 11.89
N ALA B 153 3.03 17.64 11.48
CA ALA B 153 2.17 17.33 10.35
C ALA B 153 2.48 18.19 9.13
N MET B 154 3.77 18.46 8.88
CA MET B 154 4.14 19.17 7.67
C MET B 154 5.51 18.67 7.21
N ASP B 155 5.81 18.92 5.94
CA ASP B 155 7.09 18.50 5.37
C ASP B 155 8.23 19.28 6.01
N VAL B 156 9.33 18.59 6.28
CA VAL B 156 10.46 19.16 7.00
C VAL B 156 11.53 19.69 6.06
N HIS B 157 11.80 18.98 4.95
CA HIS B 157 12.86 19.38 4.04
C HIS B 157 12.52 20.70 3.35
N THR B 158 11.26 20.89 2.96
CA THR B 158 10.84 22.17 2.40
C THR B 158 10.94 23.29 3.43
N PHE B 159 10.61 22.98 4.69
CA PHE B 159 10.78 23.97 5.75
C PHE B 159 12.25 24.34 5.92
N MET B 160 13.15 23.34 5.81
CA MET B 160 14.57 23.63 5.87
C MET B 160 15.01 24.50 4.70
N ARG B 161 14.48 24.23 3.51
CA ARG B 161 14.85 25.02 2.33
C ARG B 161 14.29 26.43 2.38
N SER B 162 13.22 26.67 3.13
CA SER B 162 12.62 28.01 3.21
C SER B 162 12.83 28.70 4.55
N PHE B 163 13.55 28.09 5.49
CA PHE B 163 13.65 28.63 6.84
C PHE B 163 14.37 29.97 6.89
N SER B 164 15.32 30.20 5.98
CA SER B 164 16.12 31.43 6.01
C SER B 164 15.26 32.67 5.85
N GLN B 165 14.13 32.56 5.15
CA GLN B 165 13.18 33.66 5.08
C GLN B 165 12.01 33.48 6.04
N VAL B 166 11.61 32.22 6.31
CA VAL B 166 10.48 31.97 7.20
C VAL B 166 10.76 32.52 8.59
N CYS B 167 11.97 32.32 9.10
CA CYS B 167 12.30 32.74 10.46
C CYS B 167 12.15 34.24 10.63
N ILE B 168 12.83 35.02 9.76
CA ILE B 168 12.81 36.47 9.90
C ILE B 168 11.40 37.01 9.66
N LEU B 169 10.75 36.53 8.58
CA LEU B 169 9.42 37.04 8.25
C LEU B 169 8.44 36.79 9.39
N ALA B 170 8.33 35.53 9.83
CA ALA B 170 7.35 35.19 10.85
C ALA B 170 7.65 35.87 12.18
N LEU B 171 8.91 35.85 12.62
CA LEU B 171 9.24 36.40 13.93
C LEU B 171 9.01 37.91 13.97
N PHE B 172 9.57 38.64 12.99
CA PHE B 172 9.43 40.09 13.07
C PHE B 172 8.00 40.52 12.76
N GLY B 173 7.29 39.80 11.88
CA GLY B 173 5.90 40.11 11.64
C GLY B 173 5.05 39.91 12.89
N LEU B 174 5.28 38.83 13.63
CA LEU B 174 4.55 38.64 14.88
C LEU B 174 4.87 39.74 15.88
N VAL B 175 6.14 40.13 15.97
CA VAL B 175 6.51 41.15 16.95
C VAL B 175 5.83 42.47 16.64
N VAL B 176 5.87 42.91 15.38
CA VAL B 176 5.22 44.17 15.03
C VAL B 176 3.70 44.07 15.15
N ALA B 177 3.11 42.94 14.76
CA ALA B 177 1.67 42.80 14.87
C ALA B 177 1.21 42.81 16.32
N SER B 178 1.95 42.12 17.20
CA SER B 178 1.62 42.12 18.62
C SER B 178 1.74 43.51 19.22
N VAL B 179 2.81 44.24 18.88
CA VAL B 179 2.99 45.57 19.44
C VAL B 179 1.90 46.52 18.95
N LEU B 180 1.54 46.42 17.66
CA LEU B 180 0.50 47.29 17.12
C LEU B 180 -0.86 46.99 17.74
N THR B 181 -1.20 45.71 17.89
CA THR B 181 -2.46 45.34 18.53
C THR B 181 -2.48 45.77 19.99
N ALA B 182 -1.35 45.66 20.69
CA ALA B 182 -1.28 46.11 22.07
C ALA B 182 -1.48 47.61 22.18
N VAL B 183 -0.85 48.38 21.29
CA VAL B 183 -1.01 49.83 21.31
C VAL B 183 -2.45 50.22 21.00
N LEU B 184 -3.07 49.52 20.04
CA LEU B 184 -4.47 49.76 19.73
C LEU B 184 -5.37 49.46 20.93
N ALA B 185 -5.06 48.39 21.67
CA ALA B 185 -5.84 48.06 22.86
C ALA B 185 -5.66 49.10 23.95
N MET B 186 -4.43 49.61 24.14
CA MET B 186 -4.19 50.62 25.16
C MET B 186 -4.92 51.92 24.85
N ASN B 187 -4.81 52.41 23.62
CA ASN B 187 -5.21 53.78 23.33
C ASN B 187 -6.64 53.91 22.81
N LEU B 188 -7.21 52.86 22.22
CA LEU B 188 -8.54 52.96 21.63
C LEU B 188 -9.62 52.34 22.52
N PHE B 189 -9.39 51.17 23.09
CA PHE B 189 -10.36 50.55 23.97
C PHE B 189 -10.52 51.38 25.25
N ASN B 190 -11.76 51.57 25.68
CA ASN B 190 -12.03 52.38 26.86
C ASN B 190 -11.66 51.70 28.16
N TYR B 191 -11.30 50.42 28.12
CA TYR B 191 -10.85 49.73 29.32
C TYR B 191 -9.47 50.22 29.71
N ASN B 192 -9.29 50.61 30.97
CA ASN B 192 -8.01 51.13 31.45
C ASN B 192 -7.05 49.96 31.63
N TRP B 193 -6.46 49.53 30.51
CA TRP B 193 -5.56 48.39 30.50
C TRP B 193 -4.12 48.86 30.55
N ASN B 194 -3.29 48.11 31.29
CA ASN B 194 -1.86 48.38 31.35
C ASN B 194 -1.19 47.95 30.06
N PHE B 195 0.12 48.12 30.00
CA PHE B 195 0.86 47.64 28.84
C PHE B 195 1.00 46.12 28.84
N SER B 196 1.15 45.51 30.01
CA SER B 196 1.32 44.06 30.07
C SER B 196 0.03 43.33 29.70
N GLU B 197 -1.11 43.82 30.18
CA GLU B 197 -2.39 43.24 29.79
C GLU B 197 -2.62 43.40 28.30
N ALA B 198 -2.26 44.55 27.75
CA ALA B 198 -2.42 44.77 26.31
C ALA B 198 -1.50 43.89 25.49
N MET B 199 -0.28 43.63 25.98
CA MET B 199 0.61 42.75 25.24
C MET B 199 0.17 41.30 25.33
N MET B 200 -0.42 40.90 26.46
CA MET B 200 -1.07 39.59 26.54
C MET B 200 -2.22 39.48 25.55
N PHE B 201 -3.03 40.54 25.46
CA PHE B 201 -4.12 40.62 24.49
C PHE B 201 -3.62 40.50 23.06
N GLY B 202 -2.54 41.21 22.74
CA GLY B 202 -2.02 41.18 21.39
C GLY B 202 -1.30 39.90 21.03
N ALA B 203 -0.71 39.23 22.04
CA ALA B 203 -0.10 37.93 21.79
C ALA B 203 -1.15 36.85 21.62
N ILE B 204 -2.31 37.00 22.25
CA ILE B 204 -3.40 36.03 22.06
C ILE B 204 -3.89 36.07 20.62
N MET B 205 -4.11 37.28 20.08
CA MET B 205 -4.72 37.45 18.77
C MET B 205 -3.71 37.61 17.64
N SER B 206 -2.49 37.13 17.82
CA SER B 206 -1.59 36.86 16.69
C SER B 206 -1.12 35.43 16.87
N ALA B 207 -1.99 34.48 16.50
CA ALA B 207 -1.66 33.06 16.57
C ALA B 207 -2.60 32.37 15.59
N THR B 208 -2.11 32.08 14.40
CA THR B 208 -2.97 31.64 13.31
C THR B 208 -3.17 30.13 13.37
N ASP B 209 -3.93 29.61 12.41
CA ASP B 209 -4.30 28.19 12.36
C ASP B 209 -3.88 27.71 10.99
N PRO B 210 -2.93 26.77 10.89
CA PRO B 210 -2.46 26.33 9.57
C PRO B 210 -3.29 25.24 8.91
N VAL B 211 -3.92 24.37 9.72
CA VAL B 211 -4.51 23.15 9.16
C VAL B 211 -5.73 23.49 8.32
N ALA B 212 -6.53 24.47 8.73
CA ALA B 212 -7.69 24.87 7.93
C ALA B 212 -7.25 25.47 6.59
N VAL B 213 -6.21 26.31 6.61
CA VAL B 213 -5.73 26.94 5.39
C VAL B 213 -5.19 25.88 4.43
N VAL B 214 -4.40 24.93 4.93
CA VAL B 214 -3.84 23.93 4.02
C VAL B 214 -4.91 22.97 3.55
N ALA B 215 -5.94 22.72 4.36
CA ALA B 215 -7.07 21.92 3.88
C ALA B 215 -7.79 22.62 2.73
N LEU B 216 -8.03 23.93 2.87
CA LEU B 216 -8.64 24.69 1.78
C LEU B 216 -7.76 24.69 0.53
N LEU B 217 -6.45 24.86 0.72
CA LEU B 217 -5.53 24.89 -0.41
C LEU B 217 -5.48 23.54 -1.13
N LYS B 218 -5.51 22.44 -0.37
CA LYS B 218 -5.54 21.12 -0.98
C LYS B 218 -6.87 20.87 -1.69
N ASP B 219 -7.97 21.34 -1.11
CA ASP B 219 -9.27 21.17 -1.75
C ASP B 219 -9.35 21.93 -3.07
N LEU B 220 -8.80 23.15 -3.11
CA LEU B 220 -8.81 23.93 -4.34
C LEU B 220 -7.73 23.50 -5.33
N GLY B 221 -6.78 22.67 -4.90
CA GLY B 221 -5.75 22.17 -5.80
C GLY B 221 -4.80 23.21 -6.33
N ALA B 222 -4.37 24.15 -5.49
CA ALA B 222 -3.44 25.19 -5.88
C ALA B 222 -2.01 24.73 -5.61
N SER B 223 -1.07 25.66 -5.70
CA SER B 223 0.35 25.34 -5.49
C SER B 223 0.62 24.95 -4.04
N LYS B 224 1.55 24.02 -3.85
CA LYS B 224 1.88 23.51 -2.53
C LYS B 224 3.00 24.29 -1.85
N GLN B 225 3.80 25.05 -2.61
CA GLN B 225 4.83 25.88 -2.00
C GLN B 225 4.19 26.94 -1.12
N LEU B 226 3.09 27.55 -1.58
CA LEU B 226 2.35 28.46 -0.73
C LEU B 226 1.84 27.77 0.53
N GLY B 227 1.41 26.51 0.38
CA GLY B 227 0.93 25.77 1.54
C GLY B 227 2.00 25.56 2.59
N THR B 228 3.19 25.13 2.17
CA THR B 228 4.25 24.88 3.15
C THR B 228 4.80 26.19 3.72
N ILE B 229 4.79 27.28 2.94
CA ILE B 229 5.20 28.57 3.48
C ILE B 229 4.23 29.04 4.56
N ILE B 230 2.93 28.92 4.28
CA ILE B 230 1.92 29.30 5.27
C ILE B 230 2.02 28.41 6.51
N GLU B 231 2.30 27.12 6.32
CA GLU B 231 2.44 26.21 7.45
C GLU B 231 3.60 26.61 8.36
N GLY B 232 4.77 26.87 7.77
CA GLY B 232 5.91 27.30 8.56
C GLY B 232 5.70 28.63 9.26
N GLU B 233 5.13 29.61 8.55
CA GLU B 233 4.82 30.90 9.14
C GLU B 233 3.85 30.78 10.30
N SER B 234 2.80 29.96 10.17
CA SER B 234 1.85 29.73 11.25
C SER B 234 2.47 29.03 12.45
N LEU B 235 3.35 28.04 12.22
CA LEU B 235 4.00 27.38 13.35
C LEU B 235 4.89 28.35 14.12
N LEU B 236 5.64 29.19 13.41
CA LEU B 236 6.50 30.15 14.10
C LEU B 236 5.66 31.21 14.83
N ASN B 237 4.55 31.63 14.22
CA ASN B 237 3.63 32.54 14.89
C ASN B 237 3.11 31.94 16.20
N ASP B 238 2.71 30.66 16.16
CA ASP B 238 2.17 30.01 17.34
C ASP B 238 3.22 29.92 18.44
N GLY B 239 4.44 29.51 18.10
CA GLY B 239 5.48 29.39 19.12
C GLY B 239 5.82 30.72 19.76
N CYS B 240 6.01 31.76 18.95
CA CYS B 240 6.35 33.06 19.51
C CYS B 240 5.20 33.65 20.32
N ALA B 241 3.96 33.43 19.87
CA ALA B 241 2.80 33.92 20.62
C ALA B 241 2.69 33.21 21.97
N ILE B 242 2.97 31.91 22.02
CA ILE B 242 2.94 31.18 23.28
C ILE B 242 3.98 31.76 24.24
N VAL B 243 5.19 32.01 23.74
CA VAL B 243 6.26 32.52 24.60
C VAL B 243 5.90 33.91 25.15
N ILE B 244 5.41 34.79 24.29
CA ILE B 244 5.08 36.16 24.72
C ILE B 244 3.91 36.14 25.70
N PHE B 245 2.90 35.32 25.43
CA PHE B 245 1.76 35.21 26.35
C PHE B 245 2.22 34.73 27.71
N ASN B 246 3.09 33.72 27.76
CA ASN B 246 3.57 33.21 29.04
C ASN B 246 4.32 34.30 29.80
N VAL B 247 5.19 35.02 29.11
CA VAL B 247 6.00 36.05 29.76
C VAL B 247 5.12 37.14 30.35
N PHE B 248 4.12 37.60 29.60
CA PHE B 248 3.30 38.69 30.12
C PHE B 248 2.23 38.21 31.09
N MET B 249 1.79 36.95 30.99
CA MET B 249 0.87 36.41 31.98
C MET B 249 1.52 36.31 33.35
N LYS B 250 2.80 35.90 33.38
CA LYS B 250 3.51 35.85 34.66
C LYS B 250 3.58 37.22 35.32
N MET B 251 3.68 38.29 34.52
CA MET B 251 3.72 39.64 35.07
C MET B 251 2.33 40.12 35.50
N VAL B 252 1.29 39.77 34.75
CA VAL B 252 -0.04 40.30 35.05
C VAL B 252 -0.66 39.61 36.25
N PHE B 253 -0.64 38.27 36.26
CA PHE B 253 -1.41 37.53 37.25
C PHE B 253 -0.61 37.11 38.48
N PHE B 254 0.71 37.09 38.40
CA PHE B 254 1.58 36.76 39.53
C PHE B 254 2.60 37.87 39.72
N PRO B 255 2.18 39.02 40.25
CA PRO B 255 3.09 40.17 40.35
C PRO B 255 4.10 40.06 41.48
N GLN B 256 4.02 39.03 42.32
CA GLN B 256 5.01 38.85 43.36
C GLN B 256 6.39 38.58 42.79
N LEU B 257 6.45 37.96 41.61
CA LEU B 257 7.73 37.69 40.97
C LEU B 257 8.34 38.99 40.44
N THR B 258 9.61 39.21 40.75
CA THR B 258 10.33 40.40 40.30
C THR B 258 11.28 40.04 39.17
N SER B 259 11.66 41.05 38.39
CA SER B 259 12.46 40.84 37.20
C SER B 259 13.62 41.83 37.17
N THR B 260 14.78 41.34 36.73
CA THR B 260 15.95 42.16 36.49
C THR B 260 16.47 41.86 35.08
N VAL B 261 17.44 42.66 34.65
CA VAL B 261 17.98 42.51 33.29
C VAL B 261 18.73 41.19 33.13
N GLY B 262 19.55 40.83 34.13
CA GLY B 262 20.29 39.60 34.05
C GLY B 262 19.39 38.37 34.07
N GLN B 263 18.37 38.39 34.92
CA GLN B 263 17.42 37.29 34.96
C GLN B 263 16.65 37.19 33.64
N ASN B 264 16.30 38.33 33.05
CA ASN B 264 15.56 38.31 31.79
C ASN B 264 16.42 37.77 30.65
N VAL B 265 17.70 38.15 30.59
CA VAL B 265 18.53 37.64 29.50
C VAL B 265 18.86 36.16 29.74
N LEU B 266 19.00 35.73 30.99
CA LEU B 266 19.17 34.30 31.25
C LEU B 266 17.93 33.52 30.87
N TYR B 267 16.74 34.09 31.13
CA TYR B 267 15.50 33.43 30.73
C TYR B 267 15.40 33.33 29.21
N PHE B 268 15.80 34.39 28.49
CA PHE B 268 15.79 34.32 27.04
C PHE B 268 16.76 33.25 26.53
N LEU B 269 17.96 33.18 27.14
CA LEU B 269 18.93 32.17 26.73
C LEU B 269 18.41 30.76 26.98
N GLN B 270 17.70 30.56 28.10
CA GLN B 270 17.12 29.26 28.39
C GLN B 270 16.01 28.91 27.40
N VAL B 271 15.10 29.86 27.14
CA VAL B 271 13.93 29.58 26.32
C VAL B 271 14.32 29.36 24.86
N ALA B 272 15.15 30.25 24.31
CA ALA B 272 15.35 30.28 22.86
C ALA B 272 16.56 29.46 22.39
N VAL B 273 17.48 29.10 23.28
CA VAL B 273 18.71 28.44 22.85
C VAL B 273 18.79 27.04 23.42
N ALA B 274 18.71 26.91 24.74
CA ALA B 274 18.93 25.62 25.39
C ALA B 274 17.74 24.68 25.25
N GLY B 275 16.53 25.20 25.10
CA GLY B 275 15.35 24.39 24.90
C GLY B 275 15.36 23.61 23.61
N PRO B 276 15.45 24.31 22.48
CA PRO B 276 15.61 23.62 21.20
C PRO B 276 16.84 22.74 21.13
N LEU B 277 17.93 23.12 21.81
CA LEU B 277 19.10 22.25 21.86
C LEU B 277 18.80 20.95 22.59
N TRP B 278 18.05 21.02 23.69
CA TRP B 278 17.66 19.81 24.41
C TRP B 278 16.77 18.92 23.55
N GLY B 279 15.82 19.53 22.84
CA GLY B 279 14.98 18.75 21.93
C GLY B 279 15.77 18.10 20.81
N TYR B 280 16.72 18.83 20.23
CA TYR B 280 17.59 18.31 19.18
C TYR B 280 18.41 17.13 19.68
N ALA B 281 18.99 17.27 20.88
CA ALA B 281 19.81 16.20 21.44
C ALA B 281 18.98 14.94 21.70
N VAL B 282 17.79 15.10 22.27
CA VAL B 282 16.96 13.93 22.54
C VAL B 282 16.52 13.26 21.25
N ALA B 283 16.16 14.06 20.23
CA ALA B 283 15.76 13.48 18.95
C ALA B 283 16.91 12.73 18.29
N LYS B 284 18.13 13.27 18.36
CA LYS B 284 19.28 12.60 17.78
C LYS B 284 19.58 11.28 18.49
N VAL B 285 19.53 11.27 19.82
CA VAL B 285 19.76 10.03 20.56
C VAL B 285 18.68 9.00 20.23
N THR B 286 17.43 9.45 20.12
CA THR B 286 16.34 8.53 19.78
C THR B 286 16.54 7.92 18.39
N VAL B 287 16.93 8.74 17.42
CA VAL B 287 17.12 8.23 16.05
C VAL B 287 18.30 7.27 16.01
N PHE B 288 19.38 7.58 16.75
CA PHE B 288 20.51 6.67 16.83
C PHE B 288 20.11 5.33 17.43
N PHE B 289 19.30 5.33 18.49
CA PHE B 289 18.82 4.08 19.06
C PHE B 289 17.92 3.32 18.09
N LEU B 290 17.05 4.04 17.37
CA LEU B 290 16.10 3.39 16.48
C LEU B 290 16.76 2.82 15.24
N SER B 291 17.94 3.31 14.86
CA SER B 291 18.61 2.77 13.68
C SER B 291 19.03 1.32 13.86
N HIS B 292 19.26 0.89 15.10
CA HIS B 292 19.72 -0.47 15.38
C HIS B 292 18.58 -1.48 15.44
N ILE B 293 17.38 -1.13 14.98
CA ILE B 293 16.21 -1.98 15.10
C ILE B 293 15.58 -2.11 13.72
N PHE B 294 15.43 -3.34 13.24
CA PHE B 294 14.87 -3.61 11.92
C PHE B 294 13.64 -4.50 12.08
N ASN B 295 12.56 -4.13 11.38
CA ASN B 295 11.32 -4.89 11.32
C ASN B 295 10.73 -5.12 12.72
N ASP B 296 10.45 -4.01 13.40
CA ASP B 296 9.80 -4.02 14.71
C ASP B 296 9.01 -2.73 14.83
N ALA B 297 7.72 -2.78 14.51
CA ALA B 297 6.90 -1.57 14.56
C ALA B 297 6.58 -1.17 15.99
N LEU B 298 6.33 -2.15 16.87
CA LEU B 298 5.93 -1.83 18.24
C LEU B 298 7.06 -1.15 19.00
N VAL B 299 8.28 -1.64 18.85
CA VAL B 299 9.42 -1.06 19.55
C VAL B 299 9.66 0.37 19.08
N GLU B 300 9.60 0.59 17.77
CA GLU B 300 9.81 1.94 17.24
C GLU B 300 8.71 2.89 17.70
N ILE B 301 7.46 2.45 17.67
CA ILE B 301 6.34 3.31 18.07
C ILE B 301 6.44 3.66 19.55
N THR B 302 6.68 2.66 20.40
CA THR B 302 6.72 2.92 21.84
C THR B 302 7.93 3.75 22.23
N ILE B 303 9.08 3.52 21.57
CA ILE B 303 10.26 4.31 21.89
C ILE B 303 10.10 5.76 21.44
N THR B 304 9.51 5.98 20.26
CA THR B 304 9.26 7.34 19.81
C THR B 304 8.28 8.07 20.74
N LEU B 305 7.22 7.39 21.16
CA LEU B 305 6.25 8.04 22.02
C LEU B 305 6.81 8.32 23.42
N ALA B 306 7.61 7.40 23.96
CA ALA B 306 8.22 7.63 25.27
C ALA B 306 9.24 8.75 25.20
N ALA B 307 10.00 8.83 24.10
CA ALA B 307 10.95 9.95 23.94
C ALA B 307 10.21 11.28 23.83
N THR B 308 9.08 11.30 23.12
CA THR B 308 8.28 12.51 23.02
C THR B 308 7.79 12.94 24.40
N TYR B 309 7.26 11.99 25.20
CA TYR B 309 6.79 12.35 26.53
C TYR B 309 7.92 12.85 27.41
N LEU B 310 9.09 12.19 27.36
CA LEU B 310 10.17 12.60 28.26
C LEU B 310 10.74 13.96 27.88
N THR B 311 10.86 14.24 26.57
CA THR B 311 11.24 15.57 26.13
C THR B 311 10.26 16.62 26.64
N TYR B 312 8.96 16.36 26.45
CA TYR B 312 7.95 17.31 26.93
C TYR B 312 8.03 17.48 28.44
N TYR B 313 8.22 16.39 29.17
CA TYR B 313 8.19 16.45 30.63
C TYR B 313 9.36 17.26 31.18
N ILE B 314 10.57 17.00 30.70
CA ILE B 314 11.73 17.75 31.18
C ILE B 314 11.63 19.21 30.76
N GLY B 315 11.29 19.47 29.49
CA GLY B 315 11.11 20.85 29.07
C GLY B 315 10.00 21.57 29.81
N ASP B 316 8.97 20.84 30.22
CA ASP B 316 7.86 21.43 30.96
C ASP B 316 8.29 21.82 32.36
N ILE B 317 8.80 20.85 33.14
CA ILE B 317 9.23 21.15 34.50
C ILE B 317 10.40 22.11 34.54
N TRP B 318 11.06 22.36 33.40
CA TRP B 318 12.07 23.39 33.31
C TRP B 318 11.50 24.77 32.99
N LEU B 319 10.73 24.90 31.90
CA LEU B 319 10.40 26.20 31.35
C LEU B 319 8.90 26.52 31.32
N GLU B 320 8.06 25.74 32.00
CA GLU B 320 6.59 25.92 32.02
C GLU B 320 6.09 25.86 30.58
N VAL B 321 5.25 26.79 30.13
CA VAL B 321 4.62 26.66 28.82
C VAL B 321 5.61 26.95 27.69
N SER B 322 6.71 27.64 27.97
CA SER B 322 7.69 27.96 26.95
C SER B 322 8.62 26.81 26.62
N GLY B 323 8.38 25.62 27.17
CA GLY B 323 9.19 24.46 26.88
C GLY B 323 8.62 23.60 25.79
N VAL B 324 7.72 24.17 24.99
CA VAL B 324 7.15 23.46 23.85
C VAL B 324 8.08 23.49 22.64
N LEU B 325 9.07 24.37 22.63
CA LEU B 325 9.98 24.43 21.50
C LEU B 325 10.85 23.19 21.41
N ALA B 326 11.13 22.54 22.54
CA ALA B 326 11.89 21.29 22.52
C ALA B 326 11.14 20.18 21.79
N VAL B 327 9.85 20.00 22.09
CA VAL B 327 9.09 18.98 21.37
C VAL B 327 8.78 19.42 19.95
N VAL B 328 8.69 20.72 19.68
CA VAL B 328 8.55 21.17 18.30
C VAL B 328 9.77 20.77 17.48
N VAL B 329 10.97 20.99 18.03
CA VAL B 329 12.19 20.61 17.36
C VAL B 329 12.28 19.10 17.21
N LEU B 330 11.89 18.35 18.25
CA LEU B 330 11.92 16.89 18.17
C LEU B 330 10.97 16.37 17.10
N GLY B 331 9.78 16.96 17.00
CA GLY B 331 8.85 16.55 15.96
C GLY B 331 9.37 16.87 14.56
N LEU B 332 9.97 18.05 14.40
CA LEU B 332 10.56 18.41 13.11
C LEU B 332 11.68 17.45 12.71
N ILE B 333 12.53 17.08 13.66
CA ILE B 333 13.63 16.17 13.36
C ILE B 333 13.11 14.77 13.04
N VAL B 334 12.20 14.25 13.85
CA VAL B 334 11.73 12.88 13.68
C VAL B 334 10.90 12.75 12.40
N ASN B 335 10.11 13.77 12.06
CA ASN B 335 9.30 13.73 10.85
C ASN B 335 10.15 13.65 9.58
N ALA B 336 11.40 14.09 9.63
CA ALA B 336 12.29 14.05 8.48
C ALA B 336 12.96 12.71 8.29
N GLU B 337 12.75 11.76 9.20
CA GLU B 337 13.40 10.46 9.10
C GLU B 337 12.75 9.61 8.03
N LYS B 338 13.57 9.05 7.14
CA LYS B 338 13.08 8.15 6.10
C LYS B 338 13.75 6.79 6.12
N THR B 339 14.77 6.58 6.95
CA THR B 339 15.51 5.32 7.02
C THR B 339 15.32 4.62 8.35
N SER B 340 15.56 5.31 9.46
CA SER B 340 15.50 4.69 10.77
C SER B 340 14.08 4.34 11.20
N ILE B 341 13.06 4.96 10.59
CA ILE B 341 11.67 4.76 10.95
C ILE B 341 10.91 4.34 9.71
N SER B 342 10.31 3.16 9.75
CA SER B 342 9.63 2.60 8.58
C SER B 342 8.35 3.39 8.27
N PRO B 343 7.90 3.37 7.00
CA PRO B 343 6.73 4.20 6.65
C PRO B 343 5.45 3.84 7.39
N GLU B 344 5.26 2.57 7.76
CA GLU B 344 4.07 2.20 8.52
C GLU B 344 4.08 2.83 9.91
N VAL B 345 5.25 2.87 10.54
CA VAL B 345 5.38 3.55 11.82
C VAL B 345 5.08 5.04 11.67
N GLU B 346 5.54 5.64 10.58
CA GLU B 346 5.30 7.06 10.34
C GLU B 346 3.81 7.35 10.15
N VAL B 347 3.11 6.52 9.37
CA VAL B 347 1.69 6.79 9.17
C VAL B 347 0.89 6.52 10.46
N PHE B 348 1.30 5.52 11.25
CA PHE B 348 0.64 5.32 12.54
C PHE B 348 0.83 6.51 13.45
N LEU B 349 2.05 7.03 13.54
CA LEU B 349 2.31 8.16 14.44
C LEU B 349 1.58 9.40 13.98
N HIS B 350 1.51 9.62 12.65
CA HIS B 350 0.79 10.76 12.13
C HIS B 350 -0.70 10.69 12.45
N ARG B 351 -1.31 9.50 12.25
CA ARG B 351 -2.73 9.35 12.57
C ARG B 351 -2.99 9.45 14.06
N PHE B 352 -2.06 8.95 14.88
CA PHE B 352 -2.18 9.04 16.33
C PHE B 352 -2.22 10.49 16.80
N TRP B 353 -1.25 11.29 16.37
CA TRP B 353 -1.21 12.69 16.80
C TRP B 353 -2.33 13.50 16.16
N GLU B 354 -2.76 13.12 14.96
CA GLU B 354 -3.93 13.75 14.33
C GLU B 354 -5.18 13.55 15.18
N MET B 355 -5.40 12.32 15.64
CA MET B 355 -6.59 12.04 16.46
C MET B 355 -6.52 12.77 17.80
N LEU B 356 -5.35 12.80 18.43
CA LEU B 356 -5.22 13.52 19.70
C LEU B 356 -5.51 15.01 19.54
N ALA B 357 -4.93 15.64 18.50
CA ALA B 357 -5.18 17.05 18.27
C ALA B 357 -6.63 17.32 17.89
N TYR B 358 -7.27 16.39 17.17
CA TYR B 358 -8.68 16.54 16.83
C TYR B 358 -9.56 16.54 18.08
N LEU B 359 -9.28 15.64 19.02
CA LEU B 359 -10.03 15.61 20.27
C LEU B 359 -9.83 16.91 21.05
N ALA B 360 -8.58 17.39 21.13
CA ALA B 360 -8.32 18.65 21.83
C ALA B 360 -9.04 19.82 21.19
N ASN B 361 -9.08 19.86 19.84
CA ASN B 361 -9.77 20.93 19.12
C ASN B 361 -11.25 20.94 19.43
N THR B 362 -11.92 19.79 19.29
CA THR B 362 -13.36 19.76 19.50
C THR B 362 -13.72 20.07 20.95
N LEU B 363 -12.94 19.54 21.89
CA LEU B 363 -13.19 19.85 23.30
C LEU B 363 -13.05 21.34 23.56
N ILE B 364 -12.00 21.96 23.03
CA ILE B 364 -11.76 23.39 23.25
C ILE B 364 -12.90 24.22 22.69
N PHE B 365 -13.37 23.89 21.49
CA PHE B 365 -14.45 24.68 20.89
C PHE B 365 -15.75 24.53 21.68
N MET B 366 -16.05 23.32 22.16
CA MET B 366 -17.24 23.15 22.99
C MET B 366 -17.17 23.98 24.27
N MET B 367 -16.03 23.92 24.98
CA MET B 367 -15.99 24.66 26.25
C MET B 367 -15.94 26.16 26.03
N VAL B 368 -15.32 26.62 24.95
CA VAL B 368 -15.31 28.07 24.71
C VAL B 368 -16.72 28.56 24.37
N GLY B 369 -17.50 27.74 23.65
CA GLY B 369 -18.90 28.11 23.42
C GLY B 369 -19.68 28.19 24.71
N VAL B 370 -19.53 27.18 25.58
CA VAL B 370 -20.29 27.14 26.84
C VAL B 370 -19.92 28.33 27.72
N VAL B 371 -18.62 28.60 27.89
CA VAL B 371 -18.19 29.66 28.78
C VAL B 371 -18.54 31.04 28.21
N VAL B 372 -18.43 31.20 26.89
CA VAL B 372 -18.80 32.47 26.26
C VAL B 372 -20.27 32.77 26.49
N THR B 373 -21.13 31.77 26.32
CA THR B 373 -22.56 32.00 26.56
C THR B 373 -22.85 32.27 28.04
N GLN B 374 -22.23 31.50 28.94
CA GLN B 374 -22.58 31.60 30.35
C GLN B 374 -22.09 32.91 30.96
N LYS B 375 -20.83 33.28 30.71
CA LYS B 375 -20.19 34.38 31.41
C LYS B 375 -19.95 35.60 30.54
N ALA B 376 -19.40 35.41 29.33
CA ALA B 376 -18.91 36.54 28.55
C ALA B 376 -20.05 37.44 28.08
N LEU B 377 -21.12 36.85 27.54
CA LEU B 377 -22.18 37.64 26.93
C LEU B 377 -23.03 38.40 27.94
N VAL B 378 -22.87 38.14 29.23
CA VAL B 378 -23.62 38.89 30.23
C VAL B 378 -23.12 40.34 30.31
N ALA B 379 -21.81 40.54 30.22
CA ALA B 379 -21.17 41.81 30.49
C ALA B 379 -20.63 42.48 29.23
N VAL B 380 -21.37 42.42 28.13
CA VAL B 380 -20.97 43.11 26.90
C VAL B 380 -22.04 44.14 26.54
N ASP B 381 -21.61 45.17 25.80
CA ASP B 381 -22.49 46.22 25.33
C ASP B 381 -22.34 46.39 23.83
N LYS B 382 -23.02 47.39 23.25
CA LYS B 382 -22.86 47.66 21.82
C LYS B 382 -21.47 48.19 21.50
N MET B 383 -20.87 48.92 22.45
CA MET B 383 -19.52 49.41 22.26
C MET B 383 -18.52 48.27 22.10
N ASP B 384 -18.76 47.15 22.78
CA ASP B 384 -17.90 45.98 22.62
C ASP B 384 -18.01 45.42 21.20
N TRP B 385 -19.22 45.41 20.63
CA TRP B 385 -19.38 44.96 19.25
C TRP B 385 -18.66 45.90 18.28
N PHE B 386 -18.77 47.21 18.52
CA PHE B 386 -18.08 48.19 17.69
C PHE B 386 -16.57 47.97 17.76
N TYR B 387 -16.05 47.75 18.97
CA TYR B 387 -14.63 47.45 19.15
C TYR B 387 -14.25 46.15 18.46
N LEU B 388 -15.15 45.17 18.45
CA LEU B 388 -14.87 43.91 17.76
C LEU B 388 -14.69 44.13 16.26
N ILE B 389 -15.60 44.88 15.64
CA ILE B 389 -15.46 45.14 14.20
C ILE B 389 -14.19 45.94 13.92
N ILE B 390 -13.91 46.95 14.75
CA ILE B 390 -12.72 47.77 14.54
C ILE B 390 -11.45 46.93 14.65
N LEU B 391 -11.40 46.05 15.66
CA LEU B 391 -10.23 45.19 15.84
C LEU B 391 -10.08 44.20 14.69
N TYR B 392 -11.21 43.68 14.17
CA TYR B 392 -11.12 42.77 13.03
C TYR B 392 -10.57 43.47 11.81
N LEU B 393 -10.98 44.72 11.58
CA LEU B 393 -10.39 45.49 10.49
C LEU B 393 -8.90 45.73 10.74
N ALA B 394 -8.55 46.07 11.98
CA ALA B 394 -7.18 46.48 12.29
C ALA B 394 -6.19 45.34 12.15
N ILE B 395 -6.56 44.13 12.57
CA ILE B 395 -5.61 43.02 12.50
C ILE B 395 -5.27 42.70 11.04
N THR B 396 -6.27 42.68 10.17
CA THR B 396 -6.02 42.45 8.75
C THR B 396 -5.20 43.58 8.14
N ILE B 397 -5.52 44.83 8.51
CA ILE B 397 -4.80 45.97 7.97
C ILE B 397 -3.32 45.92 8.36
N ILE B 398 -3.03 45.62 9.64
CA ILE B 398 -1.64 45.60 10.07
C ILE B 398 -0.90 44.39 9.51
N ALA B 399 -1.59 43.27 9.30
CA ALA B 399 -0.95 42.13 8.65
C ALA B 399 -0.55 42.48 7.21
N GLY B 400 -1.46 43.11 6.47
CA GLY B 400 -1.13 43.55 5.13
C GLY B 400 -0.02 44.58 5.12
N MET B 401 -0.03 45.49 6.09
CA MET B 401 1.00 46.52 6.17
C MET B 401 2.37 45.92 6.42
N VAL B 402 2.46 44.96 7.35
CA VAL B 402 3.76 44.39 7.67
C VAL B 402 4.27 43.52 6.53
N ILE B 403 3.38 42.78 5.86
CA ILE B 403 3.86 41.96 4.75
C ILE B 403 4.29 42.83 3.57
N SER B 404 3.57 43.93 3.32
CA SER B 404 3.96 44.83 2.24
C SER B 404 5.27 45.54 2.56
N LEU B 405 5.49 45.90 3.83
CA LEU B 405 6.72 46.57 4.20
C LEU B 405 7.93 45.63 4.12
N PHE B 406 7.75 44.37 4.51
CA PHE B 406 8.90 43.47 4.57
C PHE B 406 9.05 42.62 3.31
N SER B 407 8.17 42.74 2.34
CA SER B 407 8.39 42.07 1.05
C SER B 407 9.63 42.56 0.31
N PRO B 408 9.93 43.87 0.19
CA PRO B 408 11.18 44.27 -0.47
C PRO B 408 12.44 43.77 0.22
N ILE B 409 12.44 43.65 1.55
CA ILE B 409 13.61 43.15 2.25
C ILE B 409 13.86 41.68 1.89
N LEU B 410 12.81 40.87 1.85
CA LEU B 410 12.94 39.50 1.39
C LEU B 410 13.31 39.43 -0.09
N SER B 411 12.88 40.42 -0.87
CA SER B 411 13.24 40.47 -2.28
C SER B 411 14.74 40.73 -2.45
N ARG B 412 15.31 41.60 -1.62
CA ARG B 412 16.72 41.93 -1.74
C ARG B 412 17.64 40.81 -1.28
N ILE B 413 17.17 39.92 -0.41
CA ILE B 413 18.00 38.84 0.09
C ILE B 413 18.24 37.75 -0.95
N GLY B 414 17.48 37.76 -2.05
CA GLY B 414 17.61 36.77 -3.10
C GLY B 414 16.47 35.79 -3.17
N TYR B 415 15.58 35.76 -2.17
CA TYR B 415 14.41 34.88 -2.16
C TYR B 415 13.22 35.73 -1.75
N GLY B 416 12.56 36.34 -2.73
CA GLY B 416 11.39 37.15 -2.49
C GLY B 416 10.10 36.39 -2.67
N LEU B 417 8.99 37.11 -2.58
CA LEU B 417 7.67 36.56 -2.79
C LEU B 417 6.90 37.46 -3.74
N THR B 418 5.93 36.86 -4.44
CA THR B 418 5.20 37.56 -5.49
C THR B 418 4.15 38.48 -4.86
N TRP B 419 3.28 39.04 -5.70
CA TRP B 419 2.19 39.90 -5.26
C TRP B 419 0.92 39.13 -4.95
N ARG B 420 0.55 38.20 -5.84
CA ARG B 420 -0.62 37.36 -5.59
C ARG B 420 -0.42 36.47 -4.38
N ASN B 421 0.79 35.93 -4.21
CA ASN B 421 1.08 35.11 -3.05
C ASN B 421 0.99 35.93 -1.76
N ALA B 422 1.46 37.17 -1.80
CA ALA B 422 1.32 38.04 -0.62
C ALA B 422 -0.14 38.36 -0.33
N VAL B 423 -0.95 38.57 -1.37
CA VAL B 423 -2.37 38.85 -1.18
C VAL B 423 -3.06 37.65 -0.53
N ILE B 424 -2.73 36.44 -0.97
CA ILE B 424 -3.29 35.25 -0.32
C ILE B 424 -2.75 35.10 1.10
N MET B 425 -1.49 35.47 1.33
CA MET B 425 -0.89 35.32 2.64
C MET B 425 -1.58 36.20 3.67
N THR B 426 -1.82 37.46 3.33
CA THR B 426 -2.41 38.38 4.30
C THR B 426 -3.88 38.08 4.58
N TRP B 427 -4.51 37.21 3.80
CA TRP B 427 -5.91 36.86 3.98
C TRP B 427 -6.11 35.51 4.63
N GLY B 428 -5.16 34.60 4.52
CA GLY B 428 -5.29 33.27 5.08
C GLY B 428 -4.84 33.17 6.53
N GLY B 429 -4.97 34.26 7.27
CA GLY B 429 -4.63 34.27 8.68
C GLY B 429 -5.81 33.89 9.54
N LEU B 430 -6.21 32.62 9.48
CA LEU B 430 -7.36 32.15 10.24
C LEU B 430 -6.96 31.88 11.67
N ARG B 431 -7.72 32.40 12.62
CA ARG B 431 -7.51 32.07 14.01
C ARG B 431 -8.11 30.70 14.32
N GLY B 432 -7.62 30.09 15.39
CA GLY B 432 -7.96 28.72 15.72
C GLY B 432 -8.14 28.49 17.19
N ALA B 433 -7.64 27.35 17.67
CA ALA B 433 -7.86 26.93 19.04
C ALA B 433 -6.73 27.32 19.99
N VAL B 434 -5.57 27.74 19.48
CA VAL B 434 -4.50 28.19 20.36
C VAL B 434 -4.89 29.49 21.06
N GLY B 435 -5.38 30.46 20.30
CA GLY B 435 -5.84 31.70 20.89
C GLY B 435 -7.04 31.51 21.80
N LEU B 436 -7.93 30.58 21.44
CA LEU B 436 -9.08 30.27 22.29
C LEU B 436 -8.65 29.64 23.61
N ALA B 437 -7.67 28.74 23.56
CA ALA B 437 -7.15 28.14 24.78
C ALA B 437 -6.48 29.18 25.67
N LEU B 438 -5.71 30.10 25.07
CA LEU B 438 -5.09 31.16 25.87
C LEU B 438 -6.14 32.09 26.49
N ALA B 439 -7.21 32.39 25.74
CA ALA B 439 -8.28 33.21 26.28
C ALA B 439 -9.02 32.50 27.41
N LEU B 440 -9.19 31.18 27.30
CA LEU B 440 -9.78 30.40 28.38
C LEU B 440 -8.90 30.42 29.62
N VAL B 441 -7.58 30.34 29.43
CA VAL B 441 -6.64 30.43 30.54
C VAL B 441 -6.77 31.78 31.25
N VAL B 442 -6.84 32.86 30.47
CA VAL B 442 -6.99 34.19 31.06
C VAL B 442 -8.33 34.32 31.78
N GLU B 443 -9.39 33.72 31.22
CA GLU B 443 -10.69 33.74 31.87
C GLU B 443 -10.67 33.01 33.22
N ASN B 444 -9.98 31.87 33.27
CA ASN B 444 -9.87 31.13 34.52
C ASN B 444 -9.04 31.89 35.55
N LEU B 445 -7.93 32.49 35.12
CA LEU B 445 -7.01 33.15 36.04
C LEU B 445 -7.53 34.50 36.53
N ALA B 446 -8.30 35.21 35.70
CA ALA B 446 -8.78 36.53 36.09
C ALA B 446 -9.73 36.45 37.28
N GLY B 447 -10.60 35.48 37.30
CA GLY B 447 -11.53 35.30 38.41
C GLY B 447 -12.82 36.08 38.19
N ASN B 448 -13.10 37.01 39.09
CA ASN B 448 -14.30 37.85 39.00
C ASN B 448 -14.05 39.15 38.23
N ASP B 449 -12.83 39.37 37.76
CA ASP B 449 -12.54 40.56 36.98
C ASP B 449 -13.17 40.46 35.60
N VAL B 450 -13.42 41.62 34.99
CA VAL B 450 -14.03 41.67 33.66
C VAL B 450 -13.02 41.51 32.54
N ILE B 451 -11.72 41.55 32.85
CA ILE B 451 -10.71 41.46 31.81
C ILE B 451 -10.75 40.09 31.13
N GLY B 452 -10.98 39.03 31.91
CA GLY B 452 -11.09 37.71 31.32
C GLY B 452 -12.29 37.57 30.41
N SER B 453 -13.42 38.15 30.82
CA SER B 453 -14.61 38.12 29.97
C SER B 453 -14.39 38.89 28.67
N LYS B 454 -13.73 40.05 28.75
CA LYS B 454 -13.43 40.82 27.54
C LYS B 454 -12.47 40.06 26.63
N PHE B 455 -11.45 39.41 27.20
CA PHE B 455 -10.54 38.60 26.41
C PHE B 455 -11.28 37.48 25.68
N LEU B 456 -12.13 36.75 26.40
CA LEU B 456 -12.84 35.64 25.78
C LEU B 456 -13.82 36.13 24.72
N PHE B 457 -14.53 37.23 24.99
CA PHE B 457 -15.47 37.77 24.01
C PHE B 457 -14.76 38.18 22.73
N HIS B 458 -13.66 38.94 22.84
CA HIS B 458 -12.98 39.42 21.65
C HIS B 458 -12.31 38.28 20.90
N THR B 459 -11.69 37.33 21.60
CA THR B 459 -11.04 36.22 20.91
C THR B 459 -12.05 35.34 20.19
N ALA B 460 -13.17 35.03 20.84
CA ALA B 460 -14.20 34.23 20.18
C ALA B 460 -14.79 34.96 18.98
N GLY B 461 -15.04 36.27 19.13
CA GLY B 461 -15.55 37.04 18.02
C GLY B 461 -14.62 37.07 16.83
N ILE B 462 -13.32 37.24 17.09
CA ILE B 462 -12.34 37.28 16.00
C ILE B 462 -12.22 35.92 15.34
N VAL B 463 -12.25 34.84 16.11
CA VAL B 463 -12.20 33.50 15.53
C VAL B 463 -13.41 33.26 14.63
N VAL B 464 -14.60 33.63 15.11
CA VAL B 464 -15.82 33.46 14.33
C VAL B 464 -15.77 34.29 13.05
N LEU B 465 -15.34 35.55 13.15
CA LEU B 465 -15.29 36.42 11.99
C LEU B 465 -14.29 35.91 10.96
N THR B 466 -13.12 35.44 11.40
CA THR B 466 -12.14 34.92 10.45
C THR B 466 -12.68 33.67 9.76
N LEU B 467 -13.20 32.71 10.54
CA LEU B 467 -13.71 31.48 9.94
C LEU B 467 -14.93 31.71 9.06
N VAL B 468 -15.66 32.80 9.25
CA VAL B 468 -16.84 33.07 8.44
C VAL B 468 -16.49 33.87 7.19
N ILE B 469 -15.55 34.81 7.26
CA ILE B 469 -15.25 35.66 6.13
C ILE B 469 -14.06 35.13 5.33
N ASN B 470 -12.91 34.95 5.98
CA ASN B 470 -11.69 34.64 5.25
C ASN B 470 -11.76 33.27 4.58
N ALA B 471 -12.35 32.28 5.28
CA ALA B 471 -12.41 30.94 4.72
C ALA B 471 -13.29 30.90 3.48
N THR B 472 -14.37 31.67 3.46
CA THR B 472 -15.22 31.70 2.27
C THR B 472 -14.62 32.53 1.15
N THR B 473 -13.89 33.61 1.47
CA THR B 473 -13.38 34.48 0.43
C THR B 473 -12.02 34.05 -0.12
N ILE B 474 -11.32 33.11 0.54
CA ILE B 474 -10.01 32.72 0.03
C ILE B 474 -10.15 31.95 -1.28
N GLN B 475 -11.19 31.13 -1.43
CA GLN B 475 -11.40 30.42 -2.68
C GLN B 475 -11.80 31.37 -3.80
N THR B 476 -12.59 32.40 -3.48
CA THR B 476 -12.92 33.43 -4.45
C THR B 476 -11.67 34.16 -4.92
N LEU B 477 -10.78 34.51 -3.98
CA LEU B 477 -9.54 35.20 -4.35
C LEU B 477 -8.64 34.30 -5.18
N LEU B 478 -8.60 33.01 -4.85
CA LEU B 478 -7.78 32.07 -5.62
C LEU B 478 -8.32 31.91 -7.04
N ARG B 479 -9.64 31.84 -7.19
CA ARG B 479 -10.22 31.74 -8.53
C ARG B 479 -9.98 33.00 -9.35
N ILE B 480 -10.18 34.17 -8.73
CA ILE B 480 -10.00 35.44 -9.45
C ILE B 480 -8.53 35.62 -9.84
N LEU B 481 -7.62 35.32 -8.93
CA LEU B 481 -6.20 35.55 -9.18
C LEU B 481 -5.57 34.48 -10.07
N GLY B 482 -6.29 33.41 -10.38
CA GLY B 482 -5.82 32.44 -11.35
C GLY B 482 -4.83 31.43 -10.87
N MET B 483 -4.70 31.23 -9.55
CA MET B 483 -3.80 30.22 -9.01
C MET B 483 -4.44 28.84 -8.91
N SER B 484 -5.70 28.70 -9.28
CA SER B 484 -6.41 27.43 -9.18
C SER B 484 -6.22 26.56 -10.42
N ASP B 485 -5.40 26.97 -11.36
CA ASP B 485 -5.18 26.19 -12.57
C ASP B 485 -4.40 24.92 -12.27
N ILE B 486 -4.57 23.93 -13.14
CA ILE B 486 -3.92 22.63 -12.98
C ILE B 486 -2.74 22.55 -13.94
N SER B 487 -1.71 21.83 -13.52
CA SER B 487 -0.55 21.62 -14.39
C SER B 487 -0.90 20.67 -15.53
N ILE B 488 -0.41 20.97 -16.72
CA ILE B 488 -0.77 20.20 -17.91
C ILE B 488 -0.29 18.74 -17.84
N PRO B 489 0.98 18.44 -17.49
CA PRO B 489 1.38 17.02 -17.46
C PRO B 489 0.60 16.18 -16.46
N LYS B 490 0.28 16.72 -15.29
CA LYS B 490 -0.49 15.95 -14.30
C LYS B 490 -1.90 15.65 -14.82
N ARG B 491 -2.53 16.65 -15.43
CA ARG B 491 -3.87 16.44 -16.00
C ARG B 491 -3.83 15.42 -17.13
N LEU B 492 -2.81 15.48 -17.98
CA LEU B 492 -2.69 14.52 -19.08
C LEU B 492 -2.48 13.10 -18.55
N ALA B 493 -1.62 12.94 -17.54
CA ALA B 493 -1.40 11.63 -16.96
C ALA B 493 -2.67 11.08 -16.32
N MET B 494 -3.40 11.92 -15.58
CA MET B 494 -4.66 11.50 -14.98
C MET B 494 -5.67 11.08 -16.04
N ALA B 495 -5.81 11.88 -17.10
CA ALA B 495 -6.78 11.58 -18.15
C ALA B 495 -6.43 10.27 -18.86
N GLY B 496 -5.15 10.07 -19.19
CA GLY B 496 -4.75 8.83 -19.81
C GLY B 496 -5.00 7.63 -18.92
N ALA B 497 -4.69 7.75 -17.62
CA ALA B 497 -4.91 6.64 -16.70
C ALA B 497 -6.39 6.29 -16.59
N VAL B 498 -7.25 7.31 -16.44
CA VAL B 498 -8.66 7.01 -16.22
C VAL B 498 -9.33 6.50 -17.50
N ARG B 499 -8.93 7.01 -18.67
CA ARG B 499 -9.41 6.46 -19.93
C ARG B 499 -8.95 5.01 -20.14
N ARG B 500 -7.70 4.70 -19.76
CA ARG B 500 -7.25 3.31 -19.83
C ARG B 500 -8.06 2.42 -18.90
N ILE B 501 -8.36 2.92 -17.70
CA ILE B 501 -9.20 2.19 -16.75
C ILE B 501 -10.58 1.93 -17.35
N HIS B 502 -11.17 2.95 -17.96
CA HIS B 502 -12.51 2.81 -18.54
C HIS B 502 -12.51 1.81 -19.69
N GLU B 503 -11.48 1.85 -20.54
CA GLU B 503 -11.41 0.90 -21.65
C GLU B 503 -11.26 -0.53 -21.14
N GLY B 504 -10.43 -0.72 -20.10
CA GLY B 504 -10.31 -2.04 -19.51
C GLY B 504 -11.62 -2.53 -18.91
N GLN B 505 -12.35 -1.63 -18.25
CA GLN B 505 -13.64 -2.01 -17.67
C GLN B 505 -14.67 -2.36 -18.75
N ASN B 506 -14.66 -1.62 -19.86
CA ASN B 506 -15.55 -1.95 -20.97
C ASN B 506 -15.21 -3.31 -21.56
N ARG B 507 -13.91 -3.61 -21.70
CA ARG B 507 -13.49 -4.92 -22.17
C ARG B 507 -13.93 -6.03 -21.23
N THR B 508 -13.81 -5.79 -19.91
CA THR B 508 -14.28 -6.77 -18.94
C THR B 508 -15.79 -6.97 -19.04
N LEU B 509 -16.54 -5.89 -19.26
CA LEU B 509 -17.98 -6.01 -19.42
C LEU B 509 -18.34 -6.84 -20.64
N ASN B 510 -17.66 -6.60 -21.77
CA ASN B 510 -17.94 -7.39 -22.97
C ASN B 510 -17.52 -8.84 -22.80
N MET B 511 -16.48 -9.09 -22.01
CA MET B 511 -16.12 -10.47 -21.68
C MET B 511 -17.19 -11.14 -20.83
N LEU B 512 -17.72 -10.41 -19.83
CA LEU B 512 -18.66 -11.02 -18.89
C LEU B 512 -20.03 -11.25 -19.50
N LYS B 513 -20.48 -10.35 -20.40
CA LYS B 513 -21.82 -10.47 -20.96
C LYS B 513 -22.00 -11.73 -21.80
N SER B 514 -20.92 -12.34 -22.27
CA SER B 514 -20.98 -13.55 -23.08
C SER B 514 -20.53 -14.78 -22.30
N ASP B 515 -20.46 -14.69 -20.98
CA ASP B 515 -20.04 -15.82 -20.17
C ASP B 515 -21.12 -16.90 -20.13
N ARG B 516 -20.68 -18.15 -20.01
CA ARG B 516 -21.63 -19.26 -19.92
C ARG B 516 -22.29 -19.35 -18.56
N PHE B 517 -21.65 -18.82 -17.51
CA PHE B 517 -22.18 -18.91 -16.15
C PHE B 517 -22.85 -17.62 -15.70
N LEU B 518 -22.28 -16.47 -16.02
CA LEU B 518 -22.91 -15.19 -15.69
C LEU B 518 -23.79 -14.70 -16.84
N ALA B 519 -24.69 -15.57 -17.30
CA ALA B 519 -25.63 -15.24 -18.36
C ALA B 519 -27.03 -15.02 -17.82
N ASP B 520 -27.17 -14.73 -16.52
CA ASP B 520 -28.47 -14.52 -15.92
C ASP B 520 -28.51 -13.31 -14.99
N ALA B 521 -27.40 -12.60 -14.81
CA ALA B 521 -27.36 -11.48 -13.87
C ALA B 521 -28.11 -10.27 -14.42
N ASP B 522 -28.35 -9.31 -13.54
CA ASP B 522 -28.96 -8.04 -13.91
C ASP B 522 -27.85 -7.10 -14.37
N TRP B 523 -27.84 -6.78 -15.65
CA TRP B 523 -26.74 -6.05 -16.24
C TRP B 523 -26.85 -4.54 -16.11
N ASP B 524 -28.02 -4.02 -15.72
CA ASP B 524 -28.14 -2.58 -15.50
C ASP B 524 -27.27 -2.13 -14.33
N ILE B 525 -27.26 -2.91 -13.24
CA ILE B 525 -26.43 -2.58 -12.09
C ILE B 525 -24.96 -2.62 -12.46
N ALA B 526 -24.55 -3.63 -13.23
CA ALA B 526 -23.15 -3.76 -13.62
C ALA B 526 -22.73 -2.64 -14.55
N THR B 527 -23.59 -2.25 -15.49
CA THR B 527 -23.25 -1.17 -16.41
C THR B 527 -23.25 0.18 -15.70
N ALA B 528 -24.08 0.36 -14.68
CA ALA B 528 -24.03 1.59 -13.90
C ALA B 528 -22.83 1.65 -12.98
N ALA B 529 -22.37 0.50 -12.49
CA ALA B 529 -21.30 0.46 -11.49
C ALA B 529 -19.91 0.55 -12.10
N CYS B 530 -19.77 0.41 -13.41
CA CYS B 530 -18.45 0.53 -14.05
C CYS B 530 -18.17 1.95 -14.50
N GLU B 531 -18.35 2.90 -13.59
CA GLU B 531 -18.17 4.31 -13.88
C GLU B 531 -17.14 4.91 -12.92
N ILE B 532 -16.26 5.72 -13.45
CA ILE B 532 -15.18 6.33 -12.69
C ILE B 532 -15.61 7.70 -12.21
N SER B 533 -15.04 8.15 -11.08
CA SER B 533 -15.34 9.46 -10.55
C SER B 533 -14.85 10.59 -11.44
N ASP B 534 -13.92 10.30 -12.37
CA ASP B 534 -13.33 11.25 -13.30
C ASP B 534 -12.72 12.44 -12.55
N PRO B 535 -11.60 12.24 -11.83
CA PRO B 535 -10.99 13.33 -11.07
C PRO B 535 -10.36 14.39 -11.96
N SER B 571 5.16 36.12 -44.07
CA SER B 571 5.06 37.29 -43.20
C SER B 571 5.73 37.03 -41.86
N PRO B 572 6.38 38.06 -41.30
CA PRO B 572 7.01 37.89 -39.97
C PRO B 572 6.02 37.60 -38.86
N ARG B 573 4.75 37.98 -39.01
CA ARG B 573 3.75 37.66 -38.00
C ARG B 573 3.57 36.16 -37.86
N GLU B 574 3.47 35.44 -38.99
CA GLU B 574 3.37 33.99 -38.91
C GLU B 574 4.66 33.38 -38.37
N PHE B 575 5.81 34.01 -38.64
CA PHE B 575 7.07 33.52 -38.06
C PHE B 575 7.05 33.63 -36.55
N ALA B 576 6.55 34.75 -36.03
CA ALA B 576 6.39 34.91 -34.59
C ALA B 576 5.41 33.88 -34.03
N ASP B 577 4.35 33.58 -34.80
CA ASP B 577 3.39 32.58 -34.37
C ASP B 577 4.04 31.21 -34.21
N MET B 578 4.79 30.76 -35.23
CA MET B 578 5.46 29.47 -35.10
C MET B 578 6.53 29.47 -34.02
N MET B 579 7.23 30.59 -33.81
CA MET B 579 8.25 30.58 -32.77
C MET B 579 7.63 30.54 -31.37
N GLU B 580 6.48 31.21 -31.17
CA GLU B 580 5.82 31.13 -29.88
C GLU B 580 5.22 29.75 -29.66
N GLU B 581 4.72 29.11 -30.74
CA GLU B 581 4.24 27.73 -30.62
C GLU B 581 5.39 26.79 -30.28
N ALA B 582 6.57 27.03 -30.85
CA ALA B 582 7.73 26.21 -30.53
C ALA B 582 8.17 26.41 -29.09
N ARG B 583 8.10 27.63 -28.59
CA ARG B 583 8.42 27.88 -27.18
C ARG B 583 7.46 27.13 -26.26
N LEU B 584 6.16 27.20 -26.55
CA LEU B 584 5.19 26.44 -25.77
C LEU B 584 5.44 24.94 -25.87
N ARG B 585 5.85 24.48 -27.05
CA ARG B 585 6.11 23.06 -27.25
C ARG B 585 7.30 22.59 -26.43
N MET B 586 8.39 23.36 -26.43
CA MET B 586 9.52 23.00 -25.57
C MET B 586 9.12 23.02 -24.10
N LEU B 587 8.33 23.99 -23.68
CA LEU B 587 7.94 24.06 -22.28
C LEU B 587 7.14 22.82 -21.87
N LYS B 588 6.11 22.48 -22.66
CA LYS B 588 5.28 21.34 -22.30
C LYS B 588 6.04 20.01 -22.45
N ALA B 589 6.93 19.91 -23.43
CA ALA B 589 7.68 18.67 -23.60
C ALA B 589 8.70 18.49 -22.50
N GLU B 590 9.36 19.57 -22.07
CA GLU B 590 10.26 19.49 -20.93
C GLU B 590 9.50 19.12 -19.67
N LYS B 591 8.31 19.68 -19.47
CA LYS B 591 7.51 19.35 -18.29
C LYS B 591 7.15 17.87 -18.27
N ILE B 592 6.64 17.34 -19.38
CA ILE B 592 6.25 15.93 -19.40
C ILE B 592 7.47 15.02 -19.31
N SER B 593 8.61 15.42 -19.88
CA SER B 593 9.81 14.61 -19.79
C SER B 593 10.33 14.54 -18.37
N TYR B 594 10.34 15.69 -17.66
CA TYR B 594 10.77 15.68 -16.26
C TYR B 594 9.83 14.86 -15.40
N TRP B 595 8.53 14.94 -15.67
CA TRP B 595 7.58 14.13 -14.92
C TRP B 595 7.81 12.64 -15.17
N LYS B 596 8.04 12.26 -16.42
CA LYS B 596 8.31 10.85 -16.73
C LYS B 596 9.60 10.37 -16.08
N GLN B 597 10.63 11.22 -16.07
CA GLN B 597 11.88 10.86 -15.41
C GLN B 597 11.69 10.66 -13.91
N PHE B 598 10.87 11.52 -13.29
CA PHE B 598 10.57 11.33 -11.87
C PHE B 598 9.81 10.04 -11.64
N GLU B 599 8.84 9.74 -12.51
CA GLU B 599 8.01 8.56 -12.32
C GLU B 599 8.81 7.28 -12.49
N HIS B 600 9.77 7.25 -13.43
CA HIS B 600 10.59 6.06 -13.61
C HIS B 600 11.45 5.79 -12.39
N GLY B 601 11.97 6.84 -11.76
CA GLY B 601 12.81 6.68 -10.59
C GLY B 601 14.19 7.29 -10.71
N MET B 602 14.33 8.29 -11.58
CA MET B 602 15.60 9.01 -11.72
C MET B 602 15.65 10.26 -10.84
N LEU B 603 14.71 11.18 -11.05
CA LEU B 603 14.72 12.43 -10.31
C LEU B 603 14.31 12.21 -8.85
N ALA B 604 14.85 13.05 -7.98
CA ALA B 604 14.43 13.08 -6.59
C ALA B 604 13.26 14.04 -6.41
N ARG B 605 12.63 13.98 -5.23
CA ARG B 605 11.49 14.85 -4.96
C ARG B 605 11.90 16.32 -4.99
N GLU B 606 12.99 16.66 -4.30
CA GLU B 606 13.48 18.03 -4.33
C GLU B 606 13.94 18.43 -5.73
N ALA B 607 14.64 17.53 -6.42
CA ALA B 607 15.10 17.82 -7.77
C ALA B 607 13.93 18.01 -8.74
N LEU B 608 12.91 17.15 -8.64
CA LEU B 608 11.72 17.31 -9.46
C LEU B 608 11.02 18.63 -9.16
N ARG B 609 10.90 18.98 -7.87
CA ARG B 609 10.26 20.22 -7.49
C ARG B 609 11.00 21.42 -8.07
N LEU B 610 12.33 21.42 -7.94
CA LEU B 610 13.14 22.52 -8.46
C LEU B 610 13.01 22.60 -9.98
N LEU B 611 13.04 21.45 -10.67
CA LEU B 611 12.98 21.45 -12.12
C LEU B 611 11.64 21.97 -12.62
N VAL B 612 10.54 21.48 -12.06
CA VAL B 612 9.23 21.92 -12.53
C VAL B 612 8.96 23.37 -12.13
N GLN B 613 9.46 23.80 -10.96
CA GLN B 613 9.28 25.19 -10.56
C GLN B 613 10.05 26.13 -11.48
N HIS B 614 11.28 25.76 -11.85
CA HIS B 614 12.04 26.59 -12.78
C HIS B 614 11.40 26.58 -14.17
N ALA B 615 10.84 25.44 -14.58
CA ALA B 615 10.12 25.40 -15.85
C ALA B 615 8.91 26.32 -15.85
N GLU B 616 8.15 26.32 -14.75
CA GLU B 616 6.99 27.20 -14.63
C GLU B 616 7.41 28.67 -14.62
N VAL B 617 8.53 28.98 -13.96
CA VAL B 617 9.03 30.35 -13.95
C VAL B 617 9.48 30.77 -15.35
N ALA B 618 10.18 29.88 -16.05
CA ALA B 618 10.76 30.20 -17.35
C ALA B 618 9.79 30.05 -18.50
N ALA B 619 8.56 29.59 -18.25
CA ALA B 619 7.57 29.49 -19.32
C ALA B 619 7.29 30.83 -19.97
N ASP B 620 7.28 31.91 -19.18
CA ASP B 620 7.03 33.24 -19.73
C ASP B 620 8.28 33.90 -20.31
N GLU B 621 9.45 33.27 -20.17
CA GLU B 621 10.67 33.87 -20.68
C GLU B 621 10.72 33.79 -22.21
N LYS B 622 11.27 34.84 -22.82
CA LYS B 622 11.42 34.90 -24.27
C LYS B 622 12.86 34.97 -24.74
N ASP B 623 13.79 35.47 -23.92
CA ASP B 623 15.19 35.52 -24.33
C ASP B 623 15.79 34.13 -24.41
N GLN B 624 15.60 33.32 -23.38
CA GLN B 624 16.10 31.96 -23.34
C GLN B 624 15.01 31.04 -22.82
N PHE B 625 15.09 29.77 -23.23
CA PHE B 625 14.10 28.79 -22.77
C PHE B 625 14.34 28.39 -21.33
N ILE B 626 15.52 27.83 -21.05
CA ILE B 626 15.92 27.47 -19.69
C ILE B 626 17.29 28.09 -19.44
N LEU B 627 17.37 28.92 -18.41
CA LEU B 627 18.64 29.55 -18.05
C LEU B 627 19.50 28.55 -17.30
N VAL B 628 20.75 28.37 -17.76
CA VAL B 628 21.65 27.43 -17.11
C VAL B 628 22.19 27.99 -15.80
N ASP B 629 22.06 29.30 -15.57
CA ASP B 629 22.65 29.90 -14.37
C ASP B 629 21.87 29.57 -13.11
N ASP B 630 20.54 29.45 -13.20
CA ASP B 630 19.76 29.03 -12.04
C ASP B 630 20.09 27.59 -11.65
N LEU B 631 20.22 26.71 -12.64
CA LEU B 631 20.68 25.36 -12.35
C LEU B 631 22.10 25.35 -11.81
N LYS B 632 22.96 26.27 -12.29
CA LYS B 632 24.29 26.40 -11.73
C LYS B 632 24.23 26.76 -10.25
N LYS B 633 23.37 27.71 -9.90
CA LYS B 633 23.15 28.04 -8.50
C LYS B 633 22.60 26.85 -7.73
N SER B 634 21.85 25.98 -8.41
CA SER B 634 21.35 24.76 -7.76
C SER B 634 22.49 23.81 -7.43
N TRP B 635 23.44 23.61 -8.34
CA TRP B 635 24.52 22.67 -8.05
C TRP B 635 25.79 23.33 -7.53
N GLN B 636 26.12 24.54 -7.95
CA GLN B 636 27.35 25.20 -7.51
C GLN B 636 27.10 26.10 -6.32
N ILE B 637 26.52 25.53 -5.27
CA ILE B 637 26.36 26.22 -4.00
C ILE B 637 27.21 25.58 -2.91
N LYS B 638 28.01 24.57 -3.27
CA LYS B 638 28.97 24.00 -2.35
C LYS B 638 30.16 24.95 -2.18
N GLY B 639 31.20 24.51 -1.49
CA GLY B 639 32.24 25.44 -1.10
C GLY B 639 31.84 26.32 0.07
N ILE B 640 30.74 25.97 0.74
CA ILE B 640 30.23 26.67 1.91
C ILE B 640 31.19 26.40 3.06
N TYR B 641 31.10 27.20 4.13
CA TYR B 641 32.04 27.11 5.24
C TYR B 641 32.19 25.71 5.85
N PRO B 642 31.20 24.81 5.79
CA PRO B 642 31.49 23.40 6.12
C PRO B 642 32.67 22.80 5.36
N TRP B 643 32.84 23.12 4.08
CA TRP B 643 33.97 22.55 3.33
C TRP B 643 35.30 23.09 3.86
N LEU B 644 35.35 24.40 4.16
CA LEU B 644 36.56 24.97 4.73
C LEU B 644 36.85 24.40 6.12
N LYS B 645 35.79 24.17 6.91
CA LYS B 645 35.95 23.56 8.22
C LYS B 645 36.48 22.14 8.10
N ARG B 646 36.00 21.40 7.09
CA ARG B 646 36.52 20.05 6.85
C ARG B 646 38.00 20.10 6.48
N LYS B 647 38.39 21.05 5.63
CA LYS B 647 39.81 21.19 5.29
C LYS B 647 40.64 21.54 6.52
N LEU B 648 40.13 22.43 7.37
CA LEU B 648 40.86 22.82 8.57
C LEU B 648 41.01 21.65 9.53
N GLU B 649 39.96 20.86 9.70
CA GLU B 649 40.06 19.68 10.56
C GLU B 649 40.98 18.62 9.97
N ASP B 650 41.02 18.51 8.65
CA ASP B 650 41.95 17.58 8.01
C ASP B 650 43.39 18.00 8.26
N LEU B 651 43.69 19.30 8.15
CA LEU B 651 45.05 19.75 8.43
C LEU B 651 45.34 19.77 9.92
N ILE B 652 44.31 19.74 10.75
CA ILE B 652 44.50 19.62 12.19
C ILE B 652 44.87 18.19 12.55
N LEU B 811 40.50 16.76 27.66
CA LEU B 811 40.60 17.15 26.26
C LEU B 811 40.74 15.93 25.35
N ARG B 812 40.80 14.75 25.96
CA ARG B 812 40.85 13.51 25.17
C ARG B 812 39.53 13.29 24.45
N LEU B 813 38.42 13.69 25.06
CA LEU B 813 37.13 13.60 24.39
C LEU B 813 37.07 14.52 23.18
N THR B 814 37.75 15.66 23.22
CA THR B 814 37.87 16.52 22.04
C THR B 814 38.63 15.81 20.93
N LYS B 815 39.70 15.09 21.29
CA LYS B 815 40.47 14.34 20.30
C LYS B 815 39.62 13.24 19.67
N ALA B 816 38.78 12.57 20.49
CA ALA B 816 37.90 11.55 19.94
C ALA B 816 36.77 12.15 19.11
N LEU B 817 36.32 13.37 19.45
CA LEU B 817 35.24 14.03 18.74
C LEU B 817 35.69 14.64 17.42
N ILE B 818 36.99 14.93 17.27
CA ILE B 818 37.48 15.55 16.04
C ILE B 818 37.19 14.72 14.79
N PRO B 819 37.46 13.40 14.75
CA PRO B 819 37.08 12.64 13.54
C PRO B 819 35.59 12.49 13.35
N LYS B 820 34.78 12.66 14.40
CA LYS B 820 33.34 12.46 14.28
C LYS B 820 32.63 13.65 13.64
N LEU B 821 33.30 14.80 13.50
CA LEU B 821 32.73 15.89 12.73
C LEU B 821 33.03 15.78 11.24
N ILE B 822 34.07 15.01 10.88
CA ILE B 822 34.37 14.77 9.47
C ILE B 822 33.21 14.02 8.81
N LEU B 823 32.66 13.02 9.49
CA LEU B 823 31.54 12.27 8.94
C LEU B 823 30.31 13.15 8.74
N VAL B 824 30.00 14.01 9.72
CA VAL B 824 28.80 14.83 9.60
C VAL B 824 28.99 15.92 8.55
N VAL B 825 30.20 16.46 8.40
CA VAL B 825 30.39 17.47 7.35
C VAL B 825 30.41 16.82 5.98
N ASN B 826 30.88 15.57 5.88
CA ASN B 826 30.78 14.83 4.62
C ASN B 826 29.33 14.58 4.26
N GLY B 827 28.51 14.23 5.25
CA GLY B 827 27.08 14.08 4.99
C GLY B 827 26.42 15.38 4.57
N LYS B 828 26.83 16.49 5.19
CA LYS B 828 26.27 17.79 4.82
C LYS B 828 26.64 18.17 3.39
N ILE B 829 27.87 17.86 2.97
CA ILE B 829 28.26 18.13 1.58
C ILE B 829 27.52 17.21 0.62
N ASN B 830 27.34 15.94 1.01
CA ASN B 830 26.66 14.95 0.17
C ASN B 830 25.21 15.33 -0.06
N ASN B 831 24.53 15.84 0.97
CA ASN B 831 23.11 16.19 0.85
C ASN B 831 22.87 17.27 -0.19
N GLN B 832 23.88 18.09 -0.50
CA GLN B 832 23.77 19.09 -1.55
C GLN B 832 24.31 18.61 -2.89
N LEU B 833 25.38 17.81 -2.87
CA LEU B 833 25.92 17.28 -4.12
C LEU B 833 24.93 16.35 -4.80
N SER B 834 24.17 15.57 -4.03
CA SER B 834 23.16 14.70 -4.62
C SER B 834 22.08 15.49 -5.33
N LEU B 835 21.60 16.57 -4.70
CA LEU B 835 20.59 17.41 -5.33
C LEU B 835 21.12 18.05 -6.61
N GLY B 836 22.36 18.55 -6.56
CA GLY B 836 22.93 19.15 -7.76
C GLY B 836 23.07 18.17 -8.91
N TYR B 837 23.57 16.96 -8.61
CA TYR B 837 23.70 15.94 -9.63
C TYR B 837 22.35 15.55 -10.21
N ASP B 838 21.34 15.39 -9.34
CA ASP B 838 20.01 15.01 -9.81
C ASP B 838 19.42 16.08 -10.72
N VAL B 839 19.57 17.36 -10.35
CA VAL B 839 19.02 18.44 -11.17
C VAL B 839 19.70 18.47 -12.53
N GLY B 840 21.04 18.41 -12.54
CA GLY B 840 21.76 18.47 -13.80
C GLY B 840 21.47 17.29 -14.70
N LYS B 841 21.44 16.08 -14.14
CA LYS B 841 21.17 14.89 -14.91
C LYS B 841 19.74 14.91 -15.46
N GLY B 842 18.78 15.37 -14.66
CA GLY B 842 17.42 15.46 -15.14
C GLY B 842 17.27 16.44 -16.29
N TYR B 843 17.92 17.60 -16.19
CA TYR B 843 17.88 18.55 -17.31
C TYR B 843 18.53 17.97 -18.55
N ILE B 844 19.65 17.27 -18.39
CA ILE B 844 20.34 16.68 -19.53
C ILE B 844 19.45 15.66 -20.24
N ILE B 845 18.80 14.78 -19.46
CA ILE B 845 17.98 13.73 -20.06
C ILE B 845 16.73 14.34 -20.69
N GLY B 846 16.14 15.36 -20.05
CA GLY B 846 14.99 16.02 -20.65
C GLY B 846 15.31 16.70 -21.96
N GLU B 847 16.47 17.37 -22.03
CA GLU B 847 16.88 18.00 -23.29
C GLU B 847 17.14 16.94 -24.36
N GLU B 848 17.78 15.83 -23.98
CA GLU B 848 18.04 14.76 -24.96
C GLU B 848 16.72 14.17 -25.48
N GLU B 849 15.73 14.04 -24.61
CA GLU B 849 14.44 13.51 -25.05
C GLU B 849 13.69 14.50 -25.94
N VAL B 850 13.72 15.79 -25.59
CA VAL B 850 13.01 16.77 -26.40
C VAL B 850 13.71 17.01 -27.73
N GLY B 851 15.00 16.68 -27.84
CA GLY B 851 15.69 16.86 -29.10
C GLY B 851 15.20 15.94 -30.21
N LYS B 852 14.58 14.82 -29.85
CA LYS B 852 14.13 13.86 -30.86
C LYS B 852 12.75 14.23 -31.41
N ILE B 853 11.81 14.55 -30.53
CA ILE B 853 10.44 14.84 -30.95
C ILE B 853 10.27 16.23 -31.53
N ILE B 854 11.26 17.12 -31.36
CA ILE B 854 11.10 18.49 -31.84
C ILE B 854 11.31 18.55 -33.35
N ASP B 855 12.04 17.60 -33.93
CA ASP B 855 12.25 17.61 -35.37
C ASP B 855 11.00 17.18 -36.12
N ARG B 856 10.27 16.20 -35.58
CA ARG B 856 9.09 15.68 -36.27
C ARG B 856 7.94 16.68 -36.30
N MET B 857 7.86 17.56 -35.31
CA MET B 857 6.69 18.41 -35.16
C MET B 857 6.93 19.84 -35.62
N VAL B 858 8.16 20.35 -35.51
CA VAL B 858 8.53 21.65 -36.04
C VAL B 858 8.90 21.49 -37.51
N ASP B 859 8.30 22.31 -38.36
CA ASP B 859 8.46 22.19 -39.81
C ASP B 859 9.32 23.29 -40.42
N ASN B 860 9.45 24.43 -39.77
CA ASN B 860 10.25 25.52 -40.32
C ASN B 860 11.73 25.20 -40.13
N LYS B 861 12.48 25.19 -41.24
CA LYS B 861 13.87 24.73 -41.20
C LYS B 861 14.75 25.66 -40.39
N LYS B 862 14.64 26.97 -40.62
CA LYS B 862 15.47 27.92 -39.87
C LYS B 862 15.09 27.94 -38.41
N ILE B 863 13.79 27.83 -38.11
CA ILE B 863 13.33 27.81 -36.72
C ILE B 863 13.92 26.62 -35.98
N LEU B 864 13.79 25.41 -36.55
CA LEU B 864 14.34 24.24 -35.89
C LEU B 864 15.86 24.30 -35.86
N ARG B 865 16.50 24.96 -36.84
CA ARG B 865 17.94 25.13 -36.82
C ARG B 865 18.38 25.92 -35.59
N GLU B 866 17.79 27.09 -35.38
CA GLU B 866 18.19 27.90 -34.22
C GLU B 866 17.75 27.26 -32.91
N LEU B 867 16.62 26.56 -32.91
CA LEU B 867 16.17 25.83 -31.71
C LEU B 867 17.18 24.76 -31.32
N LYS B 868 17.63 23.97 -32.30
CA LYS B 868 18.63 22.95 -32.05
C LYS B 868 19.95 23.58 -31.61
N HIS B 869 20.29 24.74 -32.18
CA HIS B 869 21.53 25.41 -31.80
C HIS B 869 21.50 25.82 -30.33
N ILE B 870 20.42 26.47 -29.90
CA ILE B 870 20.37 26.94 -28.52
C ILE B 870 20.26 25.77 -27.54
N SER B 871 19.48 24.73 -27.91
CA SER B 871 19.39 23.55 -27.05
C SER B 871 20.74 22.86 -26.92
N GLU B 872 21.45 22.71 -28.04
CA GLU B 872 22.76 22.05 -28.01
C GLU B 872 23.75 22.82 -27.17
N THR B 873 23.81 24.14 -27.33
CA THR B 873 24.80 24.90 -26.57
C THR B 873 24.47 24.89 -25.07
N GLY B 874 23.17 24.94 -24.72
CA GLY B 874 22.81 24.78 -23.33
C GLY B 874 23.22 23.44 -22.76
N ARG B 875 23.04 22.38 -23.55
CA ARG B 875 23.44 21.04 -23.11
C ARG B 875 24.95 20.95 -22.89
N LEU B 876 25.74 21.54 -23.79
CA LEU B 876 27.19 21.53 -23.59
C LEU B 876 27.59 22.29 -22.34
N GLN B 877 26.96 23.44 -22.09
CA GLN B 877 27.30 24.18 -20.86
C GLN B 877 26.98 23.39 -19.61
N VAL B 878 25.80 22.75 -19.55
CA VAL B 878 25.45 22.04 -18.32
C VAL B 878 26.35 20.82 -18.12
N VAL B 879 26.66 20.10 -19.21
CA VAL B 879 27.49 18.91 -19.04
C VAL B 879 28.92 19.30 -18.67
N LYS B 880 29.43 20.41 -19.21
CA LYS B 880 30.77 20.88 -18.83
C LYS B 880 30.80 21.32 -17.37
N GLU B 881 29.79 22.05 -16.93
CA GLU B 881 29.75 22.50 -15.54
C GLU B 881 29.67 21.31 -14.59
N LEU B 882 28.88 20.29 -14.94
CA LEU B 882 28.81 19.09 -14.11
C LEU B 882 30.15 18.36 -14.10
N GLY B 883 30.86 18.34 -15.22
CA GLY B 883 32.15 17.69 -15.25
C GLY B 883 33.17 18.36 -14.35
N LEU B 884 33.27 19.69 -14.41
CA LEU B 884 34.17 20.38 -13.49
C LEU B 884 33.70 20.26 -12.03
N LEU B 885 32.38 20.21 -11.80
CA LEU B 885 31.90 20.00 -10.44
C LEU B 885 32.34 18.64 -9.89
N GLN B 886 32.29 17.62 -10.73
CA GLN B 886 32.81 16.31 -10.33
C GLN B 886 34.32 16.37 -10.10
N ARG B 887 35.02 17.17 -10.91
CA ARG B 887 36.46 17.30 -10.74
C ARG B 887 36.80 17.94 -9.40
N GLU B 888 35.98 18.90 -8.95
CA GLU B 888 36.31 19.65 -7.73
C GLU B 888 36.28 18.77 -6.48
N HIS B 889 35.27 17.90 -6.36
CA HIS B 889 35.08 17.08 -5.15
C HIS B 889 34.97 15.61 -5.54
N PRO B 890 36.09 14.90 -5.61
CA PRO B 890 36.07 13.52 -6.13
C PRO B 890 35.36 12.49 -5.26
N GLY B 891 35.73 12.40 -3.98
CA GLY B 891 35.24 11.30 -3.15
C GLY B 891 33.74 11.37 -2.90
N ILE B 892 33.23 12.56 -2.59
CA ILE B 892 31.80 12.71 -2.41
C ILE B 892 31.06 12.44 -3.71
N ALA B 893 31.66 12.79 -4.85
CA ALA B 893 31.05 12.49 -6.14
C ALA B 893 30.95 10.99 -6.37
N VAL B 894 32.01 10.24 -6.05
CA VAL B 894 31.95 8.79 -6.21
C VAL B 894 30.87 8.22 -5.29
N SER B 895 30.77 8.74 -4.07
CA SER B 895 29.75 8.26 -3.15
C SER B 895 28.34 8.51 -3.66
N VAL B 896 28.07 9.72 -4.18
CA VAL B 896 26.70 9.99 -4.63
C VAL B 896 26.39 9.20 -5.90
N LYS B 897 27.39 8.97 -6.77
CA LYS B 897 27.16 8.14 -7.94
C LYS B 897 26.79 6.71 -7.54
N THR B 898 27.49 6.16 -6.54
CA THR B 898 27.15 4.83 -6.06
C THR B 898 25.74 4.79 -5.45
N ARG B 899 25.39 5.83 -4.68
CA ARG B 899 24.05 5.91 -4.10
C ARG B 899 22.98 5.96 -5.20
N GLN B 900 23.23 6.74 -6.25
CA GLN B 900 22.28 6.86 -7.35
C GLN B 900 22.11 5.53 -8.08
N ALA B 901 23.22 4.82 -8.31
CA ALA B 901 23.14 3.51 -8.98
C ALA B 901 22.30 2.53 -8.17
N ILE B 902 22.57 2.43 -6.87
CA ILE B 902 21.80 1.47 -6.07
C ILE B 902 20.35 1.92 -5.91
N ARG B 903 20.10 3.23 -5.86
CA ARG B 903 18.74 3.74 -5.79
C ARG B 903 17.94 3.39 -7.04
N THR B 904 18.57 3.54 -8.22
CA THR B 904 17.89 3.17 -9.46
C THR B 904 17.64 1.67 -9.53
N ILE B 905 18.60 0.86 -9.04
CA ILE B 905 18.39 -0.59 -9.01
C ILE B 905 17.19 -0.95 -8.13
N LEU B 906 17.11 -0.32 -6.96
CA LEU B 906 15.99 -0.62 -6.05
C LEU B 906 14.66 -0.13 -6.62
N ASN B 907 14.66 1.03 -7.28
CA ASN B 907 13.43 1.53 -7.89
C ASN B 907 12.95 0.60 -9.00
N HIS B 908 13.88 0.05 -9.79
CA HIS B 908 13.47 -0.88 -10.83
C HIS B 908 13.01 -2.21 -10.26
N SER B 909 13.58 -2.63 -9.12
CA SER B 909 13.04 -3.80 -8.44
C SER B 909 11.61 -3.57 -7.96
N ARG B 910 11.34 -2.38 -7.44
CA ARG B 910 9.98 -2.01 -7.03
C ARG B 910 9.04 -2.01 -8.22
N GLU B 911 9.50 -1.49 -9.35
CA GLU B 911 8.69 -1.51 -10.57
C GLU B 911 8.43 -2.93 -11.05
N THR B 912 9.40 -3.82 -10.91
CA THR B 912 9.19 -5.22 -11.24
C THR B 912 8.12 -5.85 -10.36
N ILE B 913 8.13 -5.52 -9.06
CA ILE B 913 7.09 -6.01 -8.15
C ILE B 913 5.71 -5.50 -8.59
N HIS B 914 5.62 -4.21 -8.91
CA HIS B 914 4.33 -3.66 -9.34
C HIS B 914 3.85 -4.28 -10.65
N GLU B 915 4.76 -4.49 -11.60
CA GLU B 915 4.37 -5.10 -12.87
C GLU B 915 3.93 -6.55 -12.68
N LEU B 916 4.60 -7.28 -11.79
CA LEU B 916 4.19 -8.65 -11.49
C LEU B 916 2.81 -8.67 -10.83
N GLN B 917 2.52 -7.67 -9.99
CA GLN B 917 1.18 -7.54 -9.43
C GLN B 917 0.15 -7.26 -10.51
N GLY B 918 0.49 -6.40 -11.47
CA GLY B 918 -0.45 -6.03 -12.51
C GLY B 918 -0.76 -7.13 -13.50
N ALA B 919 0.05 -8.19 -13.53
CA ALA B 919 -0.22 -9.34 -14.37
C ALA B 919 -1.03 -10.42 -13.67
N GLY B 920 -1.46 -10.17 -12.43
CA GLY B 920 -2.22 -11.15 -11.68
C GLY B 920 -1.45 -12.40 -11.31
N LEU B 921 -0.21 -12.26 -10.87
CA LEU B 921 0.62 -13.40 -10.52
C LEU B 921 1.13 -13.36 -9.08
N LEU B 922 0.73 -12.38 -8.29
CA LEU B 922 1.23 -12.25 -6.93
C LEU B 922 0.25 -11.42 -6.11
N ASP B 923 0.01 -11.83 -4.88
CA ASP B 923 -0.99 -11.22 -4.01
C ASP B 923 -0.37 -10.17 -3.10
N GLU B 924 -1.24 -9.46 -2.38
CA GLU B 924 -0.78 -8.36 -1.53
C GLU B 924 0.06 -8.85 -0.37
N MET B 925 -0.15 -10.08 0.09
CA MET B 925 0.68 -10.62 1.17
C MET B 925 2.13 -10.77 0.72
N GLU B 926 2.34 -11.44 -0.41
CA GLU B 926 3.70 -11.57 -0.94
C GLU B 926 4.23 -10.24 -1.46
N ALA B 927 3.33 -9.35 -1.90
CA ALA B 927 3.75 -8.01 -2.29
C ALA B 927 4.36 -7.27 -1.10
N HIS B 928 3.69 -7.32 0.05
CA HIS B 928 4.25 -6.73 1.27
C HIS B 928 5.52 -7.46 1.69
N LYS B 929 5.55 -8.79 1.51
CA LYS B 929 6.72 -9.57 1.91
C LYS B 929 7.97 -9.16 1.14
N LEU B 930 7.85 -8.96 -0.17
CA LEU B 930 9.01 -8.57 -0.97
C LEU B 930 9.29 -7.07 -0.91
N GLU B 931 8.26 -6.25 -0.76
CA GLU B 931 8.46 -4.82 -0.55
C GLU B 931 9.19 -4.55 0.75
N LEU B 932 8.96 -5.38 1.78
CA LEU B 932 9.69 -5.25 3.03
C LEU B 932 11.17 -5.52 2.84
N THR B 933 11.51 -6.53 2.03
CA THR B 933 12.92 -6.81 1.73
C THR B 933 13.55 -5.65 0.96
N VAL B 934 12.81 -5.08 0.00
CA VAL B 934 13.33 -3.94 -0.76
C VAL B 934 13.57 -2.75 0.17
N GLU B 935 12.62 -2.49 1.07
CA GLU B 935 12.76 -1.37 2.01
C GLU B 935 13.90 -1.60 2.99
N ILE B 936 14.10 -2.85 3.40
CA ILE B 936 15.23 -3.19 4.26
C ILE B 936 16.55 -2.93 3.55
N LYS B 937 16.63 -3.32 2.27
CA LYS B 937 17.83 -3.06 1.48
C LYS B 937 18.06 -1.56 1.33
N MET B 938 16.98 -0.79 1.14
CA MET B 938 17.12 0.67 1.07
C MET B 938 17.64 1.24 2.39
N LYS B 939 17.12 0.74 3.52
CA LYS B 939 17.56 1.22 4.82
C LYS B 939 19.03 0.93 5.05
N ARG B 940 19.48 -0.28 4.69
CA ARG B 940 20.90 -0.60 4.82
C ARG B 940 21.75 0.14 3.80
N LEU B 941 21.16 0.57 2.68
CA LEU B 941 21.88 1.40 1.73
C LEU B 941 22.11 2.80 2.27
N MET B 942 21.08 3.39 2.90
CA MET B 942 21.21 4.75 3.41
C MET B 942 22.14 4.86 4.61
N ASN B 943 22.56 3.74 5.19
CA ASN B 943 23.54 3.74 6.28
C ASN B 943 24.97 3.60 5.79
N ALA B 944 25.18 3.59 4.48
CA ALA B 944 26.51 3.43 3.91
C ALA B 944 27.35 4.68 4.16
N PRO B 945 28.68 4.53 4.19
CA PRO B 945 29.55 5.70 4.30
C PRO B 945 29.38 6.63 3.10
N SER B 946 29.50 7.93 3.37
CA SER B 946 29.30 8.95 2.35
C SER B 946 30.61 9.51 1.80
N SER B 947 31.73 8.84 2.06
CA SER B 947 33.03 9.26 1.52
C SER B 947 33.77 8.01 1.06
N ILE B 948 33.59 7.67 -0.22
CA ILE B 948 34.34 6.59 -0.86
C ILE B 948 35.54 7.22 -1.55
N PRO B 949 36.77 6.80 -1.23
CA PRO B 949 37.93 7.37 -1.90
C PRO B 949 37.93 7.03 -3.38
N PRO B 950 38.46 7.90 -4.23
CA PRO B 950 38.50 7.63 -5.67
C PRO B 950 39.27 6.36 -5.97
N PRO B 951 38.77 5.53 -6.89
CA PRO B 951 39.45 4.26 -7.17
C PRO B 951 40.76 4.51 -7.91
N PRO B 952 41.72 3.60 -7.79
CA PRO B 952 42.95 3.70 -8.58
C PRO B 952 42.66 3.45 -10.04
N PRO B 953 43.54 3.89 -10.95
CA PRO B 953 43.29 3.69 -12.39
C PRO B 953 43.14 2.23 -12.80
N GLU B 954 43.88 1.33 -12.15
CA GLU B 954 43.74 -0.09 -12.46
C GLU B 954 42.35 -0.61 -12.07
N ASN B 955 41.78 -0.05 -10.99
CA ASN B 955 40.42 -0.43 -10.61
C ASN B 955 39.41 -0.01 -11.67
N LEU B 956 39.61 1.17 -12.27
CA LEU B 956 38.72 1.60 -13.34
C LEU B 956 38.93 0.78 -14.60
N LEU B 957 40.18 0.37 -14.86
CA LEU B 957 40.43 -0.54 -15.99
C LEU B 957 39.76 -1.88 -15.76
N LYS B 958 39.66 -2.33 -14.52
CA LYS B 958 38.98 -3.57 -14.21
C LYS B 958 37.46 -3.45 -14.23
N ASN B 959 36.93 -2.23 -14.35
CA ASN B 959 35.49 -2.00 -14.32
C ASN B 959 34.91 -1.71 -15.69
N VAL B 960 35.69 -1.89 -16.75
CA VAL B 960 35.19 -1.65 -18.11
C VAL B 960 34.12 -2.68 -18.45
N SER B 961 33.07 -2.24 -19.15
CA SER B 961 31.91 -3.09 -19.40
C SER B 961 32.26 -4.32 -20.21
N TRP B 962 33.14 -4.19 -21.20
CA TRP B 962 33.53 -5.31 -22.03
C TRP B 962 34.83 -5.97 -21.58
N LEU B 963 35.25 -5.72 -20.33
CA LEU B 963 36.42 -6.37 -19.76
C LEU B 963 36.12 -7.18 -18.51
N ALA B 964 34.98 -6.95 -17.86
CA ALA B 964 34.66 -7.67 -16.64
C ALA B 964 34.29 -9.12 -16.93
N GLY B 965 34.60 -9.99 -15.96
CA GLY B 965 34.27 -11.39 -16.03
C GLY B 965 35.40 -12.30 -16.44
N ASP B 966 36.47 -11.76 -17.00
CA ASP B 966 37.61 -12.56 -17.48
C ASP B 966 38.89 -12.00 -16.85
N MET B 967 39.42 -12.72 -15.85
CA MET B 967 40.61 -12.25 -15.16
C MET B 967 41.82 -12.21 -16.09
N LYS B 968 41.95 -13.21 -16.97
CA LYS B 968 43.07 -13.24 -17.90
C LYS B 968 43.01 -12.08 -18.88
N LEU B 969 41.81 -11.65 -19.27
CA LEU B 969 41.68 -10.48 -20.13
C LEU B 969 42.21 -9.22 -19.46
N ILE B 970 41.86 -9.01 -18.18
CA ILE B 970 42.34 -7.84 -17.47
C ILE B 970 43.83 -7.92 -17.25
N ASP B 971 44.36 -9.12 -16.97
CA ASP B 971 45.81 -9.27 -16.84
C ASP B 971 46.51 -8.92 -18.15
N PHE B 972 45.99 -9.42 -19.27
CA PHE B 972 46.56 -9.14 -20.58
C PHE B 972 46.52 -7.66 -20.90
N ILE B 973 45.42 -6.99 -20.55
CA ILE B 973 45.29 -5.56 -20.83
C ILE B 973 46.24 -4.76 -19.95
N LYS B 974 46.27 -5.05 -18.65
CA LYS B 974 47.07 -4.26 -17.72
C LYS B 974 48.56 -4.50 -17.88
N ALA B 975 48.96 -5.64 -18.46
CA ALA B 975 50.39 -5.87 -18.68
C ALA B 975 50.95 -5.07 -19.84
N ARG B 976 50.10 -4.54 -20.72
CA ARG B 976 50.55 -3.90 -21.95
C ARG B 976 49.71 -2.66 -22.28
N ALA B 977 49.39 -1.86 -21.25
CA ALA B 977 48.69 -0.60 -21.42
C ALA B 977 49.54 0.53 -20.85
N SER B 978 49.34 1.75 -21.36
CA SER B 978 50.21 2.87 -21.01
C SER B 978 49.42 4.01 -20.39
N LEU B 979 50.00 4.64 -19.37
CA LEU B 979 49.45 5.86 -18.78
C LEU B 979 49.98 7.06 -19.55
N LEU B 980 49.07 7.89 -20.07
CA LEU B 980 49.45 9.08 -20.83
C LEU B 980 48.91 10.32 -20.12
N HIS B 981 49.79 11.28 -19.87
CA HIS B 981 49.46 12.53 -19.20
C HIS B 981 49.45 13.66 -20.22
N PHE B 982 48.42 14.50 -20.16
CA PHE B 982 48.31 15.65 -21.05
C PHE B 982 47.94 16.88 -20.25
N ASP B 983 48.42 18.03 -20.71
CA ASP B 983 48.21 19.30 -20.04
C ASP B 983 47.10 20.09 -20.75
N TYR B 984 46.93 21.34 -20.35
CA TYR B 984 45.93 22.20 -20.96
C TYR B 984 46.23 22.45 -22.43
N GLY B 985 45.21 22.33 -23.27
CA GLY B 985 45.29 22.71 -24.66
C GLY B 985 45.90 21.68 -25.59
N GLU B 986 46.32 20.53 -25.08
CA GLU B 986 46.91 19.52 -25.95
C GLU B 986 45.85 18.86 -26.82
N VAL B 987 46.28 18.36 -27.98
CA VAL B 987 45.41 17.64 -28.90
C VAL B 987 45.95 16.23 -29.03
N ILE B 988 45.11 15.24 -28.75
CA ILE B 988 45.53 13.85 -28.77
C ILE B 988 45.35 13.24 -30.15
N VAL B 989 44.14 13.31 -30.71
CA VAL B 989 43.86 12.82 -32.05
C VAL B 989 43.06 13.87 -32.81
N ARG B 990 43.16 13.81 -34.14
CA ARG B 990 42.46 14.73 -35.02
C ARG B 990 41.64 13.92 -36.03
N GLU B 991 40.81 14.63 -36.79
CA GLU B 991 39.98 13.99 -37.79
C GLU B 991 40.82 13.43 -38.93
N GLY B 992 40.41 12.27 -39.43
CA GLY B 992 41.06 11.65 -40.56
C GLY B 992 42.32 10.87 -40.24
N ASP B 993 42.74 10.83 -38.98
CA ASP B 993 43.92 10.08 -38.61
C ASP B 993 43.60 8.60 -38.48
N GLU B 994 44.62 7.77 -38.72
CA GLU B 994 44.48 6.33 -38.59
C GLU B 994 44.25 5.99 -37.12
N SER B 995 43.35 5.05 -36.86
CA SER B 995 42.99 4.71 -35.48
C SER B 995 44.16 4.03 -34.78
N ASP B 996 44.95 4.82 -34.06
CA ASP B 996 46.15 4.31 -33.40
C ASP B 996 45.79 3.30 -32.32
N GLY B 997 44.69 3.53 -31.61
CA GLY B 997 44.28 2.60 -30.58
C GLY B 997 43.08 3.11 -29.82
N LEU B 998 42.80 2.43 -28.70
CA LEU B 998 41.63 2.67 -27.88
C LEU B 998 42.04 3.41 -26.61
N PHE B 999 41.35 4.51 -26.31
CA PHE B 999 41.65 5.33 -25.15
C PHE B 999 40.74 4.97 -23.98
N LEU B 1000 41.06 5.54 -22.82
CA LEU B 1000 40.21 5.42 -21.65
C LEU B 1000 40.52 6.60 -20.75
N ILE B 1001 39.59 7.56 -20.66
CA ILE B 1001 39.80 8.73 -19.82
C ILE B 1001 39.69 8.29 -18.37
N VAL B 1002 40.82 8.26 -17.66
CA VAL B 1002 40.82 7.83 -16.27
C VAL B 1002 40.88 9.00 -15.29
N SER B 1003 41.22 10.20 -15.76
CA SER B 1003 41.14 11.38 -14.91
C SER B 1003 41.11 12.63 -15.78
N GLY B 1004 40.15 13.51 -15.54
CA GLY B 1004 40.09 14.80 -16.19
C GLY B 1004 38.85 14.94 -17.06
N LEU B 1005 38.87 15.99 -17.89
CA LEU B 1005 37.78 16.31 -18.80
C LEU B 1005 38.35 16.54 -20.19
N VAL B 1006 37.63 16.08 -21.22
CA VAL B 1006 38.12 16.09 -22.58
C VAL B 1006 37.00 16.52 -23.51
N LYS B 1007 37.35 17.25 -24.58
CA LYS B 1007 36.38 17.83 -25.49
C LYS B 1007 36.52 17.19 -26.87
N LEU B 1008 35.49 16.48 -27.31
CA LEU B 1008 35.48 15.78 -28.59
C LEU B 1008 34.58 16.57 -29.53
N TYR B 1009 35.16 17.16 -30.57
CA TYR B 1009 34.44 18.06 -31.47
C TYR B 1009 34.87 17.82 -32.90
N GLY B 1010 33.91 17.84 -33.82
CA GLY B 1010 34.24 17.84 -35.23
C GLY B 1010 33.14 17.19 -36.05
N LYS B 1011 33.44 17.02 -37.33
CA LYS B 1011 32.50 16.45 -38.28
C LYS B 1011 32.33 14.95 -38.07
N VAL B 1031 29.63 18.06 -37.34
CA VAL B 1031 30.14 19.20 -36.61
C VAL B 1031 29.67 19.14 -35.16
N PHE B 1032 29.55 17.92 -34.64
CA PHE B 1032 29.00 17.73 -33.30
C PHE B 1032 30.06 17.99 -32.23
N GLU B 1033 29.58 18.18 -31.00
CA GLU B 1033 30.40 18.44 -29.83
C GLU B 1033 29.95 17.55 -28.70
N ASP B 1034 30.90 17.11 -27.88
CA ASP B 1034 30.60 16.36 -26.67
C ASP B 1034 31.75 16.53 -25.69
N TYR B 1035 31.42 16.41 -24.40
CA TYR B 1035 32.40 16.55 -23.33
C TYR B 1035 32.42 15.25 -22.54
N LEU B 1036 33.55 14.55 -22.57
CA LEU B 1036 33.69 13.28 -21.90
C LEU B 1036 34.55 13.41 -20.66
N THR B 1037 34.30 12.53 -19.68
CA THR B 1037 34.92 12.61 -18.37
C THR B 1037 35.57 11.28 -17.98
N VAL B 1038 35.94 11.15 -16.71
CA VAL B 1038 36.58 9.93 -16.24
C VAL B 1038 35.65 8.74 -16.40
N GLY B 1039 36.20 7.65 -16.96
CA GLY B 1039 35.47 6.41 -17.11
C GLY B 1039 34.93 6.15 -18.50
N ASN B 1040 35.14 7.04 -19.45
CA ASN B 1040 34.64 6.88 -20.81
C ASN B 1040 35.74 6.35 -21.73
N VAL B 1041 35.33 5.77 -22.84
CA VAL B 1041 36.24 5.14 -23.80
C VAL B 1041 36.06 5.81 -25.14
N ILE B 1042 37.17 6.22 -25.75
CA ILE B 1042 37.17 6.89 -27.04
C ILE B 1042 37.87 5.99 -28.06
N GLY B 1043 37.18 5.66 -29.13
CA GLY B 1043 37.77 4.94 -30.23
C GLY B 1043 37.42 3.47 -30.35
N GLU B 1044 36.28 3.04 -29.79
CA GLU B 1044 35.85 1.66 -29.96
C GLU B 1044 35.53 1.35 -31.42
N MET B 1045 34.82 2.25 -32.09
CA MET B 1045 34.46 2.05 -33.48
C MET B 1045 35.69 2.08 -34.38
N GLY B 1046 36.65 2.95 -34.06
CA GLY B 1046 37.88 3.02 -34.85
C GLY B 1046 38.71 1.75 -34.76
N VAL B 1047 38.67 1.07 -33.62
CA VAL B 1047 39.41 -0.17 -33.46
C VAL B 1047 38.64 -1.34 -34.08
N LEU B 1048 37.33 -1.39 -33.86
CA LEU B 1048 36.55 -2.54 -34.32
C LEU B 1048 36.41 -2.53 -35.84
N THR B 1049 35.82 -1.47 -36.39
CA THR B 1049 35.54 -1.38 -37.81
C THR B 1049 36.74 -0.94 -38.64
N LYS B 1050 37.78 -0.39 -38.01
CA LYS B 1050 39.03 0.01 -38.67
C LYS B 1050 38.81 1.09 -39.74
N LYS B 1051 38.05 2.12 -39.39
CA LYS B 1051 37.96 3.36 -40.15
C LYS B 1051 38.67 4.48 -39.41
N PRO B 1052 39.09 5.55 -40.13
CA PRO B 1052 39.80 6.65 -39.46
C PRO B 1052 38.97 7.40 -38.42
N ARG B 1053 39.62 8.32 -37.72
CA ARG B 1053 38.98 9.04 -36.61
C ARG B 1053 37.82 9.89 -37.10
N ASN B 1054 36.82 10.04 -36.24
CA ASN B 1054 35.60 10.76 -36.59
C ASN B 1054 35.70 12.26 -36.31
N ALA B 1055 36.35 12.64 -35.22
CA ALA B 1055 36.42 14.05 -34.86
C ALA B 1055 37.65 14.33 -34.00
N THR B 1056 38.00 15.61 -33.92
CA THR B 1056 39.20 16.04 -33.20
C THR B 1056 38.94 16.06 -31.69
N VAL B 1057 39.88 15.50 -30.94
CA VAL B 1057 39.79 15.40 -29.48
C VAL B 1057 40.83 16.34 -28.89
N THR B 1058 40.38 17.28 -28.06
CA THR B 1058 41.23 18.29 -27.45
C THR B 1058 41.10 18.26 -25.93
N CYS B 1059 42.02 18.95 -25.27
CA CYS B 1059 42.19 18.90 -23.84
C CYS B 1059 41.44 20.03 -23.16
N GLU B 1060 41.02 19.80 -21.92
CA GLU B 1060 40.43 20.82 -21.07
C GLU B 1060 41.17 20.99 -19.76
N THR B 1061 41.45 19.91 -19.05
CA THR B 1061 42.30 19.92 -17.86
C THR B 1061 43.46 18.96 -18.08
N THR B 1062 44.28 18.79 -17.05
CA THR B 1062 45.40 17.85 -17.08
C THR B 1062 44.82 16.44 -16.98
N VAL B 1063 44.78 15.73 -18.10
CA VAL B 1063 44.06 14.47 -18.21
C VAL B 1063 45.05 13.32 -18.17
N GLN B 1064 44.75 12.31 -17.36
CA GLN B 1064 45.43 11.03 -17.41
C GLN B 1064 44.53 10.04 -18.12
N VAL B 1065 45.08 9.35 -19.12
CA VAL B 1065 44.31 8.41 -19.94
C VAL B 1065 45.07 7.10 -20.03
N TYR B 1066 44.32 6.04 -20.33
CA TYR B 1066 44.88 4.73 -20.64
C TYR B 1066 44.97 4.57 -22.14
N PHE B 1067 46.10 4.08 -22.62
CA PHE B 1067 46.32 3.88 -24.05
C PHE B 1067 46.63 2.42 -24.33
N ILE B 1068 45.87 1.85 -25.27
CA ILE B 1068 46.09 0.51 -25.80
C ILE B 1068 46.15 0.65 -27.31
N THR B 1069 47.20 0.11 -27.93
CA THR B 1069 47.40 0.26 -29.36
C THR B 1069 46.42 -0.60 -30.16
N ALA B 1070 46.31 -0.31 -31.45
CA ALA B 1070 45.36 -1.02 -32.31
C ALA B 1070 45.80 -2.46 -32.57
N GLU B 1071 47.10 -2.67 -32.82
CA GLU B 1071 47.62 -4.02 -33.01
C GLU B 1071 47.46 -4.84 -31.73
N ASP B 1072 47.65 -4.18 -30.58
CA ASP B 1072 47.34 -4.79 -29.29
C ASP B 1072 45.92 -5.33 -29.27
N MET B 1073 44.96 -4.51 -29.69
CA MET B 1073 43.56 -4.90 -29.62
C MET B 1073 43.24 -6.00 -30.63
N ASN B 1074 43.91 -5.97 -31.79
CA ASN B 1074 43.73 -7.05 -32.76
C ASN B 1074 44.24 -8.37 -32.20
N ILE B 1075 45.40 -8.35 -31.54
CA ILE B 1075 45.93 -9.57 -30.92
C ILE B 1075 44.99 -10.06 -29.83
N ALA B 1076 44.47 -9.15 -29.01
CA ALA B 1076 43.55 -9.53 -27.95
C ALA B 1076 42.26 -10.11 -28.51
N ILE B 1077 41.78 -9.55 -29.63
CA ILE B 1077 40.57 -10.09 -30.26
C ILE B 1077 40.83 -11.49 -30.79
N ASP B 1078 41.97 -11.69 -31.45
CA ASP B 1078 42.29 -13.02 -31.98
C ASP B 1078 42.60 -14.03 -30.88
N THR B 1079 42.92 -13.57 -29.67
CA THR B 1079 43.28 -14.49 -28.60
C THR B 1079 42.05 -15.16 -27.99
N PHE B 1080 41.13 -14.37 -27.43
CA PHE B 1080 40.01 -14.91 -26.68
C PHE B 1080 38.84 -15.21 -27.62
N THR B 1081 38.33 -16.45 -27.54
CA THR B 1081 37.25 -16.91 -28.41
C THR B 1081 36.23 -17.72 -27.63
N LEU B 1082 35.85 -17.23 -26.45
CA LEU B 1082 34.82 -17.88 -25.66
C LEU B 1082 33.44 -17.57 -26.23
N TYR B 1083 32.40 -18.14 -25.62
CA TYR B 1083 31.03 -17.82 -26.04
C TYR B 1083 30.69 -16.35 -25.82
N PRO B 1084 30.96 -15.72 -24.65
CA PRO B 1084 30.87 -14.25 -24.63
C PRO B 1084 32.22 -13.63 -24.97
N SER B 1085 32.58 -13.71 -26.25
CA SER B 1085 33.91 -13.29 -26.68
C SER B 1085 34.05 -11.77 -26.57
N LEU B 1086 35.31 -11.32 -26.60
CA LEU B 1086 35.59 -9.89 -26.50
C LEU B 1086 35.02 -9.14 -27.70
N GLU B 1087 35.16 -9.72 -28.90
CA GLU B 1087 34.61 -9.08 -30.09
C GLU B 1087 33.09 -8.96 -30.01
N TYR B 1088 32.43 -10.01 -29.50
CA TYR B 1088 30.98 -9.97 -29.36
C TYR B 1088 30.55 -8.90 -28.37
N ARG B 1089 31.27 -8.77 -27.25
CA ARG B 1089 30.90 -7.76 -26.26
C ARG B 1089 31.12 -6.35 -26.78
N LEU B 1090 32.25 -6.12 -27.46
CA LEU B 1090 32.50 -4.82 -28.07
C LEU B 1090 31.43 -4.46 -29.09
N TRP B 1091 31.08 -5.43 -29.94
CA TRP B 1091 30.05 -5.18 -30.95
C TRP B 1091 28.69 -4.96 -30.33
N ARG B 1092 28.37 -5.67 -29.24
CA ARG B 1092 27.10 -5.46 -28.57
C ARG B 1092 27.02 -4.07 -27.95
N VAL B 1093 28.11 -3.61 -27.33
CA VAL B 1093 28.12 -2.29 -26.73
C VAL B 1093 27.93 -1.21 -27.79
N VAL B 1094 28.73 -1.27 -28.86
CA VAL B 1094 28.58 -0.26 -29.91
C VAL B 1094 27.26 -0.43 -30.66
N ALA B 1095 26.68 -1.63 -30.66
CA ALA B 1095 25.41 -1.86 -31.32
C ALA B 1095 24.27 -1.21 -30.57
N ILE B 1096 24.24 -1.36 -29.25
CA ILE B 1096 23.23 -0.66 -28.45
C ILE B 1096 23.42 0.85 -28.57
N ARG B 1097 24.68 1.31 -28.57
CA ARG B 1097 24.94 2.74 -28.70
C ARG B 1097 24.45 3.28 -30.05
N ILE B 1098 24.63 2.51 -31.13
CA ILE B 1098 24.16 2.95 -32.44
C ILE B 1098 22.64 2.89 -32.52
N ALA B 1099 22.03 1.84 -31.96
CA ALA B 1099 20.61 1.58 -32.18
C ALA B 1099 19.68 2.33 -31.24
N THR B 1100 20.20 2.92 -30.16
CA THR B 1100 19.32 3.71 -29.29
C THR B 1100 18.70 4.92 -30.01
N PRO B 1101 19.45 5.78 -30.72
CA PRO B 1101 18.78 6.87 -31.44
C PRO B 1101 17.79 6.41 -32.51
N LEU B 1102 18.08 5.32 -33.21
CA LEU B 1102 17.20 4.85 -34.26
C LEU B 1102 15.86 4.38 -33.70
N ILE B 1103 15.91 3.54 -32.66
CA ILE B 1103 14.69 3.06 -32.02
C ILE B 1103 13.91 4.22 -31.41
N MET B 1104 14.61 5.16 -30.77
CA MET B 1104 13.92 6.27 -30.12
C MET B 1104 13.26 7.19 -31.12
N GLU B 1105 13.93 7.48 -32.24
CA GLU B 1105 13.38 8.41 -33.22
C GLU B 1105 12.26 7.77 -34.05
N GLN B 1106 12.43 6.50 -34.43
CA GLN B 1106 11.49 5.92 -35.39
C GLN B 1106 10.17 5.55 -34.71
N MET B 1107 10.21 5.08 -33.45
CA MET B 1107 9.00 4.86 -32.64
C MET B 1107 8.89 5.81 -31.45
N ALA B 1108 9.00 7.12 -31.68
CA ALA B 1108 8.76 8.08 -30.60
C ALA B 1108 7.26 8.26 -30.41
N PHE B 1109 6.64 7.27 -29.77
CA PHE B 1109 5.22 7.36 -29.43
C PHE B 1109 5.05 8.11 -28.10
N GLN B 1110 3.81 8.09 -27.60
CA GLN B 1110 3.49 8.74 -26.33
C GLN B 1110 3.83 7.80 -25.19
N GLY B 1111 5.04 7.93 -24.66
CA GLY B 1111 5.46 7.14 -23.52
C GLY B 1111 6.73 6.35 -23.73
N TRP B 1112 7.50 6.69 -24.75
CA TRP B 1112 8.77 6.02 -25.03
C TRP B 1112 9.89 6.94 -24.57
N THR B 1113 10.42 6.67 -23.38
CA THR B 1113 11.51 7.45 -22.81
C THR B 1113 12.85 6.83 -23.16
N GLN B 1114 13.92 7.56 -22.86
CA GLN B 1114 15.27 7.11 -23.17
C GLN B 1114 15.62 5.85 -22.38
N GLU B 1115 15.27 5.82 -21.10
CA GLU B 1115 15.60 4.65 -20.27
C GLU B 1115 14.83 3.42 -20.73
N LYS B 1116 13.57 3.60 -21.15
CA LYS B 1116 12.81 2.46 -21.65
C LYS B 1116 13.44 1.88 -22.91
N VAL B 1117 13.91 2.75 -23.82
CA VAL B 1117 14.58 2.28 -25.02
C VAL B 1117 15.87 1.55 -24.67
N LYS B 1118 16.63 2.10 -23.72
CA LYS B 1118 17.90 1.47 -23.33
C LYS B 1118 17.67 0.10 -22.71
N LEU B 1119 16.68 -0.02 -21.83
CA LEU B 1119 16.36 -1.32 -21.23
C LEU B 1119 15.85 -2.30 -22.29
N HIS B 1120 15.00 -1.83 -23.21
CA HIS B 1120 14.49 -2.68 -24.28
C HIS B 1120 15.62 -3.21 -25.15
N LEU B 1121 16.58 -2.35 -25.48
CA LEU B 1121 17.73 -2.81 -26.25
C LEU B 1121 18.63 -3.73 -25.43
N GLU B 1122 18.69 -3.52 -24.11
CA GLU B 1122 19.43 -4.43 -23.25
C GLU B 1122 18.82 -5.82 -23.24
N ARG B 1123 17.49 -5.91 -23.41
CA ARG B 1123 16.84 -7.22 -23.51
C ARG B 1123 17.18 -7.95 -24.79
N GLY B 1124 17.77 -7.27 -25.79
CA GLY B 1124 18.04 -7.88 -27.07
C GLY B 1124 19.38 -8.60 -27.09
N TYR B 1125 19.78 -8.99 -28.30
CA TYR B 1125 21.01 -9.75 -28.50
C TYR B 1125 21.45 -9.62 -29.95
N LEU B 1126 22.71 -9.92 -30.19
CA LEU B 1126 23.31 -9.78 -31.51
C LEU B 1126 23.30 -11.13 -32.21
N VAL B 1127 22.82 -11.15 -33.46
CA VAL B 1127 22.67 -12.37 -34.23
C VAL B 1127 23.92 -12.62 -35.06
N ASP B 1128 24.43 -13.85 -34.98
CA ASP B 1128 25.51 -14.32 -35.83
C ASP B 1128 24.90 -14.96 -37.07
N LEU B 1129 25.19 -14.39 -38.24
CA LEU B 1129 24.64 -14.87 -39.49
C LEU B 1129 25.51 -15.92 -40.17
N ALA B 1130 26.71 -16.18 -39.66
CA ALA B 1130 27.54 -17.25 -40.21
C ALA B 1130 26.91 -18.62 -39.97
N GLU B 1131 26.33 -18.81 -38.78
CA GLU B 1131 25.68 -20.09 -38.46
C GLU B 1131 24.36 -20.26 -39.20
N SER B 1132 23.79 -19.18 -39.76
CA SER B 1132 22.52 -19.24 -40.47
C SER B 1132 22.71 -19.15 -41.98
N HIS B 1133 23.92 -19.46 -42.47
CA HIS B 1133 24.24 -19.44 -43.91
C HIS B 1133 23.95 -18.08 -44.55
N PHE B 1134 24.23 -17.02 -43.79
CA PHE B 1134 24.10 -15.64 -44.26
C PHE B 1134 22.67 -15.32 -44.73
N GLN B 1135 21.68 -15.84 -44.01
CA GLN B 1135 20.28 -15.52 -44.28
C GLN B 1135 19.52 -15.46 -42.97
N PHE B 1136 18.44 -14.69 -42.96
CA PHE B 1136 17.67 -14.44 -41.75
C PHE B 1136 16.21 -14.27 -42.10
N ASN B 1137 15.33 -14.85 -41.27
CA ASN B 1137 13.90 -14.69 -41.41
C ASN B 1137 13.39 -13.64 -40.44
N ILE B 1138 12.12 -13.26 -40.61
CA ILE B 1138 11.47 -12.28 -39.75
C ILE B 1138 10.21 -12.91 -39.19
N ASP B 1139 10.13 -13.00 -37.87
CA ASP B 1139 9.00 -13.61 -37.19
C ASP B 1139 8.03 -12.51 -36.74
N ALA B 1140 7.05 -12.89 -35.92
CA ALA B 1140 6.12 -11.94 -35.32
C ALA B 1140 6.33 -11.76 -33.83
N THR B 1141 7.07 -12.65 -33.18
CA THR B 1141 7.33 -12.50 -31.75
C THR B 1141 8.39 -11.44 -31.46
N LEU B 1142 9.39 -11.32 -32.34
CA LEU B 1142 10.44 -10.33 -32.13
C LEU B 1142 9.91 -8.92 -32.38
N GLU B 1143 10.44 -7.96 -31.64
CA GLU B 1143 9.95 -6.59 -31.72
C GLU B 1143 10.76 -5.73 -32.69
N ASP B 1144 12.08 -5.67 -32.52
CA ASP B 1144 12.93 -4.81 -33.32
C ASP B 1144 14.04 -5.61 -33.98
N VAL B 1145 14.38 -5.24 -35.21
CA VAL B 1145 15.55 -5.76 -35.90
C VAL B 1145 16.30 -4.56 -36.48
N ILE B 1146 17.55 -4.39 -36.08
CA ILE B 1146 18.36 -3.25 -36.49
C ILE B 1146 19.58 -3.75 -37.24
N LEU B 1147 19.78 -3.22 -38.44
CA LEU B 1147 20.97 -3.51 -39.22
C LEU B 1147 22.06 -2.52 -38.84
N ILE B 1148 23.19 -3.03 -38.35
CA ILE B 1148 24.24 -2.20 -37.78
C ILE B 1148 25.55 -2.31 -38.55
N ASN B 1149 25.93 -3.52 -38.98
CA ASN B 1149 27.10 -3.65 -39.83
C ASN B 1149 26.74 -4.45 -41.07
N GLY B 1150 27.36 -4.08 -42.19
CA GLY B 1150 27.11 -4.73 -43.45
C GLY B 1150 25.90 -4.17 -44.17
N THR B 1151 25.59 -4.79 -45.30
CA THR B 1151 24.46 -4.39 -46.15
C THR B 1151 23.46 -5.54 -46.22
N ALA B 1152 22.19 -5.23 -45.99
CA ALA B 1152 21.13 -6.22 -45.98
C ALA B 1152 20.44 -6.24 -47.33
N TYR B 1153 20.20 -7.45 -47.86
CA TYR B 1153 19.54 -7.63 -49.14
C TYR B 1153 18.31 -8.51 -48.96
N ASN B 1154 17.44 -8.48 -49.96
CA ASN B 1154 16.23 -9.30 -49.96
C ASN B 1154 15.87 -9.61 -51.40
N ALA B 1155 15.82 -10.90 -51.73
CA ALA B 1155 15.42 -11.32 -53.07
C ALA B 1155 13.96 -10.97 -53.35
N HIS B 1156 13.10 -11.09 -52.34
CA HIS B 1156 11.70 -10.70 -52.48
C HIS B 1156 11.62 -9.19 -52.67
N THR B 1157 11.19 -8.77 -53.86
CA THR B 1157 11.10 -7.38 -54.31
C THR B 1157 12.46 -6.66 -54.31
N ARG B 1158 13.56 -7.40 -54.17
CA ARG B 1158 14.93 -6.90 -54.30
C ARG B 1158 15.19 -5.71 -53.38
N GLU B 1159 14.88 -5.88 -52.10
CA GLU B 1159 15.12 -4.83 -51.13
C GLU B 1159 16.62 -4.72 -50.83
N GLU B 1160 17.08 -3.50 -50.60
CA GLU B 1160 18.47 -3.24 -50.23
C GLU B 1160 18.50 -2.16 -49.16
N ILE B 1161 19.08 -2.48 -48.01
CA ILE B 1161 19.18 -1.55 -46.89
C ILE B 1161 20.64 -1.45 -46.46
N ARG B 1162 21.10 -0.23 -46.23
CA ARG B 1162 22.48 0.02 -45.84
C ARG B 1162 22.53 0.43 -44.37
N SER B 1163 23.54 -0.06 -43.66
CA SER B 1163 23.71 0.26 -42.25
C SER B 1163 24.20 1.70 -42.09
N PRO B 1164 23.83 2.37 -40.99
CA PRO B 1164 22.94 1.91 -39.91
C PRO B 1164 21.49 2.30 -40.16
N CYS B 1165 20.58 1.32 -40.19
CA CYS B 1165 19.18 1.60 -40.45
C CYS B 1165 18.33 0.57 -39.73
N LEU B 1166 17.07 0.91 -39.54
CA LEU B 1166 16.11 0.04 -38.88
C LEU B 1166 15.34 -0.74 -39.93
N ILE B 1167 15.25 -2.06 -39.75
CA ILE B 1167 14.58 -2.90 -40.73
C ILE B 1167 13.09 -2.66 -40.68
N SER B 1168 12.48 -2.44 -41.84
CA SER B 1168 11.05 -2.17 -41.94
C SER B 1168 10.24 -3.37 -41.48
N ARG B 1169 9.02 -3.09 -41.03
CA ARG B 1169 8.16 -4.13 -40.47
C ARG B 1169 7.67 -5.12 -41.53
N THR B 1170 7.72 -4.75 -42.82
CA THR B 1170 7.18 -5.58 -43.88
C THR B 1170 8.19 -6.51 -44.51
N VAL B 1171 9.49 -6.24 -44.39
CA VAL B 1171 10.50 -7.12 -44.96
C VAL B 1171 10.56 -8.40 -44.15
N HIS B 1172 10.52 -9.55 -44.85
CA HIS B 1172 10.45 -10.84 -44.19
C HIS B 1172 11.68 -11.73 -44.43
N LYS B 1173 12.56 -11.36 -45.34
CA LYS B 1173 13.77 -12.13 -45.60
C LYS B 1173 14.95 -11.18 -45.74
N LEU B 1174 16.08 -11.56 -45.14
CA LEU B 1174 17.29 -10.76 -45.20
C LEU B 1174 18.44 -11.67 -45.61
N THR B 1175 18.96 -11.50 -46.82
CA THR B 1175 20.12 -12.25 -47.29
C THR B 1175 21.35 -11.36 -47.28
N PHE B 1176 22.48 -11.94 -46.89
CA PHE B 1176 23.72 -11.20 -46.71
C PHE B 1176 24.84 -11.85 -47.50
N GLN B 1177 25.77 -11.02 -47.95
CA GLN B 1177 26.99 -11.48 -48.61
C GLN B 1177 28.17 -11.39 -47.66
N TYR B 1178 29.16 -12.23 -47.90
CA TYR B 1178 30.36 -12.28 -47.05
C TYR B 1178 31.47 -11.50 -47.73
N THR B 1179 31.81 -10.34 -47.16
CA THR B 1179 32.90 -9.52 -47.65
C THR B 1179 33.73 -9.05 -46.46
N ALA B 1180 35.05 -8.98 -46.65
CA ALA B 1180 35.95 -8.67 -45.55
C ALA B 1180 35.89 -7.20 -45.13
N THR B 1181 35.42 -6.31 -46.00
CA THR B 1181 35.41 -4.90 -45.66
C THR B 1181 34.30 -4.55 -44.68
N GLU B 1182 33.15 -5.23 -44.77
CA GLU B 1182 32.01 -4.93 -43.89
C GLU B 1182 31.30 -6.24 -43.58
N GLU B 1183 31.65 -6.85 -42.45
CA GLU B 1183 30.99 -8.08 -42.03
C GLU B 1183 29.55 -7.78 -41.63
N PRO B 1184 28.60 -8.64 -42.00
CA PRO B 1184 27.19 -8.39 -41.65
C PRO B 1184 26.92 -8.71 -40.18
N ARG B 1185 26.54 -7.68 -39.42
CA ARG B 1185 26.20 -7.84 -38.01
C ARG B 1185 24.83 -7.22 -37.76
N LEU B 1186 23.91 -8.04 -37.27
CA LEU B 1186 22.54 -7.66 -36.97
C LEU B 1186 22.29 -7.70 -35.47
N PHE B 1187 21.46 -6.79 -34.99
CA PHE B 1187 21.06 -6.73 -33.58
C PHE B 1187 19.54 -6.86 -33.53
N VAL B 1188 19.05 -7.90 -32.88
CA VAL B 1188 17.62 -8.16 -32.81
C VAL B 1188 17.18 -8.10 -31.35
N VAL B 1189 15.87 -7.93 -31.17
CA VAL B 1189 15.26 -7.92 -29.85
C VAL B 1189 14.08 -8.87 -29.87
N ARG B 1190 14.02 -9.77 -28.89
CA ARG B 1190 12.88 -10.65 -28.69
C ARG B 1190 12.02 -10.12 -27.55
N ASN B 1191 10.81 -10.65 -27.47
CA ASN B 1191 9.87 -10.25 -26.42
C ASN B 1191 9.86 -11.31 -25.32
N ALA B 1192 8.97 -11.14 -24.35
CA ALA B 1192 8.88 -12.05 -23.20
C ALA B 1192 8.39 -13.42 -23.63
P POV C . -6.36 3.75 45.93
C1 POV C . -6.07 4.11 43.34
C2 POV C . -6.85 4.59 42.10
C3 POV C . -7.14 6.07 42.10
C210 POV C . -9.53 2.57 31.31
C310 POV C . -6.58 4.18 28.99
O11 POV C . -6.95 3.99 44.44
C211 POV C . -10.29 1.77 30.31
C311 POV C . -6.39 4.70 27.57
O12 POV C . -6.80 5.19 46.60
C212 POV C . -9.67 0.39 30.12
C312 POV C . -7.02 3.81 26.51
O13 POV C . -7.19 2.67 46.56
C213 POV C . -9.83 -0.16 28.70
C313 POV C . -8.46 4.17 26.16
O14 POV C . -4.86 3.65 45.91
C214 POV C . -11.18 0.14 28.09
C314 POV C . -8.75 4.05 24.67
C215 POV C . -11.45 -0.64 26.82
C315 POV C . -10.22 3.90 24.34
C216 POV C . -11.32 -2.15 27.01
C316 POV C . -10.79 2.56 24.79
C217 POV C . -11.55 -2.93 25.73
C21 POV C . -8.19 2.71 41.43
O21 POV C . -8.11 3.92 42.00
C22 POV C . -7.92 2.77 39.96
O22 POV C . -8.44 1.71 42.05
C23 POV C . -9.07 2.25 39.12
C24 POV C . -8.84 2.45 37.64
C25 POV C . -10.11 2.77 36.89
C26 POV C . -9.94 2.79 35.38
C27 POV C . -11.24 3.08 34.65
C28 POV C . -11.22 2.65 33.18
C29 POV C . -9.92 2.96 32.52
C31 POV C . -7.10 7.01 39.93
O31 POV C . -7.78 6.38 40.87
C32 POV C . -7.71 6.76 38.58
O32 POV C . -6.13 7.68 40.15
C33 POV C . -6.78 6.99 37.40
C34 POV C . -7.07 6.01 36.29
C35 POV C . -6.38 6.35 34.98
C36 POV C . -6.58 5.27 33.92
C37 POV C . -6.13 5.72 32.54
C38 POV C . -6.33 4.66 31.47
C39 POV C . -6.31 5.23 30.06
P POV D . -7.10 12.77 44.60
C1 POV D . -7.32 11.20 42.52
C2 POV D . -6.78 11.10 41.09
C3 POV D . -5.27 11.24 41.00
C210 POV D . -7.10 9.04 28.63
C310 POV D . -1.67 6.37 29.21
O11 POV D . -7.11 12.50 43.01
C211 POV D . -6.76 10.16 27.71
C311 POV D . -2.20 6.02 27.83
O12 POV D . -5.63 13.53 44.70
C212 POV D . -6.41 9.62 26.32
C312 POV D . -1.11 5.61 26.85
O13 POV D . -6.98 11.44 45.27
C213 POV D . -7.63 9.14 25.57
C313 POV D . -1.48 5.90 25.40
O14 POV D . -8.18 13.73 45.00
C214 POV D . -7.36 8.88 24.09
C314 POV D . -2.93 5.57 25.08
C215 POV D . -7.02 7.43 23.79
C315 POV D . -3.49 6.34 23.90
C216 POV D . -6.80 7.18 22.31
C316 POV D . -3.39 7.85 24.07
C21 POV D . -8.29 11.73 39.37
O21 POV D . -7.34 12.08 40.22
C22 POV D . -7.88 11.98 37.94
O22 POV D . -9.35 11.27 39.72
C23 POV D . -8.63 11.13 36.94
C24 POV D . -8.32 11.59 35.53
C25 POV D . -7.71 10.49 34.67
C26 POV D . -7.35 10.97 33.28
C27 POV D . -7.68 9.96 32.21
C28 POV D . -6.96 10.21 30.89
C29 POV D . -7.17 9.07 29.95
C31 POV D . -3.58 10.46 39.56
O31 POV D . -4.80 10.29 40.05
C32 POV D . -3.27 9.40 38.55
O32 POV D . -2.84 11.33 39.91
C33 POV D . -3.79 9.66 37.15
C34 POV D . -2.98 8.87 36.15
C35 POV D . -3.57 8.83 34.76
C36 POV D . -2.60 8.19 33.78
C37 POV D . -3.13 8.10 32.36
C38 POV D . -2.11 7.43 31.45
C39 POV D . -2.61 7.23 30.03
C01 AJP E . -3.97 0.69 29.24
C02 AJP E . -2.46 0.62 29.03
C03 AJP E . -1.77 -0.18 30.12
C04 AJP E . -0.72 0.64 30.87
C05 AJP E . -1.29 1.97 31.33
C06 AJP E . -0.29 2.92 31.99
C07 AJP E . -1.15 3.69 33.00
C08 AJP E . -2.51 2.99 32.93
O09 AJP E . -2.24 1.71 32.36
C10 AJP E . -3.03 2.82 34.36
C11 AJP E . -2.18 3.82 35.14
C12 AJP E . -0.76 3.70 34.51
C13 AJP E . 0.04 4.93 34.98
C14 AJP E . 0.08 5.03 36.50
C15 AJP E . -1.30 4.99 37.17
C16 AJP E . -2.13 3.80 36.68
C17 AJP E . -3.55 3.84 37.29
C18 AJP E . -3.51 3.93 38.81
C19 AJP E . -2.69 5.13 39.25
C20 AJP E . -1.25 5.08 38.72
C21 AJP E . -0.56 6.38 39.15
C22 AJP E . -0.60 6.61 40.67
C23 AJP E . -2.02 6.60 41.20
C24 AJP E . -2.75 5.35 40.77
O25 AJP E . -1.95 6.65 42.64
C26 AJP E . -2.79 7.57 43.28
C27 AJP E . -2.93 7.14 44.74
C28 AJP E . -3.73 8.17 45.52
C29 AJP E . -3.11 9.55 45.34
C30 AJP E . -3.00 9.88 43.87
O31 AJP E . -2.22 8.87 43.21
C32 AJP E . -2.33 11.21 43.58
O33 AJP E . -0.97 11.19 43.95
O34 AJP E . -1.80 9.48 45.92
C35 AJP E . -1.55 10.25 47.08
C36 AJP E . -0.84 9.38 48.10
C37 AJP E . -0.44 10.20 49.31
C38 AJP E . 0.31 11.47 48.92
C39 AJP E . -0.49 12.23 47.87
O40 AJP E . -0.76 11.37 46.74
C41 AJP E . 0.24 13.44 47.33
O42 AJP E . -0.48 14.07 46.29
O43 AJP E . 0.48 12.30 50.06
O44 AJP E . 0.47 9.44 50.12
O54 AJP E . -1.77 8.37 48.52
C55 AJP E . -1.27 7.11 48.87
C56 AJP E . -1.91 6.70 50.19
C57 AJP E . -1.53 5.26 50.55
C58 AJP E . -0.55 4.66 49.54
C59 AJP E . -1.02 4.85 48.10
O60 AJP E . -1.57 6.16 47.87
C61 AJP E . -2.07 3.85 47.66
O62 AJP E . -1.73 2.53 48.04
O63 AJP E . -0.38 3.27 49.80
O64 AJP E . -2.73 4.47 50.63
O76 AJP E . -1.53 7.59 51.22
O77 AJP E . -3.78 7.81 46.89
O78 AJP E . -3.58 5.86 44.79
O79 AJP E . 0.02 7.87 40.98
C80 AJP E . -0.49 3.88 39.31
C81 AJP E . -0.04 2.41 34.92
O82 AJP E . -2.99 1.46 34.78
C83 AJP E . 0.50 3.80 31.01
O84 AJP E . -1.91 2.67 30.26
C85 AJP E . -1.86 2.01 28.99
P POV F . -7.19 20.87 41.54
C1 POV F . -5.50 19.50 40.06
C2 POV F . -5.48 18.55 38.86
C3 POV F . -5.79 17.11 39.21
C210 POV F . 0.49 14.23 29.74
C310 POV F . -2.42 11.19 27.99
O11 POV F . -6.81 19.65 40.53
C211 POV F . -0.18 14.94 28.61
C311 POV F . -2.23 11.56 26.52
O12 POV F . -8.48 21.47 40.69
C212 POV F . 0.80 15.81 27.82
C312 POV F . -1.41 10.53 25.76
O13 POV F . -7.70 20.24 42.81
C213 POV F . 1.60 15.02 26.80
C313 POV F . 0.09 10.80 25.77
O14 POV F . -6.12 21.91 41.57
C214 POV F . 1.67 15.73 25.47
C314 POV F . 0.90 9.62 25.25
C215 POV F . 3.01 15.58 24.76
C315 POV F . 1.89 9.98 24.15
C216 POV F . 3.26 16.73 23.80
C316 POV F . 2.97 10.94 24.60
C217 POV F . 4.18 16.36 22.65
C21 POV F . -3.75 19.60 37.56
O21 POV F . -4.20 18.53 38.23
C22 POV F . -4.23 19.57 36.15
O22 POV F . -3.05 20.45 38.05
C23 POV F . -3.80 18.33 35.39
C24 POV F . -2.36 18.40 34.92
C25 POV F . -1.92 17.11 34.26
C26 POV F . -0.53 17.17 33.66
C27 POV F . -0.10 15.85 33.05
C28 POV F . 0.22 15.97 31.56
C29 POV F . 0.66 14.67 30.98
C31 POV F . -5.35 14.96 38.33
O31 POV F . -5.27 16.27 38.19
C32 POV F . -4.49 14.25 37.34
O32 POV F . -6.03 14.45 39.18
C33 POV F . -4.92 14.41 35.90
C34 POV F . -4.07 13.56 34.96
C35 POV F . -4.49 13.68 33.50
C36 POV F . -3.65 12.80 32.59
C37 POV F . -3.97 12.95 31.12
C38 POV F . -3.20 11.94 30.28
C39 POV F . -3.24 12.21 28.78
C01 AJP G . -10.49 7.14 22.59
C02 AJP G . -11.40 8.35 22.45
C03 AJP G . -10.92 9.51 23.30
C04 AJP G . -11.99 9.95 24.31
C05 AJP G . -12.53 8.78 25.09
C06 AJP G . -13.70 9.10 26.03
C07 AJP G . -13.41 8.25 27.28
C08 AJP G . -12.16 7.45 26.90
O09 AJP G . -11.50 8.30 25.95
C10 AJP G . -11.31 7.31 28.16
C11 AJP G . -12.23 7.79 29.28
C12 AJP G . -13.06 8.92 28.64
C13 AJP G . -14.26 9.20 29.56
C14 AJP G . -13.84 9.49 30.99
C15 AJP G . -12.93 8.41 31.59
C16 AJP G . -11.71 8.13 30.69
C17 AJP G . -10.86 7.00 31.27
C18 AJP G . -10.48 7.23 32.73
C19 AJP G . -11.72 7.45 33.57
C20 AJP G . -12.55 8.66 33.07
C21 AJP G . -13.81 8.74 33.94
C22 AJP G . -13.55 8.77 35.45
C23 AJP G . -12.69 7.59 35.88
C24 AJP G . -11.41 7.52 35.07
O25 AJP G . -12.37 7.76 37.28
C26 AJP G . -12.15 6.58 38.01
C27 AJP G . -12.02 6.94 39.48
C28 AJP G . -11.81 5.67 40.30
C29 AJP G . -12.90 4.65 40.01
C30 AJP G . -13.04 4.43 38.50
O31 AJP G . -13.23 5.69 37.83
C32 AJP G . -14.21 3.55 38.12
O33 AJP G . -14.33 3.44 36.72
O34 AJP G . -14.12 5.13 40.57
C35 AJP G . -14.71 4.39 41.60
C36 AJP G . -15.48 5.31 42.52
C37 AJP G . -16.33 4.54 43.52
C38 AJP G . -17.07 3.35 42.92
C39 AJP G . -16.13 2.54 42.06
O40 AJP G . -15.55 3.39 41.06
C41 AJP G . -16.81 1.41 41.32
O42 AJP G . -15.90 0.67 40.53
O43 AJP G . -17.60 2.53 43.95
O44 AJP G . -17.41 5.38 43.99
O54 AJP G . -14.46 6.06 43.20
C55 AJP G . -14.79 6.93 44.27
C56 AJP G . -13.57 7.11 45.16
C57 AJP G . -13.15 8.57 45.19
C58 AJP G . -13.09 9.13 43.79
C59 AJP G . -14.47 9.10 43.16
O60 AJP G . -15.35 8.18 43.85
C61 AJP G . -14.48 8.76 41.69
O62 AJP G . -15.24 9.69 40.94
O63 AJP G . -12.18 8.38 42.99
O64 AJP G . -11.82 8.63 45.75
O76 AJP G . -13.86 6.64 46.47
O77 AJP G . -11.80 5.99 41.68
O78 AJP G . -10.93 7.84 39.67
O79 AJP G . -14.78 8.75 36.16
C80 AJP G . -11.75 9.96 33.23
C81 AJP G . -12.23 10.20 28.45
O82 AJP G . -10.05 7.95 28.03
C83 AJP G . -15.09 8.88 25.43
O84 AJP G . -12.96 7.74 24.23
C85 AJP G . -12.82 8.02 22.82
C01 AJP H . -4.62 14.66 25.20
C02 AJP H . -5.99 14.49 24.55
C03 AJP H . -6.90 15.68 24.82
C04 AJP H . -8.18 15.27 25.55
C05 AJP H . -7.87 14.41 26.76
C06 AJP H . -9.09 13.84 27.49
C07 AJP H . -8.63 13.77 28.96
C08 AJP H . -7.24 14.44 28.92
O09 AJP H . -7.24 15.23 27.73
C10 AJP H . -7.15 15.36 30.15
C11 AJP H . -8.25 14.84 31.05
C12 AJP H . -9.42 14.49 30.08
C13 AJP H . -10.41 13.62 30.85
C14 AJP H . -10.90 14.31 32.14
C15 AJP H . -9.76 14.80 33.05
C16 AJP H . -8.73 15.64 32.28
C17 AJP H . -7.56 16.04 33.18
C18 AJP H . -8.03 16.73 34.46
C19 AJP H . -9.04 15.88 35.20
C20 AJP H . -10.26 15.51 34.33
C21 AJP H . -11.14 14.57 35.15
C22 AJP H . -11.57 15.15 36.51
C23 AJP H . -10.36 15.56 37.34
C24 AJP H . -9.43 16.47 36.56
O25 AJP H . -10.87 16.28 38.49
C26 AJP H . -10.28 15.97 39.73
C27 AJP H . -10.51 17.15 40.65
C28 AJP H . -10.07 16.83 42.07
C29 AJP H . -10.72 15.54 42.54
C30 AJP H . -10.41 14.43 41.54
O31 AJP H . -10.90 14.80 40.25
C32 AJP H . -11.05 13.10 41.89
O33 AJP H . -12.46 13.14 41.72
O34 AJP H . -12.14 15.79 42.55
C35 AJP H . -12.81 15.73 43.78
C36 AJP H . -13.97 16.71 43.75
C37 AJP H . -14.75 16.61 45.06
C38 AJP H . -15.18 15.18 45.33
C39 AJP H . -13.97 14.25 45.26
O40 AJP H . -13.30 14.42 44.00
C41 AJP H . -14.34 12.78 45.35
O42 AJP H . -15.21 12.55 46.45
O43 AJP H . -15.75 15.09 46.63
O44 AJP H . -15.96 17.37 44.93
O54 AJP H . -13.47 18.04 43.61
C55 AJP H . -14.14 18.90 42.71
C56 AJP H . -14.76 20.04 43.51
C57 AJP H . -13.72 20.98 44.09
C58 AJP H . -12.51 21.14 43.17
C59 AJP H . -12.88 20.75 41.75
O60 AJP H . -13.25 19.36 41.69
C61 AJP H . -11.73 20.94 40.78
O62 AJP H . -11.39 22.31 40.63
O63 AJP H . -11.42 20.34 43.63
O64 AJP H . -13.25 20.40 45.32
O76 AJP H . -15.77 20.72 42.76
O77 AJP H . -10.43 17.89 42.95
O78 AJP H . -9.81 18.29 40.17
O79 AJP H . -12.35 14.20 37.22
C80 AJP H . -11.07 16.78 33.98
C81 AJP H . -10.13 15.75 29.54
O82 AJP H . -7.18 16.74 29.79
C83 AJP H . -9.64 12.54 26.93
O84 AJP H . -7.03 13.31 26.43
C85 AJP H . -6.66 13.24 25.04
C01 AJP I . 2.85 6.43 24.96
C02 AJP I . 3.67 5.35 25.64
C03 AJP I . 2.90 4.71 26.79
C04 AJP I . 3.62 4.89 28.13
C05 AJP I . 4.03 6.33 28.35
C06 AJP I . 4.85 6.60 29.62
C07 AJP I . 4.32 7.95 30.13
C08 AJP I . 3.29 8.35 29.06
O09 AJP I . 2.85 7.11 28.53
C10 AJP I . 2.13 9.06 29.77
C11 AJP I . 2.67 9.28 31.20
C12 AJP I . 3.54 8.04 31.47
C13 AJP I . 4.41 8.35 32.70
C14 AJP I . 3.58 8.79 33.90
C15 AJP I . 2.64 9.96 33.58
C16 AJP I . 1.75 9.66 32.37
C17 AJP I . 0.87 10.86 32.03
C18 AJP I . 0.07 11.37 33.22
C19 AJP I . 1.00 11.70 34.38
C20 AJP I . 1.83 10.47 34.82
C21 AJP I . 2.80 10.95 35.92
C22 AJP I . 2.12 11.67 37.09
C23 AJP I . 1.28 12.84 36.60
C24 AJP I . 0.28 12.39 35.54
O25 AJP I . 0.58 13.41 37.72
C26 AJP I . 0.30 14.79 37.62
C27 AJP I . -0.33 15.25 38.93
C28 AJP I . -0.63 16.73 38.85
C29 AJP I . 0.63 17.51 38.47
C30 AJP I . 1.24 16.93 37.20
O31 AJP I . 1.48 15.52 37.37
C32 AJP I . 2.58 17.54 36.82
O33 AJP I . 3.10 16.93 35.66
O34 AJP I . 1.56 17.44 39.57
C35 AJP I . 1.88 18.65 40.23
C36 AJP I . 2.81 18.34 41.41
C37 AJP I . 3.38 19.61 42.00
C38 AJP I . 3.99 20.50 40.94
C39 AJP I . 2.96 20.76 39.86
O40 AJP I . 2.53 19.51 39.30
C41 AJP I . 3.50 21.57 38.71
O42 AJP I . 2.48 21.91 37.78
O43 AJP I . 4.39 21.75 41.51
O44 AJP I . 4.41 19.25 42.92
O54 AJP I . 2.15 17.66 42.50
C55 AJP I . 0.75 17.70 42.63
C56 AJP I . 0.30 16.55 43.52
C57 AJP I . -0.97 16.94 44.25
C58 AJP I . -0.70 18.10 45.19
C59 AJP I . 0.12 19.19 44.49
O60 AJP I . 0.24 18.96 43.07
C61 AJP I . 1.50 19.42 45.06
O62 AJP I . 1.67 20.76 45.50
O63 AJP I . 0.02 17.65 46.34
O64 AJP I . -1.37 15.82 45.05
O76 AJP I . 0.08 15.38 42.73
O77 AJP I . -1.15 17.20 40.09
O78 AJP I . -1.52 14.52 39.19
O79 AJP I . 3.11 12.14 38.00
C80 AJP I . 0.92 9.37 35.38
C81 AJP I . 2.69 6.78 31.74
O82 AJP I . 0.91 8.35 29.65
C83 AJP I . 6.37 6.56 29.42
O84 AJP I . 4.77 6.83 27.25
C85 AJP I . 4.97 5.90 26.17
#